data_8CI0
#
_entry.id   8CI0
#
_cell.length_a   135.309
_cell.length_b   135.309
_cell.length_c   201.439
_cell.angle_alpha   90.000
_cell.angle_beta   90.000
_cell.angle_gamma   120.000
#
_symmetry.space_group_name_H-M   'P 31 2 1'
#
loop_
_entity.id
_entity.type
_entity.pdbx_description
1 polymer 'Transketolase, chloroplastic'
2 non-polymer 'MAGNESIUM ION'
3 non-polymer 'THIAMINE DIPHOSPHATE'
4 non-polymer '(1~{Z},3~{R},4~{S},7~{S},8~{Z})-8-ethylidene-4,7-bis(oxidanyl)-5-oxidanylidene-3-propyl-cyclononene-1,2-dicarboxylic acid'
5 non-polymer '2-[3-[(4-azanyl-2-methyl-pyrimidin-5-yl)methyl]-4-methyl-2H-1,3-thiazol-5-yl]ethyl phosphono hydrogen phosphate'
6 water water
#
_entity_poly.entity_id   1
_entity_poly.type   'polypeptide(L)'
_entity_poly.pdbx_seq_one_letter_code
;MHHHHHHENLYFQGAVETLQGKAATGELLEKSVNTIRFLAIDAVEKANSGHPGLPMGCAPMGHVLYDEVMRYNPKNPYWF
NRDRFVLSAGHGCMLQYALLHLAGYDSVKEEDLKQFRQWGSRTPGHPENFETPGVEVTTGPLGQGIANAVGLALAEKHLA
ARFNKPDSEIVDHYTYVILGDGCQMEGIANEACSLAGHWGLGKLIAFYDDNHISIDGDTEIAFTEDVSTRFEALGWHTIW
VKNGNTGYDDIRAAIKEAKAVTDKPTLIKVTTTIGFGSPNKANSYSVHGSALGAKEVEATRQNLGWPYDTFFVPEDVKSH
WSRHTPEGAALEADWNAKFAEYEKKYADDAATLKSIITGELPTGWVDALPKYTPESPGDATRNLSQQCLNALANVVPGLI
GGSADLASSNMTLLKMFGDFQKDTAEERNVRFGVREHGMGAICNGIALHSPGFVPYCATFFVFTDYMRGAMRISALSEAG
VIYVMTHDSIGLGEDGPTHQPIEHLVSFRAMPNILMLRPADGNETAGAYKVAVLNRKRPSILALSRQKLPHLPGTSIEGV
EKGGYTISDNSTGNKPDLIVMGTGSELEIAAKAADELRKEGKTVRVVSFVSWELFDEQSDEYKESVLPAAVTARISIEAG
STLGWQKYVGAQGKAIGIDKFGASAPAGTIYKEYGITVESIIAAAKSF
;
_entity_poly.pdbx_strand_id   AAA,BBB,CCC
#
loop_
_chem_comp.id
_chem_comp.type
_chem_comp.name
_chem_comp.formula
8EL non-polymer '2-[3-[(4-azanyl-2-methyl-pyrimidin-5-yl)methyl]-4-methyl-2H-1,3-thiazol-5-yl]ethyl phosphono hydrogen phosphate' 'C12 H20 N4 O7 P2 S'
MG non-polymer 'MAGNESIUM ION' 'Mg 2'
TPP non-polymer 'THIAMINE DIPHOSPHATE' 'C12 H19 N4 O7 P2 S 1'
UP0 non-polymer '(1~{Z},3~{R},4~{S},7~{S},8~{Z})-8-ethylidene-4,7-bis(oxidanyl)-5-oxidanylidene-3-propyl-cyclononene-1,2-dicarboxylic acid' 'C16 H22 O7'
#
# COMPACT_ATOMS: atom_id res chain seq x y z
N ALA A 23 28.81 21.16 39.56
CA ALA A 23 28.08 19.96 40.03
C ALA A 23 27.20 20.33 41.23
N ALA A 24 26.06 19.67 41.37
CA ALA A 24 25.16 19.83 42.53
C ALA A 24 25.84 19.24 43.77
N THR A 25 25.60 19.88 44.92
CA THR A 25 26.12 19.49 46.25
C THR A 25 24.96 19.46 47.24
N GLY A 26 25.12 18.81 48.39
CA GLY A 26 24.19 18.91 49.54
C GLY A 26 22.74 18.70 49.14
N GLU A 27 21.86 19.62 49.57
CA GLU A 27 20.40 19.48 49.42
C GLU A 27 20.03 19.54 47.92
N LEU A 28 20.68 20.40 47.13
CA LEU A 28 20.39 20.51 45.67
C LEU A 28 20.63 19.16 44.99
N LEU A 29 21.74 18.48 45.32
CA LEU A 29 22.06 17.14 44.77
C LEU A 29 20.95 16.17 45.19
N GLU A 30 20.57 16.14 46.48
CA GLU A 30 19.49 15.26 46.99
C GLU A 30 18.19 15.50 46.19
N LYS A 31 17.83 16.77 46.00
CA LYS A 31 16.58 17.17 45.32
C LYS A 31 16.66 16.76 43.83
N SER A 32 17.82 16.89 43.20
CA SER A 32 17.98 16.51 41.78
C SER A 32 17.80 14.99 41.61
N VAL A 33 18.46 14.22 42.48
CA VAL A 33 18.38 12.73 42.44
C VAL A 33 16.93 12.31 42.73
N ASN A 34 16.28 12.94 43.71
CA ASN A 34 14.87 12.59 44.00
C ASN A 34 13.97 13.06 42.86
N THR A 35 14.30 14.15 42.16
CA THR A 35 13.45 14.58 41.02
C THR A 35 13.38 13.39 40.03
N ILE A 36 14.53 12.78 39.75
CA ILE A 36 14.58 11.59 38.84
C ILE A 36 13.70 10.47 39.42
N ARG A 37 13.83 10.16 40.70
CA ARG A 37 13.05 9.06 41.33
C ARG A 37 11.55 9.32 41.18
N PHE A 38 11.10 10.54 41.48
CA PHE A 38 9.64 10.84 41.53
C PHE A 38 9.07 11.03 40.12
N LEU A 39 9.85 11.51 39.16
CA LEU A 39 9.33 11.54 37.75
C LEU A 39 9.01 10.12 37.34
N ALA A 40 9.89 9.17 37.68
CA ALA A 40 9.71 7.74 37.35
C ALA A 40 8.49 7.22 38.10
N ILE A 41 8.44 7.41 39.41
CA ILE A 41 7.32 6.93 40.26
C ILE A 41 6.00 7.47 39.71
N ASP A 42 5.93 8.76 39.46
CA ASP A 42 4.65 9.44 39.13
C ASP A 42 4.26 9.08 37.68
N ALA A 43 5.20 8.90 36.75
CA ALA A 43 4.88 8.50 35.35
C ALA A 43 4.29 7.10 35.37
N VAL A 44 4.94 6.18 36.12
CA VAL A 44 4.49 4.79 36.25
C VAL A 44 3.11 4.79 36.94
N GLU A 45 2.93 5.59 37.98
CA GLU A 45 1.66 5.59 38.73
C GLU A 45 0.52 6.03 37.79
N LYS A 46 0.75 7.06 36.98
CA LYS A 46 -0.31 7.63 36.09
C LYS A 46 -0.68 6.56 35.03
N ALA A 47 0.32 5.86 34.48
CA ALA A 47 0.11 4.77 33.49
C ALA A 47 -0.50 3.53 34.14
N ASN A 48 -0.41 3.42 35.47
CA ASN A 48 -0.67 2.16 36.23
C ASN A 48 0.06 0.99 35.54
N SER A 49 1.28 1.25 35.08
CA SER A 49 2.04 0.27 34.26
C SER A 49 3.48 0.75 34.22
N GLY A 50 4.41 -0.19 34.37
CA GLY A 50 5.84 0.09 34.22
C GLY A 50 6.64 -0.24 35.45
N HIS A 51 7.88 0.25 35.45
CA HIS A 51 9.01 -0.28 36.26
C HIS A 51 9.62 0.87 37.05
N PRO A 52 9.20 1.08 38.30
CA PRO A 52 9.80 2.13 39.13
C PRO A 52 11.09 1.72 39.85
N GLY A 53 11.33 0.41 39.98
CA GLY A 53 12.41 -0.10 40.84
C GLY A 53 13.77 0.38 40.37
N LEU A 54 14.11 0.08 39.12
CA LEU A 54 15.44 0.39 38.58
C LEU A 54 15.66 1.90 38.62
N PRO A 55 14.72 2.75 38.14
CA PRO A 55 14.93 4.20 38.21
C PRO A 55 15.20 4.70 39.64
N MET A 56 14.47 4.17 40.62
CA MET A 56 14.66 4.58 42.04
C MET A 56 16.09 4.22 42.50
N GLY A 57 16.56 3.03 42.19
CA GLY A 57 17.92 2.56 42.54
C GLY A 57 19.02 3.25 41.77
N CYS A 58 18.80 3.55 40.49
CA CYS A 58 19.81 4.04 39.55
C CYS A 58 19.85 5.57 39.45
N ALA A 59 18.95 6.28 40.11
CA ALA A 59 18.89 7.76 40.01
C ALA A 59 20.25 8.38 40.32
N PRO A 60 21.02 7.93 41.36
CA PRO A 60 22.33 8.52 41.63
C PRO A 60 23.28 8.41 40.43
N MET A 61 23.44 7.21 39.86
CA MET A 61 24.41 7.05 38.77
C MET A 61 23.88 7.72 37.50
N GLY A 62 22.55 7.74 37.29
CA GLY A 62 21.95 8.48 36.16
C GLY A 62 22.20 9.96 36.26
N HIS A 63 21.98 10.54 37.44
CA HIS A 63 22.25 11.98 37.71
C HIS A 63 23.71 12.27 37.37
N VAL A 64 24.65 11.49 37.90
CA VAL A 64 26.10 11.79 37.69
C VAL A 64 26.45 11.71 36.20
N LEU A 65 25.92 10.70 35.51
CA LEU A 65 26.18 10.47 34.08
C LEU A 65 25.66 11.66 33.26
N TYR A 66 24.37 11.99 33.35
CA TYR A 66 23.79 13.05 32.48
C TYR A 66 24.17 14.46 32.95
N ASP A 67 24.26 14.69 34.26
CA ASP A 67 24.50 16.05 34.81
C ASP A 67 25.99 16.41 34.82
N GLU A 68 26.90 15.44 35.00
CA GLU A 68 28.35 15.76 35.24
C GLU A 68 29.28 15.21 34.16
N VAL A 69 29.01 14.02 33.64
CA VAL A 69 30.04 13.25 32.89
C VAL A 69 29.82 13.33 31.39
N MET A 70 28.61 13.07 30.90
CA MET A 70 28.39 12.92 29.46
C MET A 70 28.50 14.29 28.76
N ARG A 71 29.15 14.29 27.60
CA ARG A 71 29.17 15.42 26.63
C ARG A 71 28.07 15.18 25.59
N TYR A 72 27.16 16.14 25.48
CA TYR A 72 26.02 16.06 24.53
C TYR A 72 25.48 17.46 24.34
N ASN A 73 24.72 17.61 23.28
CA ASN A 73 23.93 18.83 23.06
C ASN A 73 22.46 18.45 23.13
N PRO A 74 21.71 18.82 24.19
CA PRO A 74 20.33 18.39 24.31
C PRO A 74 19.44 18.92 23.18
N LYS A 75 19.86 19.98 22.47
CA LYS A 75 19.10 20.53 21.30
C LYS A 75 19.68 19.98 19.99
N ASN A 76 20.62 19.04 20.05
CA ASN A 76 21.09 18.31 18.83
C ASN A 76 21.46 16.89 19.22
N PRO A 77 20.46 15.99 19.30
CA PRO A 77 20.71 14.59 19.62
C PRO A 77 21.58 13.87 18.58
N TYR A 78 21.83 14.49 17.43
CA TYR A 78 22.54 13.86 16.28
C TYR A 78 24.02 14.26 16.26
N TRP A 79 24.48 15.13 17.17
CA TRP A 79 25.87 15.65 17.15
C TRP A 79 26.84 14.46 17.12
N PHE A 80 27.66 14.38 16.09
CA PHE A 80 28.53 13.19 15.83
C PHE A 80 29.33 12.80 17.06
N ASN A 81 29.94 13.77 17.75
CA ASN A 81 30.98 13.44 18.75
C ASN A 81 30.38 13.40 20.17
N ARG A 82 29.06 13.37 20.31
CA ARG A 82 28.42 13.15 21.60
C ARG A 82 28.93 11.84 22.21
N ASP A 83 29.00 11.81 23.52
CA ASP A 83 29.09 10.53 24.26
C ASP A 83 27.76 9.81 23.99
N ARG A 84 27.76 8.48 23.96
CA ARG A 84 26.52 7.69 23.81
C ARG A 84 26.15 7.04 25.14
N PHE A 85 24.87 7.10 25.49
CA PHE A 85 24.31 6.34 26.63
C PHE A 85 23.33 5.29 26.13
N VAL A 86 23.41 4.09 26.69
CA VAL A 86 22.47 2.98 26.40
C VAL A 86 21.92 2.44 27.71
N LEU A 87 20.61 2.32 27.83
CA LEU A 87 19.98 1.56 28.94
C LEU A 87 19.68 0.15 28.46
N SER A 88 20.56 -0.79 28.77
CA SER A 88 20.39 -2.22 28.36
C SER A 88 19.22 -2.81 29.14
N ALA A 89 19.02 -2.41 30.40
CA ALA A 89 17.87 -2.84 31.22
C ALA A 89 16.67 -1.95 30.87
N GLY A 90 16.14 -2.08 29.66
CA GLY A 90 15.23 -1.09 29.06
C GLY A 90 13.93 -0.93 29.85
N HIS A 91 13.49 -1.94 30.57
CA HIS A 91 12.30 -1.82 31.43
C HIS A 91 12.41 -0.58 32.33
N GLY A 92 13.62 -0.23 32.75
CA GLY A 92 13.89 0.96 33.58
C GLY A 92 13.86 2.29 32.82
N CYS A 93 13.23 2.33 31.65
CA CYS A 93 13.25 3.49 30.71
C CYS A 93 12.85 4.81 31.37
N MET A 94 12.02 4.86 32.43
CA MET A 94 11.67 6.16 33.05
C MET A 94 12.94 6.81 33.64
N LEU A 95 13.99 6.04 33.96
CA LEU A 95 15.30 6.66 34.31
C LEU A 95 15.76 7.56 33.15
N GLN A 96 15.81 7.03 31.94
CA GLN A 96 16.32 7.76 30.77
C GLN A 96 15.34 8.87 30.41
N TYR A 97 14.03 8.63 30.44
CA TYR A 97 13.05 9.68 30.08
C TYR A 97 13.16 10.85 31.06
N ALA A 98 13.32 10.56 32.35
CA ALA A 98 13.50 11.62 33.37
C ALA A 98 14.73 12.44 33.03
N LEU A 99 15.84 11.77 32.65
CA LEU A 99 17.13 12.45 32.41
C LEU A 99 17.05 13.26 31.10
N LEU A 100 16.49 12.69 30.04
CA LEU A 100 16.29 13.45 28.77
C LEU A 100 15.42 14.69 29.03
N HIS A 101 14.38 14.54 29.85
CA HIS A 101 13.50 15.68 30.21
C HIS A 101 14.31 16.78 30.91
N LEU A 102 15.00 16.42 31.98
CA LEU A 102 15.76 17.39 32.81
C LEU A 102 16.88 18.01 31.94
N ALA A 103 17.49 17.25 31.05
CA ALA A 103 18.64 17.72 30.22
C ALA A 103 18.17 18.71 29.14
N GLY A 104 16.88 18.79 28.84
CA GLY A 104 16.29 19.78 27.91
C GLY A 104 16.10 19.25 26.49
N TYR A 105 16.00 17.93 26.33
CA TYR A 105 15.69 17.32 25.00
C TYR A 105 14.25 17.67 24.61
N ASP A 106 14.08 18.05 23.35
CA ASP A 106 12.77 18.49 22.81
C ASP A 106 11.80 17.29 22.71
N SER A 107 12.33 16.06 22.68
CA SER A 107 11.55 14.80 22.54
C SER A 107 10.85 14.39 23.85
N VAL A 108 11.22 14.95 25.01
CA VAL A 108 10.61 14.51 26.30
C VAL A 108 10.23 15.73 27.14
N LYS A 109 9.09 16.33 26.79
CA LYS A 109 8.48 17.43 27.59
C LYS A 109 7.63 16.83 28.70
N GLU A 110 7.18 17.67 29.63
CA GLU A 110 6.28 17.27 30.73
C GLU A 110 5.11 16.46 30.14
N GLU A 111 4.47 16.92 29.07
CA GLU A 111 3.29 16.21 28.52
C GLU A 111 3.70 14.80 28.05
N ASP A 112 4.92 14.63 27.52
CA ASP A 112 5.38 13.29 27.07
C ASP A 112 5.47 12.34 28.27
N LEU A 113 5.98 12.83 29.41
CA LEU A 113 6.05 12.03 30.65
C LEU A 113 4.65 11.61 31.08
N LYS A 114 3.65 12.47 30.89
CA LYS A 114 2.24 12.17 31.26
C LYS A 114 1.61 11.18 30.28
N GLN A 115 2.27 10.86 29.16
CA GLN A 115 1.77 9.88 28.17
C GLN A 115 2.72 8.67 28.14
N PHE A 116 3.44 8.43 29.22
CA PHE A 116 4.21 7.18 29.41
C PHE A 116 3.31 5.96 29.17
N ARG A 117 3.74 5.06 28.27
CA ARG A 117 3.12 3.75 27.98
C ARG A 117 1.73 3.95 27.38
N GLN A 118 1.48 5.13 26.80
CA GLN A 118 0.19 5.43 26.11
C GLN A 118 0.38 5.44 24.59
N TRP A 119 -0.70 5.12 23.90
CA TRP A 119 -0.77 4.95 22.43
C TRP A 119 0.08 6.01 21.70
N GLY A 120 1.09 5.53 20.98
CA GLY A 120 1.89 6.30 20.02
C GLY A 120 2.79 7.35 20.66
N SER A 121 2.97 7.36 21.99
CA SER A 121 3.72 8.44 22.68
C SER A 121 5.22 8.35 22.40
N ARG A 122 5.95 9.41 22.75
CA ARG A 122 7.43 9.46 22.72
C ARG A 122 8.01 8.78 23.97
N THR A 123 7.18 8.23 24.84
CA THR A 123 7.62 7.58 26.11
C THR A 123 7.05 6.16 26.16
N PRO A 124 7.39 5.29 25.18
CA PRO A 124 6.93 3.90 25.21
C PRO A 124 7.53 3.13 26.39
N GLY A 125 6.94 1.98 26.67
CA GLY A 125 7.27 1.14 27.84
C GLY A 125 8.69 0.61 27.81
N HIS A 126 9.34 0.58 26.65
CA HIS A 126 10.79 0.29 26.55
C HIS A 126 11.41 1.34 25.64
N PRO A 127 12.71 1.66 25.78
CA PRO A 127 13.30 2.75 25.02
C PRO A 127 13.39 2.34 23.54
N GLU A 128 12.92 3.24 22.68
CA GLU A 128 12.82 3.03 21.22
C GLU A 128 13.42 4.26 20.51
N ASN A 129 14.57 4.06 19.85
CA ASN A 129 15.25 5.13 19.09
C ASN A 129 14.27 5.67 18.03
N PHE A 130 13.41 4.82 17.48
CA PHE A 130 12.53 5.21 16.35
C PHE A 130 11.34 6.03 16.87
N GLU A 131 11.14 6.14 18.18
CA GLU A 131 10.04 6.99 18.74
C GLU A 131 10.62 8.24 19.39
N THR A 132 11.88 8.21 19.86
CA THR A 132 12.36 9.17 20.88
C THR A 132 13.79 9.61 20.55
N PRO A 133 13.98 10.72 19.80
CA PRO A 133 15.31 11.28 19.59
C PRO A 133 15.99 11.52 20.94
N GLY A 134 17.25 11.12 21.06
CA GLY A 134 17.97 11.09 22.35
C GLY A 134 18.11 9.67 22.88
N VAL A 135 17.26 8.74 22.41
CA VAL A 135 17.42 7.28 22.69
C VAL A 135 18.19 6.68 21.50
N GLU A 136 19.33 6.06 21.76
CA GLU A 136 20.31 5.72 20.70
C GLU A 136 19.91 4.43 19.96
N VAL A 137 19.31 3.49 20.69
CA VAL A 137 19.03 2.12 20.17
C VAL A 137 17.72 1.67 20.81
N THR A 138 17.18 0.53 20.36
CA THR A 138 15.97 -0.04 21.00
C THR A 138 16.37 -1.18 21.92
N THR A 139 15.98 -1.05 23.20
CA THR A 139 16.24 -2.09 24.22
C THR A 139 14.91 -2.53 24.84
N GLY A 140 14.98 -3.39 25.84
CA GLY A 140 13.80 -4.09 26.35
C GLY A 140 14.06 -5.58 26.33
N PRO A 141 14.40 -6.18 25.17
CA PRO A 141 14.93 -7.54 25.13
C PRO A 141 16.31 -7.54 25.80
N LEU A 142 16.43 -8.24 26.94
CA LEU A 142 17.61 -8.12 27.80
C LEU A 142 18.87 -8.57 27.03
N GLY A 143 19.98 -7.88 27.27
CA GLY A 143 21.27 -8.21 26.65
C GLY A 143 21.54 -7.45 25.38
N GLN A 144 20.51 -7.02 24.64
CA GLN A 144 20.73 -6.31 23.37
C GLN A 144 21.56 -5.05 23.63
N GLY A 145 21.24 -4.26 24.64
CA GLY A 145 21.82 -2.94 24.85
C GLY A 145 23.31 -2.99 25.11
N ILE A 146 23.76 -3.89 25.99
CA ILE A 146 25.21 -4.04 26.27
C ILE A 146 25.91 -4.46 24.95
N ALA A 147 25.34 -5.36 24.16
CA ALA A 147 25.95 -5.76 22.86
C ALA A 147 25.93 -4.55 21.91
N ASN A 148 24.85 -3.77 21.92
CA ASN A 148 24.79 -2.54 21.08
C ASN A 148 25.93 -1.59 21.47
N ALA A 149 26.19 -1.45 22.78
CA ALA A 149 27.19 -0.52 23.31
C ALA A 149 28.58 -0.98 22.84
N VAL A 150 28.81 -2.30 22.74
CA VAL A 150 30.07 -2.84 22.16
C VAL A 150 30.20 -2.33 20.72
N GLY A 151 29.12 -2.35 19.94
CA GLY A 151 29.13 -1.85 18.54
C GLY A 151 29.33 -0.35 18.48
N LEU A 152 28.69 0.41 19.36
CA LEU A 152 28.85 1.88 19.37
C LEU A 152 30.32 2.19 19.68
N ALA A 153 30.93 1.46 20.61
CA ALA A 153 32.34 1.70 20.99
C ALA A 153 33.26 1.20 19.88
N LEU A 154 32.93 0.11 19.20
CA LEU A 154 33.71 -0.32 18.02
C LEU A 154 33.68 0.79 16.98
N ALA A 155 32.50 1.36 16.68
CA ALA A 155 32.34 2.42 15.69
C ALA A 155 33.26 3.61 16.03
N GLU A 156 33.26 4.05 17.28
CA GLU A 156 34.10 5.19 17.74
C GLU A 156 35.58 4.82 17.57
N LYS A 157 35.96 3.64 17.98
CA LYS A 157 37.39 3.22 17.98
C LYS A 157 37.86 3.13 16.53
N HIS A 158 37.02 2.60 15.64
CA HIS A 158 37.32 2.46 14.20
C HIS A 158 37.51 3.84 13.58
N LEU A 159 36.54 4.74 13.80
CA LEU A 159 36.59 6.09 13.20
C LEU A 159 37.81 6.87 13.77
N ALA A 160 38.09 6.75 15.07
CA ALA A 160 39.27 7.42 15.71
C ALA A 160 40.58 6.91 15.07
N ALA A 161 40.76 5.60 14.96
CA ALA A 161 41.97 5.00 14.39
C ALA A 161 42.06 5.36 12.91
N ARG A 162 40.92 5.41 12.21
CA ARG A 162 40.94 5.61 10.76
C ARG A 162 41.21 7.08 10.44
N PHE A 163 40.69 8.01 11.23
CA PHE A 163 40.66 9.44 10.85
C PHE A 163 41.53 10.34 11.75
N ASN A 164 41.79 9.97 12.99
CA ASN A 164 42.56 10.85 13.91
C ASN A 164 44.01 10.96 13.45
N LYS A 165 44.59 12.12 13.73
CA LYS A 165 45.99 12.47 13.35
C LYS A 165 46.72 12.88 14.62
N PRO A 166 48.07 12.87 14.64
CA PRO A 166 48.79 13.19 15.88
C PRO A 166 48.38 14.56 16.43
N ASP A 167 47.99 15.49 15.57
CA ASP A 167 47.61 16.86 16.00
C ASP A 167 46.09 17.07 15.99
N SER A 168 45.27 16.06 15.65
CA SER A 168 43.81 16.26 15.56
C SER A 168 43.08 15.00 16.01
N GLU A 169 42.68 14.98 17.28
CA GLU A 169 41.86 13.88 17.86
C GLU A 169 40.39 14.21 17.58
N ILE A 170 40.00 14.23 16.31
CA ILE A 170 38.68 14.74 15.87
C ILE A 170 37.57 13.77 16.32
N VAL A 171 37.85 12.46 16.36
CA VAL A 171 36.90 11.48 16.93
C VAL A 171 37.32 11.17 18.37
N ASP A 172 36.46 11.46 19.33
CA ASP A 172 36.75 11.18 20.75
C ASP A 172 35.47 11.24 21.55
N HIS A 173 34.83 10.10 21.71
CA HIS A 173 33.64 10.03 22.61
C HIS A 173 33.53 8.66 23.26
N TYR A 174 32.86 8.63 24.40
CA TYR A 174 32.73 7.45 25.27
C TYR A 174 31.36 6.83 25.02
N THR A 175 31.26 5.55 25.34
CA THR A 175 30.00 4.77 25.29
C THR A 175 29.68 4.29 26.71
N TYR A 176 28.62 4.77 27.30
CA TYR A 176 28.17 4.44 28.68
C TYR A 176 26.94 3.54 28.60
N VAL A 177 26.90 2.46 29.35
CA VAL A 177 25.72 1.57 29.32
C VAL A 177 25.37 1.10 30.72
N ILE A 178 24.08 1.13 31.06
CA ILE A 178 23.57 0.56 32.32
C ILE A 178 22.92 -0.78 31.99
N LEU A 179 23.37 -1.84 32.67
CA LEU A 179 22.75 -3.19 32.53
C LEU A 179 22.53 -3.80 33.90
N GLY A 180 21.54 -4.66 34.01
CA GLY A 180 21.13 -5.31 35.27
C GLY A 180 21.49 -6.78 35.30
N ASP A 181 20.92 -7.53 36.25
CA ASP A 181 21.17 -8.98 36.45
C ASP A 181 20.68 -9.75 35.21
N GLY A 182 19.55 -9.35 34.64
CA GLY A 182 18.99 -10.01 33.47
C GLY A 182 19.94 -9.98 32.28
N CYS A 183 20.46 -8.80 31.94
CA CYS A 183 21.43 -8.66 30.85
C CYS A 183 22.66 -9.53 31.18
N GLN A 184 23.10 -9.56 32.45
CA GLN A 184 24.33 -10.28 32.83
C GLN A 184 24.13 -11.82 32.75
N MET A 185 22.88 -12.31 32.77
CA MET A 185 22.60 -13.75 32.60
C MET A 185 22.54 -14.13 31.12
N GLU A 186 22.22 -13.19 30.25
CA GLU A 186 21.95 -13.49 28.82
C GLU A 186 23.25 -13.80 28.04
N GLY A 187 23.21 -14.87 27.26
CA GLY A 187 24.33 -15.32 26.42
C GLY A 187 24.89 -14.21 25.55
N ILE A 188 24.00 -13.42 24.93
CA ILE A 188 24.43 -12.36 23.99
C ILE A 188 25.41 -11.40 24.70
N ALA A 189 25.22 -11.12 25.98
CA ALA A 189 26.03 -10.16 26.74
C ALA A 189 27.41 -10.76 26.93
N ASN A 190 27.49 -12.04 27.27
CA ASN A 190 28.83 -12.68 27.43
C ASN A 190 29.57 -12.67 26.08
N GLU A 191 28.88 -12.99 24.99
CA GLU A 191 29.48 -12.97 23.62
C GLU A 191 30.06 -11.58 23.34
N ALA A 192 29.24 -10.54 23.48
CA ALA A 192 29.64 -9.17 23.09
C ALA A 192 30.76 -8.71 24.03
N CYS A 193 30.67 -9.03 25.33
CA CYS A 193 31.70 -8.56 26.29
C CYS A 193 33.01 -9.31 26.07
N SER A 194 32.99 -10.57 25.65
CA SER A 194 34.22 -11.30 25.25
C SER A 194 34.90 -10.52 24.11
N LEU A 195 34.16 -10.11 23.08
CA LEU A 195 34.73 -9.32 21.96
C LEU A 195 35.23 -7.96 22.48
N ALA A 196 34.48 -7.27 23.35
CA ALA A 196 34.89 -5.94 23.84
C ALA A 196 36.26 -6.05 24.53
N GLY A 197 36.47 -7.09 25.33
CA GLY A 197 37.76 -7.30 26.00
C GLY A 197 38.83 -7.64 24.99
N HIS A 198 38.54 -8.53 24.05
CA HIS A 198 39.47 -8.89 22.97
C HIS A 198 39.90 -7.65 22.17
N TRP A 199 38.97 -6.73 21.91
CA TRP A 199 39.21 -5.53 21.08
C TRP A 199 39.77 -4.37 21.91
N GLY A 200 39.89 -4.50 23.23
CA GLY A 200 40.44 -3.40 24.06
C GLY A 200 39.65 -2.13 23.92
N LEU A 201 38.32 -2.21 24.04
CA LEU A 201 37.41 -1.03 23.90
C LEU A 201 37.45 -0.21 25.19
N GLY A 202 38.53 0.57 25.39
CA GLY A 202 38.75 1.35 26.61
C GLY A 202 37.74 2.45 26.83
N LYS A 203 37.00 2.88 25.80
CA LYS A 203 35.99 3.96 26.01
C LYS A 203 34.60 3.37 26.26
N LEU A 204 34.48 2.05 26.34
CA LEU A 204 33.24 1.38 26.76
C LEU A 204 33.26 1.28 28.29
N ILE A 205 32.29 1.92 28.92
CA ILE A 205 32.14 1.93 30.39
C ILE A 205 30.72 1.44 30.72
N ALA A 206 30.62 0.26 31.31
CA ALA A 206 29.37 -0.41 31.66
C ALA A 206 29.13 -0.26 33.16
N PHE A 207 27.92 0.13 33.53
CA PHE A 207 27.44 0.18 34.93
C PHE A 207 26.52 -1.01 35.14
N TYR A 208 26.93 -1.96 35.99
CA TYR A 208 26.13 -3.12 36.38
C TYR A 208 25.33 -2.74 37.62
N ASP A 209 24.02 -2.62 37.45
CA ASP A 209 23.06 -2.36 38.56
C ASP A 209 22.94 -3.64 39.39
N ASP A 210 23.77 -3.72 40.43
CA ASP A 210 23.96 -4.91 41.28
C ASP A 210 22.98 -4.81 42.44
N ASN A 211 21.71 -5.13 42.18
CA ASN A 211 20.63 -4.90 43.17
C ASN A 211 20.13 -6.24 43.72
N HIS A 212 20.76 -7.36 43.36
CA HIS A 212 20.44 -8.72 43.87
C HIS A 212 18.96 -9.08 43.65
N ILE A 213 18.29 -8.45 42.70
CA ILE A 213 16.85 -8.73 42.44
C ILE A 213 16.66 -8.91 40.92
N SER A 214 15.89 -9.93 40.55
CA SER A 214 15.26 -10.00 39.22
C SER A 214 13.80 -10.40 39.46
N ILE A 215 13.07 -10.82 38.42
CA ILE A 215 11.61 -10.96 38.61
C ILE A 215 11.30 -12.10 39.58
N ASP A 216 12.10 -13.17 39.58
CA ASP A 216 11.84 -14.35 40.45
C ASP A 216 12.27 -14.02 41.89
N GLY A 217 12.80 -12.83 42.15
CA GLY A 217 13.23 -12.37 43.48
C GLY A 217 14.73 -12.31 43.62
N ASP A 218 15.23 -12.61 44.82
CA ASP A 218 16.67 -12.58 45.12
C ASP A 218 17.37 -13.43 44.05
N THR A 219 18.49 -12.94 43.54
CA THR A 219 19.30 -13.59 42.47
C THR A 219 19.89 -14.91 42.98
N GLU A 220 19.94 -15.14 44.30
CA GLU A 220 20.42 -16.41 44.89
C GLU A 220 19.64 -17.59 44.30
N ILE A 221 18.43 -17.36 43.80
CA ILE A 221 17.58 -18.47 43.25
C ILE A 221 18.25 -19.13 42.02
N ALA A 222 18.99 -18.37 41.20
CA ALA A 222 19.50 -18.89 39.90
C ALA A 222 20.76 -18.17 39.40
N PHE A 223 21.40 -17.29 40.17
CA PHE A 223 22.47 -16.42 39.65
C PHE A 223 23.45 -16.11 40.77
N THR A 224 24.39 -17.03 41.00
CA THR A 224 25.37 -16.91 42.10
C THR A 224 26.78 -16.82 41.55
N GLU A 225 26.96 -16.76 40.24
CA GLU A 225 28.33 -16.66 39.66
C GLU A 225 29.01 -15.37 40.14
N ASP A 226 30.33 -15.33 40.06
CA ASP A 226 31.13 -14.12 40.33
C ASP A 226 31.25 -13.34 39.02
N VAL A 227 30.31 -12.44 38.78
CA VAL A 227 30.24 -11.67 37.51
C VAL A 227 31.53 -10.89 37.30
N SER A 228 32.02 -10.17 38.32
CA SER A 228 33.21 -9.30 38.15
C SER A 228 34.42 -10.15 37.73
N THR A 229 34.61 -11.33 38.31
CA THR A 229 35.77 -12.20 37.93
C THR A 229 35.56 -12.74 36.50
N ARG A 230 34.33 -13.09 36.13
CA ARG A 230 34.07 -13.44 34.70
C ARG A 230 34.51 -12.28 33.81
N PHE A 231 34.14 -11.04 34.14
CA PHE A 231 34.55 -9.85 33.35
C PHE A 231 36.07 -9.71 33.29
N GLU A 232 36.77 -9.95 34.41
CA GLU A 232 38.26 -9.93 34.37
C GLU A 232 38.74 -10.96 33.34
N ALA A 233 38.16 -12.14 33.36
CA ALA A 233 38.58 -13.25 32.46
C ALA A 233 38.28 -12.84 31.01
N LEU A 234 37.25 -12.03 30.79
CA LEU A 234 36.91 -11.51 29.44
C LEU A 234 37.80 -10.35 29.00
N GLY A 235 38.74 -9.90 29.84
CA GLY A 235 39.71 -8.86 29.48
C GLY A 235 39.22 -7.47 29.90
N TRP A 236 38.29 -7.38 30.87
CA TRP A 236 37.76 -6.08 31.35
C TRP A 236 38.52 -5.60 32.60
N HIS A 237 38.61 -4.29 32.73
CA HIS A 237 38.94 -3.56 33.98
C HIS A 237 37.67 -3.55 34.83
N THR A 238 37.78 -3.83 36.12
CA THR A 238 36.60 -3.90 37.01
C THR A 238 36.73 -2.94 38.20
N ILE A 239 35.63 -2.30 38.57
CA ILE A 239 35.55 -1.46 39.80
C ILE A 239 34.26 -1.86 40.50
N TRP A 240 34.25 -1.77 41.82
CA TRP A 240 33.04 -2.01 42.63
C TRP A 240 32.73 -0.77 43.45
N VAL A 241 31.58 -0.17 43.20
CA VAL A 241 30.98 0.89 44.05
C VAL A 241 30.00 0.21 44.99
N LYS A 242 30.37 0.04 46.25
CA LYS A 242 29.57 -0.78 47.19
C LYS A 242 28.36 0.01 47.69
N ASN A 243 28.42 1.34 47.70
CA ASN A 243 27.25 2.17 48.10
C ASN A 243 26.76 2.99 46.90
N GLY A 244 25.98 2.37 46.03
CA GLY A 244 25.44 3.06 44.85
C GLY A 244 24.25 3.94 45.18
N ASN A 245 23.68 3.82 46.39
CA ASN A 245 22.50 4.63 46.73
C ASN A 245 22.92 6.07 47.09
N THR A 246 23.97 6.24 47.87
CA THR A 246 24.38 7.57 48.41
C THR A 246 25.87 7.83 48.23
N GLY A 247 26.61 6.94 47.57
CA GLY A 247 28.06 7.11 47.39
C GLY A 247 28.38 7.89 46.13
N TYR A 248 27.92 9.14 46.06
CA TYR A 248 28.07 9.96 44.83
C TYR A 248 29.56 10.11 44.52
N ASP A 249 30.39 10.41 45.52
CA ASP A 249 31.84 10.62 45.27
C ASP A 249 32.46 9.31 44.77
N ASP A 250 32.02 8.17 45.28
CA ASP A 250 32.53 6.82 44.89
C ASP A 250 32.15 6.60 43.41
N ILE A 251 30.91 6.97 43.01
CA ILE A 251 30.46 6.83 41.60
C ILE A 251 31.35 7.70 40.72
N ARG A 252 31.56 8.95 41.13
CA ARG A 252 32.35 9.92 40.33
C ARG A 252 33.79 9.41 40.18
N ALA A 253 34.39 8.90 41.26
CA ALA A 253 35.78 8.41 41.25
C ALA A 253 35.88 7.18 40.33
N ALA A 254 34.89 6.31 40.37
CA ALA A 254 34.85 5.08 39.53
C ALA A 254 34.87 5.50 38.06
N ILE A 255 34.04 6.47 37.70
CA ILE A 255 33.96 6.92 36.28
C ILE A 255 35.27 7.56 35.87
N LYS A 256 35.87 8.36 36.75
CA LYS A 256 37.16 9.00 36.44
C LYS A 256 38.20 7.90 36.18
N GLU A 257 38.26 6.89 37.06
CA GLU A 257 39.26 5.79 36.93
C GLU A 257 39.00 5.06 35.59
N ALA A 258 37.73 4.73 35.31
CA ALA A 258 37.31 4.02 34.07
C ALA A 258 37.80 4.78 32.84
N LYS A 259 37.55 6.09 32.78
CA LYS A 259 37.94 6.89 31.59
C LYS A 259 39.46 6.90 31.47
N ALA A 260 40.18 6.85 32.59
CA ALA A 260 41.66 6.94 32.60
C ALA A 260 42.28 5.60 32.17
N VAL A 261 41.56 4.48 32.26
CA VAL A 261 42.06 3.16 31.76
C VAL A 261 41.75 3.09 30.26
N THR A 262 42.79 3.19 29.43
CA THR A 262 42.55 3.33 27.96
C THR A 262 42.55 1.96 27.25
N ASP A 263 43.08 0.90 27.84
CA ASP A 263 43.40 -0.32 27.04
C ASP A 263 42.32 -1.40 27.20
N LYS A 264 41.42 -1.26 28.17
CA LYS A 264 40.40 -2.29 28.47
C LYS A 264 39.06 -1.61 28.71
N PRO A 265 37.94 -2.23 28.32
CA PRO A 265 36.62 -1.78 28.75
C PRO A 265 36.51 -1.91 30.28
N THR A 266 35.69 -1.05 30.90
CA THR A 266 35.49 -1.07 32.36
C THR A 266 34.09 -1.54 32.73
N LEU A 267 34.00 -2.50 33.64
CA LEU A 267 32.74 -2.84 34.34
C LEU A 267 32.73 -2.18 35.71
N ILE A 268 31.85 -1.21 35.91
CA ILE A 268 31.62 -0.60 37.25
C ILE A 268 30.42 -1.29 37.86
N LYS A 269 30.69 -2.22 38.79
CA LYS A 269 29.61 -2.88 39.54
C LYS A 269 29.13 -1.87 40.59
N VAL A 270 27.87 -1.45 40.47
CA VAL A 270 27.25 -0.45 41.37
C VAL A 270 26.18 -1.14 42.19
N THR A 271 26.44 -1.40 43.46
CA THR A 271 25.44 -2.03 44.36
C THR A 271 24.37 -0.99 44.74
N THR A 272 23.11 -1.21 44.33
CA THR A 272 21.98 -0.32 44.66
C THR A 272 20.91 -1.13 45.37
N THR A 273 19.94 -0.43 45.92
CA THR A 273 18.66 -0.99 46.40
C THR A 273 17.65 -0.74 45.31
N ILE A 274 17.07 -1.79 44.76
CA ILE A 274 15.92 -1.59 43.83
C ILE A 274 14.79 -0.93 44.63
N GLY A 275 14.14 0.07 44.04
CA GLY A 275 13.06 0.78 44.73
C GLY A 275 13.57 1.59 45.93
N PHE A 276 14.83 2.00 45.91
CA PHE A 276 15.42 2.82 47.00
C PHE A 276 14.44 3.94 47.35
N GLY A 277 14.08 4.02 48.64
CA GLY A 277 13.25 5.10 49.20
C GLY A 277 11.83 4.66 49.42
N SER A 278 11.37 3.56 48.82
CA SER A 278 10.08 2.94 49.16
C SER A 278 10.21 2.18 50.48
N PRO A 279 9.56 2.64 51.57
CA PRO A 279 9.69 1.98 52.87
C PRO A 279 9.18 0.53 52.86
N ASN A 280 8.19 0.19 52.04
CA ASN A 280 7.50 -1.12 52.09
C ASN A 280 7.88 -2.01 50.90
N LYS A 281 8.46 -1.48 49.81
CA LYS A 281 8.70 -2.30 48.60
C LYS A 281 10.16 -2.28 48.15
N ALA A 282 11.04 -1.47 48.74
CA ALA A 282 12.48 -1.47 48.43
C ALA A 282 13.00 -2.90 48.58
N ASN A 283 13.94 -3.30 47.75
CA ASN A 283 14.72 -4.54 47.96
C ASN A 283 13.86 -5.78 47.72
N SER A 284 12.81 -5.71 46.89
CA SER A 284 11.92 -6.87 46.62
C SER A 284 11.49 -6.87 45.15
N TYR A 285 11.06 -8.02 44.67
CA TYR A 285 10.56 -8.20 43.29
C TYR A 285 9.32 -7.32 43.11
N SER A 286 8.59 -7.01 44.21
CA SER A 286 7.34 -6.20 44.26
C SER A 286 7.53 -4.90 43.48
N VAL A 287 8.70 -4.30 43.56
CA VAL A 287 8.95 -2.91 43.06
C VAL A 287 9.61 -2.95 41.67
N HIS A 288 9.94 -4.14 41.16
CA HIS A 288 10.55 -4.28 39.83
C HIS A 288 9.65 -3.67 38.75
N GLY A 289 8.37 -4.06 38.73
CA GLY A 289 7.55 -4.07 37.51
C GLY A 289 6.11 -3.71 37.71
N SER A 290 5.74 -3.01 38.79
CA SER A 290 4.36 -2.47 38.86
C SER A 290 4.36 -1.15 39.64
N ALA A 291 3.30 -0.37 39.44
CA ALA A 291 3.14 0.93 40.09
C ALA A 291 3.19 0.73 41.61
N LEU A 292 3.76 1.68 42.32
CA LEU A 292 3.80 1.67 43.81
C LEU A 292 2.37 1.59 44.37
N GLY A 293 1.41 2.26 43.72
CA GLY A 293 0.03 2.42 44.22
C GLY A 293 -0.04 3.59 45.19
N ALA A 294 -1.25 4.07 45.46
CA ALA A 294 -1.50 5.37 46.12
C ALA A 294 -0.83 5.42 47.49
N LYS A 295 -1.02 4.40 48.30
CA LYS A 295 -0.55 4.39 49.71
C LYS A 295 0.97 4.41 49.68
N GLU A 296 1.61 3.59 48.82
CA GLU A 296 3.09 3.50 48.83
C GLU A 296 3.72 4.74 48.15
N VAL A 297 3.04 5.36 47.17
CA VAL A 297 3.51 6.65 46.61
C VAL A 297 3.60 7.67 47.76
N GLU A 298 2.53 7.83 48.55
CA GLU A 298 2.52 8.78 49.70
C GLU A 298 3.60 8.39 50.73
N ALA A 299 3.73 7.10 51.09
CA ALA A 299 4.75 6.62 52.04
C ALA A 299 6.16 6.93 51.52
N THR A 300 6.37 6.84 50.21
CA THR A 300 7.69 7.12 49.59
C THR A 300 7.97 8.63 49.65
N ARG A 301 6.97 9.45 49.33
CA ARG A 301 7.08 10.94 49.44
C ARG A 301 7.43 11.28 50.90
N GLN A 302 6.77 10.65 51.87
CA GLN A 302 7.00 10.95 53.31
C GLN A 302 8.42 10.49 53.66
N ASN A 303 8.83 9.31 53.23
CA ASN A 303 10.13 8.72 53.61
C ASN A 303 11.29 9.55 53.02
N LEU A 304 11.17 9.92 51.73
CA LEU A 304 12.24 10.69 51.03
C LEU A 304 12.12 12.18 51.35
N GLY A 305 11.00 12.64 51.91
CA GLY A 305 10.79 14.06 52.24
C GLY A 305 10.50 14.89 50.98
N TRP A 306 9.54 14.44 50.16
CA TRP A 306 9.21 15.02 48.84
C TRP A 306 7.81 15.62 48.89
N PRO A 307 7.71 16.94 49.16
CA PRO A 307 6.43 17.58 49.29
C PRO A 307 5.81 17.81 47.90
N TYR A 308 6.61 17.75 46.84
CA TYR A 308 6.26 18.32 45.50
C TYR A 308 5.12 17.54 44.83
N ASP A 309 4.33 18.26 44.03
CA ASP A 309 3.18 17.71 43.26
C ASP A 309 3.73 16.74 42.22
N THR A 310 2.84 16.00 41.58
CA THR A 310 3.24 14.98 40.57
C THR A 310 3.87 15.70 39.36
N PHE A 311 4.90 15.09 38.77
CA PHE A 311 5.62 15.61 37.57
C PHE A 311 6.29 16.95 37.84
N PHE A 312 6.52 17.32 39.09
CA PHE A 312 7.06 18.68 39.40
C PHE A 312 8.57 18.60 39.56
N VAL A 313 9.25 19.51 38.87
CA VAL A 313 10.70 19.73 38.96
C VAL A 313 10.92 21.01 39.77
N PRO A 314 11.47 20.92 40.99
CA PRO A 314 11.73 22.12 41.79
C PRO A 314 12.52 23.17 41.00
N GLU A 315 12.25 24.46 41.26
CA GLU A 315 12.85 25.55 40.45
C GLU A 315 14.38 25.53 40.65
N ASP A 316 14.92 25.11 41.80
CA ASP A 316 16.41 25.09 41.98
C ASP A 316 16.99 23.97 41.10
N VAL A 317 16.32 22.83 41.04
CA VAL A 317 16.73 21.69 40.16
C VAL A 317 16.58 22.14 38.70
N LYS A 318 15.47 22.77 38.35
CA LYS A 318 15.24 23.29 36.98
C LYS A 318 16.38 24.22 36.57
N SER A 319 16.72 25.20 37.40
CA SER A 319 17.78 26.20 37.16
C SER A 319 19.13 25.48 36.97
N HIS A 320 19.46 24.56 37.87
CA HIS A 320 20.71 23.77 37.78
C HIS A 320 20.82 23.07 36.41
N TRP A 321 19.81 22.33 36.01
CA TRP A 321 19.81 21.54 34.74
C TRP A 321 19.78 22.43 33.50
N SER A 322 19.24 23.65 33.59
CA SER A 322 19.05 24.54 32.42
C SER A 322 20.38 24.84 31.74
N ARG A 323 21.49 24.74 32.48
CA ARG A 323 22.84 25.09 31.98
C ARG A 323 23.25 24.13 30.85
N HIS A 324 22.65 22.95 30.72
CA HIS A 324 23.07 21.97 29.68
C HIS A 324 22.70 22.49 28.28
N THR A 325 21.72 23.37 28.14
CA THR A 325 21.34 23.94 26.83
C THR A 325 22.51 24.80 26.32
N PRO A 326 22.90 25.91 26.99
CA PRO A 326 24.05 26.69 26.52
C PRO A 326 25.39 25.94 26.53
N GLU A 327 25.65 25.11 27.56
CA GLU A 327 26.95 24.38 27.65
C GLU A 327 27.00 23.32 26.54
N GLY A 328 25.89 22.65 26.26
CA GLY A 328 25.84 21.63 25.19
C GLY A 328 26.00 22.23 23.80
N ALA A 329 25.39 23.40 23.56
CA ALA A 329 25.60 24.13 22.29
C ALA A 329 27.09 24.50 22.17
N ALA A 330 27.72 24.97 23.25
CA ALA A 330 29.15 25.36 23.27
C ALA A 330 30.03 24.14 22.99
N LEU A 331 29.73 22.97 23.57
CA LEU A 331 30.53 21.74 23.30
C LEU A 331 30.47 21.42 21.80
N GLU A 332 29.27 21.45 21.23
CA GLU A 332 29.15 21.10 19.79
C GLU A 332 29.88 22.16 18.94
N ALA A 333 29.74 23.44 19.29
CA ALA A 333 30.39 24.53 18.52
C ALA A 333 31.93 24.34 18.56
N ASP A 334 32.48 24.00 19.72
CA ASP A 334 33.93 23.72 19.90
C ASP A 334 34.33 22.59 18.96
N TRP A 335 33.55 21.51 18.92
CA TRP A 335 33.85 20.37 18.05
C TRP A 335 33.72 20.76 16.57
N ASN A 336 32.71 21.53 16.19
CA ASN A 336 32.58 22.02 14.79
C ASN A 336 33.86 22.81 14.39
N ALA A 337 34.40 23.66 15.25
CA ALA A 337 35.66 24.42 14.97
C ALA A 337 36.80 23.41 14.75
N LYS A 338 36.89 22.39 15.61
CA LYS A 338 37.87 21.30 15.45
C LYS A 338 37.68 20.60 14.10
N PHE A 339 36.44 20.29 13.71
CA PHE A 339 36.16 19.62 12.42
C PHE A 339 36.53 20.54 11.25
N ALA A 340 36.23 21.84 11.32
CA ALA A 340 36.60 22.77 10.23
C ALA A 340 38.13 22.80 10.05
N GLU A 341 38.91 22.80 11.13
CA GLU A 341 40.41 22.78 11.08
C GLU A 341 40.90 21.44 10.51
N TYR A 342 40.27 20.34 10.89
CA TYR A 342 40.53 18.99 10.32
C TYR A 342 40.31 19.02 8.81
N GLU A 343 39.18 19.56 8.36
CA GLU A 343 38.78 19.67 6.93
C GLU A 343 39.81 20.53 6.18
N LYS A 344 40.33 21.57 6.83
CA LYS A 344 41.35 22.49 6.24
C LYS A 344 42.62 21.69 5.99
N LYS A 345 43.10 20.98 7.01
CA LYS A 345 44.44 20.35 7.00
C LYS A 345 44.39 18.98 6.31
N TYR A 346 43.29 18.23 6.44
CA TYR A 346 43.19 16.82 5.95
C TYR A 346 41.94 16.67 5.07
N ALA A 347 41.90 17.38 3.94
CA ALA A 347 40.66 17.57 3.14
C ALA A 347 40.00 16.23 2.75
N ASP A 348 40.77 15.30 2.19
CA ASP A 348 40.22 14.02 1.65
C ASP A 348 39.66 13.17 2.79
N ASP A 349 40.42 13.01 3.88
CA ASP A 349 39.97 12.25 5.09
C ASP A 349 38.74 12.93 5.70
N ALA A 350 38.71 14.26 5.75
CA ALA A 350 37.52 15.01 6.25
C ALA A 350 36.29 14.70 5.38
N ALA A 351 36.41 14.72 4.04
CA ALA A 351 35.28 14.43 3.13
C ALA A 351 34.74 13.00 3.38
N THR A 352 35.63 12.02 3.55
CA THR A 352 35.26 10.60 3.79
C THR A 352 34.54 10.49 5.13
N LEU A 353 35.10 11.04 6.21
CA LEU A 353 34.46 11.01 7.54
C LEU A 353 33.10 11.75 7.49
N LYS A 354 33.05 12.92 6.84
CA LYS A 354 31.77 13.68 6.75
C LYS A 354 30.68 12.78 6.14
N SER A 355 31.01 12.00 5.11
CA SER A 355 30.11 11.02 4.42
C SER A 355 29.49 10.07 5.44
N ILE A 356 30.32 9.53 6.36
CA ILE A 356 29.82 8.55 7.36
C ILE A 356 28.92 9.31 8.33
N ILE A 357 29.30 10.54 8.71
CA ILE A 357 28.52 11.39 9.66
C ILE A 357 27.14 11.74 9.07
N THR A 358 27.08 12.20 7.83
CA THR A 358 25.82 12.78 7.28
C THR A 358 24.94 11.67 6.71
N GLY A 359 25.56 10.58 6.28
CA GLY A 359 24.89 9.48 5.61
C GLY A 359 24.75 9.69 4.12
N GLU A 360 25.34 10.75 3.56
CA GLU A 360 25.44 10.93 2.08
C GLU A 360 26.36 9.85 1.49
N LEU A 361 25.82 8.97 0.68
CA LEU A 361 26.61 7.93 -0.03
C LEU A 361 27.29 8.61 -1.22
N PRO A 362 28.56 8.31 -1.54
CA PRO A 362 29.23 8.93 -2.68
C PRO A 362 28.47 8.80 -4.00
N THR A 363 28.52 9.85 -4.83
CA THR A 363 27.86 9.87 -6.17
C THR A 363 28.45 8.72 -6.99
N GLY A 364 27.58 7.96 -7.67
CA GLY A 364 28.01 6.94 -8.62
C GLY A 364 28.34 5.60 -7.95
N TRP A 365 28.16 5.45 -6.64
CA TRP A 365 28.53 4.19 -5.92
C TRP A 365 27.87 2.97 -6.61
N VAL A 366 26.65 3.11 -7.13
CA VAL A 366 25.90 1.96 -7.73
C VAL A 366 26.70 1.39 -8.92
N ASP A 367 27.42 2.25 -9.64
CA ASP A 367 28.13 1.84 -10.87
C ASP A 367 29.31 0.92 -10.53
N ALA A 368 29.71 0.82 -9.26
CA ALA A 368 30.82 -0.07 -8.85
C ALA A 368 30.34 -1.53 -8.89
N LEU A 369 29.03 -1.77 -8.83
CA LEU A 369 28.50 -3.15 -8.71
C LEU A 369 28.76 -3.88 -10.02
N PRO A 370 29.04 -5.20 -9.95
CA PRO A 370 29.39 -5.95 -11.15
C PRO A 370 28.15 -6.23 -12.02
N LYS A 371 28.40 -6.47 -13.30
CA LYS A 371 27.38 -6.80 -14.33
C LYS A 371 27.77 -8.17 -14.93
N TYR A 372 26.78 -8.90 -15.43
CA TYR A 372 26.95 -10.29 -15.92
C TYR A 372 26.13 -10.46 -17.19
N THR A 373 26.65 -11.26 -18.12
CA THR A 373 26.11 -11.47 -19.48
C THR A 373 26.14 -12.97 -19.76
N PRO A 374 25.58 -13.46 -20.90
CA PRO A 374 25.66 -14.88 -21.24
C PRO A 374 27.09 -15.42 -21.38
N GLU A 375 28.10 -14.54 -21.44
CA GLU A 375 29.52 -14.96 -21.52
C GLU A 375 30.10 -15.19 -20.12
N SER A 376 29.47 -14.67 -19.06
CA SER A 376 29.97 -14.79 -17.68
C SER A 376 29.90 -16.24 -17.20
N PRO A 377 30.94 -16.78 -16.54
CA PRO A 377 30.83 -18.14 -16.01
C PRO A 377 29.82 -18.19 -14.85
N GLY A 378 29.09 -19.30 -14.72
CA GLY A 378 28.22 -19.55 -13.55
C GLY A 378 29.00 -19.51 -12.25
N ASP A 379 28.39 -19.09 -11.14
CA ASP A 379 29.08 -19.11 -9.83
C ASP A 379 28.02 -19.18 -8.73
N ALA A 380 28.44 -19.56 -7.53
CA ALA A 380 27.60 -19.57 -6.32
C ALA A 380 27.28 -18.13 -5.93
N THR A 381 26.09 -17.86 -5.42
CA THR A 381 25.78 -16.47 -5.02
C THR A 381 26.63 -16.10 -3.80
N ARG A 382 27.18 -17.05 -3.05
CA ARG A 382 28.13 -16.68 -1.96
C ARG A 382 29.38 -16.00 -2.57
N ASN A 383 29.86 -16.51 -3.70
CA ASN A 383 31.06 -15.89 -4.35
C ASN A 383 30.69 -14.55 -5.00
N LEU A 384 29.51 -14.47 -5.62
CA LEU A 384 29.03 -13.24 -6.28
C LEU A 384 28.83 -12.17 -5.21
N SER A 385 28.38 -12.58 -4.01
CA SER A 385 28.25 -11.71 -2.84
C SER A 385 29.62 -11.12 -2.48
N GLN A 386 30.69 -11.94 -2.46
CA GLN A 386 32.03 -11.39 -2.13
C GLN A 386 32.45 -10.33 -3.17
N GLN A 387 32.12 -10.55 -4.43
CA GLN A 387 32.44 -9.59 -5.52
C GLN A 387 31.74 -8.27 -5.25
N CYS A 388 30.46 -8.30 -4.85
CA CYS A 388 29.67 -7.09 -4.57
C CYS A 388 30.24 -6.37 -3.34
N LEU A 389 30.51 -7.09 -2.26
CA LEU A 389 31.11 -6.51 -1.03
C LEU A 389 32.44 -5.81 -1.37
N ASN A 390 33.28 -6.44 -2.17
CA ASN A 390 34.63 -5.88 -2.48
C ASN A 390 34.45 -4.64 -3.35
N ALA A 391 33.53 -4.69 -4.32
CA ALA A 391 33.26 -3.53 -5.20
C ALA A 391 32.73 -2.38 -4.37
N LEU A 392 31.80 -2.66 -3.44
CA LEU A 392 31.17 -1.61 -2.60
C LEU A 392 32.19 -1.01 -1.63
N ALA A 393 33.13 -1.81 -1.13
CA ALA A 393 34.13 -1.35 -0.15
C ALA A 393 34.90 -0.14 -0.73
N ASN A 394 35.14 -0.11 -2.02
CA ASN A 394 35.90 1.00 -2.67
C ASN A 394 35.06 2.28 -2.73
N VAL A 395 33.73 2.20 -2.65
CA VAL A 395 32.86 3.39 -2.95
C VAL A 395 31.95 3.71 -1.78
N VAL A 396 31.85 2.84 -0.76
CA VAL A 396 30.93 3.06 0.40
C VAL A 396 31.84 3.08 1.64
N PRO A 397 32.24 4.29 2.08
CA PRO A 397 33.19 4.44 3.17
C PRO A 397 32.76 3.75 4.47
N GLY A 398 31.46 3.67 4.76
CA GLY A 398 30.93 3.08 6.00
C GLY A 398 30.66 1.58 5.91
N LEU A 399 31.01 0.91 4.81
CA LEU A 399 30.87 -0.56 4.73
C LEU A 399 31.93 -1.21 5.63
N ILE A 400 31.48 -1.99 6.61
CA ILE A 400 32.35 -2.60 7.66
C ILE A 400 31.62 -3.83 8.20
N GLY A 401 32.36 -4.89 8.49
CA GLY A 401 31.68 -6.07 9.05
C GLY A 401 32.37 -7.36 8.69
N GLY A 402 31.65 -8.47 8.81
CA GLY A 402 32.26 -9.78 8.56
C GLY A 402 31.47 -10.91 9.15
N SER A 403 32.15 -12.06 9.24
CA SER A 403 31.54 -13.37 9.52
C SER A 403 31.79 -13.81 10.97
N ALA A 404 30.85 -14.61 11.47
CA ALA A 404 31.00 -15.34 12.76
C ALA A 404 31.81 -16.61 12.49
N ASP A 405 33.12 -16.45 12.34
CA ASP A 405 34.09 -17.57 12.19
C ASP A 405 33.85 -18.36 10.88
N LEU A 406 33.26 -17.75 9.85
CA LEU A 406 33.03 -18.46 8.57
C LEU A 406 33.50 -17.61 7.39
N ALA A 407 34.57 -16.83 7.55
CA ALA A 407 34.99 -15.88 6.50
C ALA A 407 35.18 -16.61 5.18
N SER A 408 35.84 -17.76 5.18
CA SER A 408 36.27 -18.47 3.96
C SER A 408 35.13 -19.37 3.43
N SER A 409 33.99 -19.40 4.11
CA SER A 409 32.82 -20.16 3.65
C SER A 409 31.66 -19.20 3.28
N ASN A 410 31.42 -18.15 4.07
CA ASN A 410 30.42 -17.09 3.76
C ASN A 410 30.97 -16.15 2.66
N MET A 411 32.29 -16.08 2.51
CA MET A 411 33.01 -15.25 1.50
C MET A 411 32.82 -13.75 1.78
N THR A 412 33.17 -13.34 3.00
CA THR A 412 32.93 -11.97 3.52
C THR A 412 34.20 -11.10 3.50
N LEU A 413 35.40 -11.61 3.20
CA LEU A 413 36.60 -10.76 3.37
C LEU A 413 36.66 -9.66 2.29
N LEU A 414 36.87 -8.43 2.77
CA LEU A 414 37.25 -7.26 1.94
C LEU A 414 38.79 -7.35 1.74
N LYS A 415 39.20 -7.77 0.55
CA LYS A 415 40.59 -8.23 0.29
C LYS A 415 41.58 -7.07 0.37
N MET A 416 41.10 -5.84 0.24
CA MET A 416 41.95 -4.63 0.27
C MET A 416 42.20 -4.19 1.73
N PHE A 417 41.55 -4.83 2.72
CA PHE A 417 41.67 -4.38 4.12
C PHE A 417 42.15 -5.55 4.97
N GLY A 418 42.75 -5.20 6.11
CA GLY A 418 43.09 -6.16 7.17
C GLY A 418 41.93 -6.33 8.12
N ASP A 419 42.23 -6.82 9.31
CA ASP A 419 41.22 -7.11 10.37
C ASP A 419 41.19 -5.98 11.40
N PHE A 420 39.99 -5.59 11.78
CA PHE A 420 39.75 -4.84 13.02
C PHE A 420 40.34 -5.60 14.21
N GLN A 421 41.24 -4.95 14.95
CA GLN A 421 41.77 -5.43 16.25
C GLN A 421 42.10 -4.21 17.12
N LYS A 422 42.41 -4.44 18.37
CA LYS A 422 42.79 -3.40 19.37
C LYS A 422 43.81 -2.44 18.77
N ASP A 423 44.84 -2.96 18.08
CA ASP A 423 45.97 -2.15 17.55
C ASP A 423 45.77 -1.77 16.08
N THR A 424 44.71 -2.28 15.42
CA THR A 424 44.44 -2.00 13.97
C THR A 424 42.95 -1.65 13.80
N ALA A 425 42.40 -0.78 14.64
CA ALA A 425 40.95 -0.52 14.65
C ALA A 425 40.54 0.21 13.37
N GLU A 426 41.51 0.71 12.57
CA GLU A 426 41.20 1.41 11.31
C GLU A 426 40.70 0.41 10.26
N GLU A 427 40.96 -0.89 10.44
CA GLU A 427 40.67 -1.92 9.43
C GLU A 427 39.16 -2.21 9.40
N ARG A 428 38.68 -2.81 8.31
CA ARG A 428 37.22 -2.87 8.04
C ARG A 428 36.68 -4.29 8.01
N ASN A 429 37.52 -5.30 8.14
CA ASN A 429 37.05 -6.70 8.32
C ASN A 429 36.90 -6.97 9.82
N VAL A 430 35.67 -7.24 10.25
CA VAL A 430 35.38 -7.51 11.67
C VAL A 430 35.19 -9.03 11.83
N ARG A 431 36.02 -9.64 12.67
CA ARG A 431 36.06 -11.10 12.86
C ARG A 431 35.32 -11.38 14.17
N PHE A 432 34.11 -11.93 14.10
CA PHE A 432 33.21 -11.97 15.27
C PHE A 432 33.42 -13.24 16.11
N GLY A 433 34.15 -14.23 15.59
CA GLY A 433 34.19 -15.57 16.19
C GLY A 433 32.80 -16.19 16.20
N VAL A 434 32.60 -17.23 17.01
CA VAL A 434 31.34 -18.03 16.97
C VAL A 434 30.31 -17.41 17.91
N ARG A 435 29.79 -16.26 17.49
CA ARG A 435 29.02 -15.33 18.33
C ARG A 435 27.95 -14.64 17.49
N GLU A 436 26.99 -15.41 16.97
CA GLU A 436 26.03 -14.85 15.98
C GLU A 436 25.19 -13.78 16.65
N HIS A 437 24.66 -14.06 17.84
CA HIS A 437 23.71 -13.14 18.50
C HIS A 437 24.44 -11.84 18.83
N GLY A 438 25.58 -11.94 19.47
CA GLY A 438 26.42 -10.76 19.79
C GLY A 438 26.74 -9.99 18.52
N MET A 439 27.11 -10.70 17.45
CA MET A 439 27.44 -10.08 16.14
C MET A 439 26.27 -9.21 15.63
N GLY A 440 25.04 -9.73 15.65
CA GLY A 440 23.87 -8.98 15.17
C GLY A 440 23.68 -7.70 15.98
N ALA A 441 23.74 -7.80 17.31
CA ALA A 441 23.49 -6.62 18.18
C ALA A 441 24.68 -5.64 18.07
N ILE A 442 25.89 -6.14 17.87
CA ILE A 442 27.05 -5.24 17.62
C ILE A 442 26.76 -4.45 16.34
N CYS A 443 26.32 -5.12 15.30
CA CYS A 443 26.03 -4.43 14.01
C CYS A 443 24.85 -3.46 14.17
N ASN A 444 23.86 -3.72 15.02
CA ASN A 444 22.79 -2.72 15.29
C ASN A 444 23.44 -1.45 15.87
N GLY A 445 24.38 -1.61 16.81
CA GLY A 445 25.14 -0.50 17.39
C GLY A 445 25.90 0.27 16.33
N ILE A 446 26.63 -0.41 15.45
CA ILE A 446 27.36 0.26 14.34
C ILE A 446 26.36 1.05 13.47
N ALA A 447 25.27 0.43 13.04
CA ALA A 447 24.30 1.08 12.12
C ALA A 447 23.77 2.35 12.78
N LEU A 448 23.47 2.27 14.07
CA LEU A 448 22.79 3.41 14.74
C LEU A 448 23.81 4.39 15.33
N HIS A 449 25.11 4.14 15.19
CA HIS A 449 26.15 5.13 15.56
C HIS A 449 26.04 6.37 14.66
N SER A 450 26.13 6.16 13.35
CA SER A 450 26.17 7.21 12.31
C SER A 450 25.48 6.70 11.05
N PRO A 451 24.66 7.55 10.38
CA PRO A 451 23.79 7.05 9.31
C PRO A 451 24.51 6.63 8.02
N GLY A 452 25.80 6.95 7.88
CA GLY A 452 26.62 6.51 6.74
C GLY A 452 27.28 5.14 6.98
N PHE A 453 27.13 4.55 8.16
CA PHE A 453 27.59 3.17 8.39
C PHE A 453 26.65 2.23 7.64
N VAL A 454 27.27 1.23 7.01
CA VAL A 454 26.62 0.12 6.29
C VAL A 454 27.23 -1.15 6.84
N PRO A 455 26.82 -1.61 8.03
CA PRO A 455 27.43 -2.78 8.64
C PRO A 455 26.83 -4.03 8.01
N TYR A 456 27.68 -5.02 7.73
CA TYR A 456 27.26 -6.34 7.25
C TYR A 456 27.78 -7.42 8.20
N CYS A 457 27.04 -8.50 8.33
CA CYS A 457 27.51 -9.65 9.12
C CYS A 457 26.98 -10.93 8.53
N ALA A 458 27.58 -12.05 8.89
CA ALA A 458 27.38 -13.30 8.15
C ALA A 458 27.47 -14.52 9.06
N THR A 459 26.67 -15.52 8.71
CA THR A 459 26.82 -16.92 9.18
C THR A 459 26.08 -17.79 8.17
N PHE A 460 26.05 -19.07 8.39
CA PHE A 460 25.14 -19.94 7.62
C PHE A 460 23.72 -19.46 7.97
N PHE A 461 22.85 -19.41 6.96
CA PHE A 461 21.46 -18.95 7.08
C PHE A 461 20.73 -19.66 8.22
N VAL A 462 20.98 -20.96 8.40
CA VAL A 462 20.26 -21.76 9.45
C VAL A 462 20.53 -21.16 10.83
N PHE A 463 21.68 -20.50 11.05
CA PHE A 463 22.06 -20.00 12.38
C PHE A 463 21.57 -18.56 12.57
N THR A 464 20.75 -18.05 11.66
CA THR A 464 19.91 -16.88 11.98
C THR A 464 19.12 -17.17 13.26
N ASP A 465 18.73 -18.43 13.50
CA ASP A 465 17.94 -18.73 14.71
C ASP A 465 18.71 -18.31 15.98
N TYR A 466 20.03 -18.44 16.02
CA TYR A 466 20.87 -18.07 17.19
C TYR A 466 20.77 -16.56 17.48
N MET A 467 20.57 -15.76 16.41
CA MET A 467 20.79 -14.29 16.44
C MET A 467 19.47 -13.58 16.09
N ARG A 468 18.37 -14.31 16.10
CA ARG A 468 17.03 -13.80 15.71
C ARG A 468 16.57 -12.67 16.64
N GLY A 469 16.90 -12.69 17.93
CA GLY A 469 16.51 -11.60 18.83
C GLY A 469 17.08 -10.27 18.33
N ALA A 470 18.35 -10.23 17.92
CA ALA A 470 18.98 -9.00 17.44
C ALA A 470 18.42 -8.66 16.03
N MET A 471 18.18 -9.66 15.18
CA MET A 471 17.67 -9.39 13.80
C MET A 471 16.30 -8.73 13.87
N ARG A 472 15.43 -9.21 14.75
CA ARG A 472 14.09 -8.61 14.94
C ARG A 472 14.25 -7.16 15.39
N ILE A 473 15.22 -6.90 16.24
CA ILE A 473 15.45 -5.50 16.72
C ILE A 473 16.04 -4.66 15.59
N SER A 474 16.85 -5.21 14.68
CA SER A 474 17.24 -4.47 13.46
C SER A 474 15.97 -3.95 12.77
N ALA A 475 14.99 -4.83 12.58
CA ALA A 475 13.74 -4.52 11.86
C ALA A 475 12.96 -3.45 12.64
N LEU A 476 12.77 -3.64 13.94
CA LEU A 476 11.95 -2.71 14.76
C LEU A 476 12.66 -1.36 14.89
N SER A 477 13.98 -1.34 15.04
CA SER A 477 14.76 -0.10 15.34
C SER A 477 15.19 0.60 14.05
N GLU A 478 14.86 0.03 12.89
CA GLU A 478 15.19 0.65 11.58
C GLU A 478 16.72 0.74 11.45
N ALA A 479 17.42 -0.34 11.81
CA ALA A 479 18.89 -0.43 11.64
C ALA A 479 19.19 -1.16 10.34
N GLY A 480 19.83 -0.48 9.40
CA GLY A 480 20.09 -1.00 8.05
C GLY A 480 21.24 -1.98 8.01
N VAL A 481 21.16 -3.06 8.78
CA VAL A 481 22.21 -4.12 8.80
C VAL A 481 22.01 -5.00 7.59
N ILE A 482 23.10 -5.34 6.91
CA ILE A 482 23.09 -6.31 5.79
C ILE A 482 23.48 -7.67 6.35
N TYR A 483 22.53 -8.60 6.34
CA TYR A 483 22.72 -9.99 6.83
C TYR A 483 23.04 -10.87 5.64
N VAL A 484 24.28 -11.29 5.55
CA VAL A 484 24.87 -12.10 4.45
C VAL A 484 24.82 -13.57 4.89
N MET A 485 23.81 -14.30 4.43
CA MET A 485 23.47 -15.61 5.02
C MET A 485 23.61 -16.71 3.95
N THR A 486 24.74 -17.41 3.95
CA THR A 486 25.08 -18.38 2.89
C THR A 486 24.59 -19.78 3.28
N HIS A 487 24.74 -20.75 2.37
CA HIS A 487 24.38 -22.17 2.64
C HIS A 487 22.88 -22.20 2.94
N ASP A 488 22.11 -21.68 2.00
CA ASP A 488 20.72 -21.26 2.24
C ASP A 488 19.73 -22.44 2.16
N SER A 489 20.14 -23.65 1.86
CA SER A 489 19.20 -24.78 1.58
C SER A 489 19.89 -26.15 1.66
N ILE A 490 19.09 -27.19 1.41
CA ILE A 490 19.57 -28.58 1.17
C ILE A 490 20.69 -28.58 0.14
N GLY A 491 20.80 -27.52 -0.68
CA GLY A 491 21.91 -27.35 -1.65
C GLY A 491 23.28 -27.51 -0.99
N LEU A 492 23.37 -27.32 0.32
CA LEU A 492 24.69 -27.44 1.00
C LEU A 492 25.09 -28.92 1.13
N GLY A 493 24.14 -29.87 1.11
CA GLY A 493 24.46 -31.32 1.10
C GLY A 493 24.84 -31.90 2.46
N GLU A 494 26.03 -32.48 2.56
CA GLU A 494 26.38 -33.53 3.57
C GLU A 494 26.27 -33.06 5.04
N ASP A 495 26.47 -31.77 5.35
CA ASP A 495 26.38 -31.32 6.76
C ASP A 495 25.00 -31.69 7.33
N GLY A 496 23.96 -31.81 6.49
CA GLY A 496 22.74 -32.48 6.93
C GLY A 496 21.74 -31.53 7.60
N PRO A 497 20.69 -32.10 8.21
CA PRO A 497 19.49 -31.33 8.57
C PRO A 497 19.71 -30.30 9.68
N THR A 498 20.73 -30.49 10.53
CA THR A 498 21.09 -29.49 11.56
C THR A 498 21.52 -28.18 10.90
N HIS A 499 21.97 -28.23 9.64
CA HIS A 499 22.59 -27.08 8.94
C HIS A 499 21.70 -26.55 7.81
N GLN A 500 20.65 -27.27 7.45
CA GLN A 500 19.86 -26.97 6.24
C GLN A 500 18.62 -26.18 6.62
N PRO A 501 18.53 -24.90 6.21
CA PRO A 501 17.31 -24.13 6.41
C PRO A 501 16.11 -24.81 5.73
N ILE A 502 14.94 -24.63 6.33
CA ILE A 502 13.64 -25.09 5.77
C ILE A 502 12.61 -23.99 5.98
N GLU A 503 12.36 -23.65 7.25
CA GLU A 503 11.33 -22.67 7.65
C GLU A 503 11.86 -21.22 7.56
N HIS A 504 13.16 -21.04 7.33
CA HIS A 504 13.86 -19.74 7.58
C HIS A 504 13.30 -18.65 6.65
N LEU A 505 13.21 -18.89 5.33
CA LEU A 505 12.75 -17.83 4.40
C LEU A 505 11.38 -17.30 4.88
N VAL A 506 10.42 -18.17 5.09
CA VAL A 506 9.04 -17.73 5.43
C VAL A 506 9.02 -17.09 6.81
N SER A 507 9.86 -17.59 7.74
CA SER A 507 9.98 -17.03 9.11
C SER A 507 10.37 -15.56 9.05
N PHE A 508 11.15 -15.12 8.03
CA PHE A 508 11.54 -13.71 7.87
C PHE A 508 10.55 -12.94 6.96
N ARG A 509 9.95 -13.61 5.99
CA ARG A 509 8.88 -12.97 5.18
C ARG A 509 7.76 -12.46 6.11
N ALA A 510 7.50 -13.17 7.22
CA ALA A 510 6.41 -12.81 8.14
C ALA A 510 6.83 -11.66 9.05
N MET A 511 8.14 -11.46 9.24
CA MET A 511 8.65 -10.45 10.19
C MET A 511 8.51 -9.07 9.57
N PRO A 512 7.93 -8.07 10.27
CA PRO A 512 7.84 -6.73 9.70
C PRO A 512 9.22 -6.09 9.49
N ASN A 513 9.28 -5.21 8.47
CA ASN A 513 10.42 -4.32 8.16
C ASN A 513 11.73 -5.09 8.07
N ILE A 514 11.77 -6.13 7.25
CA ILE A 514 13.06 -6.77 6.90
C ILE A 514 12.89 -7.37 5.53
N LEU A 515 13.87 -7.17 4.67
CA LEU A 515 13.84 -7.76 3.31
C LEU A 515 14.40 -9.19 3.39
N MET A 516 13.71 -10.13 2.76
CA MET A 516 14.20 -11.52 2.66
C MET A 516 14.54 -11.74 1.18
N LEU A 517 15.76 -11.37 0.80
CA LEU A 517 16.22 -11.40 -0.61
C LEU A 517 16.85 -12.75 -0.93
N ARG A 518 16.50 -13.33 -2.07
CA ARG A 518 17.07 -14.64 -2.41
C ARG A 518 17.49 -14.63 -3.88
N PRO A 519 18.67 -14.01 -4.17
CA PRO A 519 19.11 -13.81 -5.56
C PRO A 519 19.47 -15.11 -6.26
N ALA A 520 19.08 -15.21 -7.54
CA ALA A 520 19.30 -16.40 -8.37
C ALA A 520 20.73 -16.42 -8.90
N ASP A 521 21.33 -15.28 -9.17
CA ASP A 521 22.55 -15.20 -10.01
C ASP A 521 23.31 -13.88 -9.80
N GLY A 522 24.24 -13.56 -10.71
CA GLY A 522 25.10 -12.37 -10.59
C GLY A 522 24.30 -11.10 -10.62
N ASN A 523 23.44 -10.93 -11.63
CA ASN A 523 22.66 -9.65 -11.72
C ASN A 523 21.73 -9.52 -10.51
N GLU A 524 21.13 -10.59 -10.04
CA GLU A 524 20.20 -10.50 -8.88
C GLU A 524 21.00 -10.20 -7.62
N THR A 525 22.20 -10.74 -7.48
CA THR A 525 23.04 -10.50 -6.28
C THR A 525 23.43 -9.02 -6.27
N ALA A 526 23.85 -8.47 -7.42
CA ALA A 526 24.16 -7.03 -7.56
C ALA A 526 22.92 -6.21 -7.18
N GLY A 527 21.74 -6.60 -7.68
CA GLY A 527 20.46 -5.93 -7.36
C GLY A 527 20.14 -5.99 -5.87
N ALA A 528 20.33 -7.14 -5.24
CA ALA A 528 20.07 -7.29 -3.79
C ALA A 528 21.00 -6.36 -3.01
N TYR A 529 22.27 -6.24 -3.41
CA TYR A 529 23.22 -5.32 -2.71
C TYR A 529 22.85 -3.86 -2.95
N LYS A 530 22.44 -3.48 -4.15
CA LYS A 530 21.96 -2.08 -4.40
C LYS A 530 20.81 -1.75 -3.44
N VAL A 531 19.82 -2.64 -3.37
CA VAL A 531 18.66 -2.47 -2.45
C VAL A 531 19.17 -2.40 -1.00
N ALA A 532 20.05 -3.29 -0.60
CA ALA A 532 20.50 -3.39 0.81
C ALA A 532 21.20 -2.09 1.23
N VAL A 533 22.08 -1.57 0.37
CA VAL A 533 22.81 -0.31 0.65
C VAL A 533 21.83 0.88 0.70
N LEU A 534 20.89 0.97 -0.23
CA LEU A 534 19.91 2.08 -0.27
C LEU A 534 19.03 2.05 0.99
N ASN A 535 18.74 0.85 1.52
CA ASN A 535 17.81 0.66 2.65
C ASN A 535 18.54 0.92 3.97
N ARG A 536 18.76 2.17 4.30
CA ARG A 536 19.45 2.58 5.55
C ARG A 536 18.47 2.48 6.74
N LYS A 537 17.18 2.22 6.54
CA LYS A 537 16.20 2.18 7.66
C LYS A 537 15.48 0.84 7.71
N ARG A 538 15.96 -0.15 6.96
CA ARG A 538 15.37 -1.50 6.94
C ARG A 538 16.49 -2.50 6.70
N PRO A 539 16.68 -3.47 7.61
CA PRO A 539 17.68 -4.51 7.41
C PRO A 539 17.33 -5.38 6.21
N SER A 540 18.36 -5.94 5.57
CA SER A 540 18.22 -6.83 4.41
C SER A 540 18.90 -8.14 4.72
N ILE A 541 18.20 -9.24 4.50
CA ILE A 541 18.83 -10.59 4.55
C ILE A 541 19.03 -11.03 3.11
N LEU A 542 20.25 -11.49 2.78
CA LEU A 542 20.54 -12.14 1.49
C LEU A 542 20.79 -13.61 1.76
N ALA A 543 19.88 -14.46 1.26
CA ALA A 543 20.01 -15.92 1.29
C ALA A 543 20.86 -16.29 0.06
N LEU A 544 22.05 -16.84 0.31
CA LEU A 544 23.09 -17.10 -0.72
C LEU A 544 23.46 -18.58 -0.76
N SER A 545 23.75 -19.07 -1.97
CA SER A 545 23.97 -20.51 -2.25
C SER A 545 25.41 -20.91 -1.90
N ARG A 546 25.56 -22.13 -1.41
CA ARG A 546 26.86 -22.82 -1.39
C ARG A 546 27.27 -23.12 -2.84
N GLN A 547 26.33 -23.63 -3.64
CA GLN A 547 26.63 -24.32 -4.92
C GLN A 547 26.59 -23.32 -6.08
N LYS A 548 27.31 -23.63 -7.17
CA LYS A 548 27.35 -22.79 -8.38
C LYS A 548 26.00 -22.79 -9.09
N LEU A 549 25.62 -21.63 -9.61
CA LEU A 549 24.34 -21.44 -10.35
C LEU A 549 24.66 -20.74 -11.65
N PRO A 550 23.82 -20.93 -12.69
CA PRO A 550 24.02 -20.21 -13.95
C PRO A 550 23.57 -18.75 -13.83
N HIS A 551 24.04 -17.90 -14.73
CA HIS A 551 23.45 -16.55 -14.97
C HIS A 551 22.24 -16.73 -15.88
N LEU A 552 21.07 -16.25 -15.47
CA LEU A 552 19.82 -16.52 -16.22
C LEU A 552 19.44 -15.28 -17.00
N PRO A 553 19.17 -15.43 -18.32
CA PRO A 553 18.71 -14.31 -19.14
C PRO A 553 17.44 -13.71 -18.52
N GLY A 554 17.40 -12.38 -18.45
CA GLY A 554 16.22 -11.64 -17.96
C GLY A 554 16.35 -11.20 -16.50
N THR A 555 17.30 -11.69 -15.74
CA THR A 555 17.60 -11.15 -14.39
C THR A 555 18.16 -9.73 -14.54
N SER A 556 17.81 -8.84 -13.60
CA SER A 556 18.25 -7.44 -13.66
C SER A 556 18.17 -6.83 -12.27
N ILE A 557 18.95 -5.77 -12.06
CA ILE A 557 18.90 -4.92 -10.85
C ILE A 557 17.50 -4.32 -10.77
N GLU A 558 16.99 -3.81 -11.90
CA GLU A 558 15.66 -3.16 -11.99
C GLU A 558 14.57 -4.12 -11.51
N GLY A 559 14.70 -5.40 -11.88
CA GLY A 559 13.79 -6.46 -11.46
C GLY A 559 13.85 -6.67 -9.96
N VAL A 560 15.05 -6.79 -9.39
CA VAL A 560 15.21 -7.03 -7.95
C VAL A 560 14.50 -5.92 -7.17
N GLU A 561 14.64 -4.67 -7.64
CA GLU A 561 14.03 -3.49 -6.99
C GLU A 561 12.51 -3.65 -6.90
N LYS A 562 11.89 -4.44 -7.76
CA LYS A 562 10.43 -4.66 -7.76
C LYS A 562 10.03 -5.97 -7.04
N GLY A 563 11.01 -6.78 -6.64
CA GLY A 563 10.78 -7.94 -5.77
C GLY A 563 10.31 -9.16 -6.52
N GLY A 564 9.28 -8.99 -7.35
CA GLY A 564 8.72 -10.05 -8.18
C GLY A 564 8.62 -9.52 -9.59
N TYR A 565 9.22 -10.21 -10.55
CA TYR A 565 9.34 -9.65 -11.92
C TYR A 565 9.55 -10.80 -12.88
N THR A 566 9.11 -10.58 -14.11
CA THR A 566 9.19 -11.58 -15.18
C THR A 566 10.61 -11.62 -15.75
N ILE A 567 11.20 -12.82 -15.83
CA ILE A 567 12.54 -12.96 -16.47
C ILE A 567 12.38 -13.55 -17.88
N SER A 568 11.32 -14.30 -18.17
CA SER A 568 11.09 -14.79 -19.57
C SER A 568 9.59 -14.97 -19.81
N ASP A 569 9.15 -14.83 -21.07
CA ASP A 569 7.70 -14.83 -21.38
C ASP A 569 7.54 -15.03 -22.88
N ASN A 570 6.82 -16.05 -23.31
CA ASN A 570 6.41 -16.16 -24.73
C ASN A 570 4.89 -16.03 -24.83
N SER A 571 4.22 -15.44 -23.85
CA SER A 571 2.74 -15.27 -23.83
C SER A 571 2.34 -14.01 -24.58
N THR A 572 1.06 -13.85 -24.88
CA THR A 572 0.45 -12.62 -25.40
C THR A 572 -0.75 -12.27 -24.52
N GLY A 573 -1.14 -10.99 -24.55
CA GLY A 573 -2.39 -10.49 -23.94
C GLY A 573 -2.36 -10.59 -22.44
N ASN A 574 -1.17 -10.66 -21.85
CA ASN A 574 -0.98 -10.95 -20.40
C ASN A 574 -1.81 -12.18 -20.02
N LYS A 575 -1.83 -13.22 -20.85
CA LYS A 575 -2.56 -14.47 -20.52
C LYS A 575 -1.69 -15.68 -20.84
N PRO A 576 -0.56 -15.84 -20.10
CA PRO A 576 0.22 -17.07 -20.22
C PRO A 576 -0.65 -18.27 -19.85
N ASP A 577 -0.44 -19.40 -20.54
CA ASP A 577 -1.07 -20.70 -20.19
C ASP A 577 -0.58 -21.08 -18.78
N LEU A 578 0.66 -20.75 -18.46
CA LEU A 578 1.31 -21.16 -17.18
C LEU A 578 2.23 -20.05 -16.68
N ILE A 579 2.17 -19.80 -15.37
CA ILE A 579 3.22 -19.00 -14.68
C ILE A 579 4.00 -19.92 -13.73
N VAL A 580 5.31 -19.94 -13.88
CA VAL A 580 6.24 -20.66 -12.95
C VAL A 580 7.06 -19.58 -12.24
N MET A 581 7.00 -19.59 -10.92
CA MET A 581 7.81 -18.65 -10.11
C MET A 581 8.84 -19.42 -9.28
N GLY A 582 10.00 -18.78 -9.09
CA GLY A 582 11.08 -19.37 -8.27
C GLY A 582 11.92 -18.31 -7.64
N THR A 583 12.82 -18.72 -6.75
CA THR A 583 13.80 -17.83 -6.12
C THR A 583 15.14 -18.57 -6.09
N GLY A 584 16.22 -17.80 -5.96
CA GLY A 584 17.55 -18.35 -5.72
C GLY A 584 17.88 -19.49 -6.66
N SER A 585 18.45 -20.56 -6.10
CA SER A 585 18.92 -21.76 -6.80
C SER A 585 17.77 -22.49 -7.52
N GLU A 586 16.51 -22.19 -7.22
CA GLU A 586 15.39 -22.92 -7.86
C GLU A 586 14.91 -22.17 -9.10
N LEU A 587 15.33 -20.92 -9.30
CA LEU A 587 14.90 -20.14 -10.50
C LEU A 587 15.38 -20.86 -11.78
N GLU A 588 16.59 -21.45 -11.81
CA GLU A 588 17.07 -22.15 -13.02
C GLU A 588 16.20 -23.38 -13.29
N ILE A 589 15.65 -24.01 -12.25
CA ILE A 589 14.78 -25.20 -12.40
C ILE A 589 13.48 -24.77 -13.07
N ALA A 590 12.89 -23.67 -12.61
CA ALA A 590 11.70 -23.04 -13.23
C ALA A 590 12.02 -22.71 -14.71
N ALA A 591 13.21 -22.15 -15.00
CA ALA A 591 13.59 -21.70 -16.35
C ALA A 591 13.71 -22.91 -17.27
N LYS A 592 14.32 -24.01 -16.78
CA LYS A 592 14.52 -25.24 -17.57
C LYS A 592 13.15 -25.88 -17.85
N ALA A 593 12.27 -25.90 -16.86
CA ALA A 593 10.91 -26.48 -17.03
C ALA A 593 10.16 -25.66 -18.09
N ALA A 594 10.24 -24.34 -18.00
CA ALA A 594 9.56 -23.43 -18.94
C ALA A 594 10.05 -23.70 -20.38
N ASP A 595 11.35 -23.90 -20.58
CA ASP A 595 11.96 -24.23 -21.91
C ASP A 595 11.28 -25.49 -22.45
N GLU A 596 11.15 -26.54 -21.63
CA GLU A 596 10.58 -27.84 -22.09
C GLU A 596 9.10 -27.63 -22.43
N LEU A 597 8.37 -26.90 -21.60
CA LEU A 597 6.91 -26.71 -21.82
C LEU A 597 6.66 -25.85 -23.07
N ARG A 598 7.47 -24.83 -23.28
CA ARG A 598 7.31 -23.92 -24.45
C ARG A 598 7.53 -24.70 -25.75
N LYS A 599 8.40 -25.71 -25.78
CA LYS A 599 8.70 -26.54 -26.97
C LYS A 599 7.46 -27.35 -27.38
N GLU A 600 6.55 -27.62 -26.44
CA GLU A 600 5.27 -28.32 -26.70
C GLU A 600 4.20 -27.35 -27.19
N GLY A 601 4.50 -26.04 -27.26
CA GLY A 601 3.60 -25.00 -27.76
C GLY A 601 2.86 -24.30 -26.63
N LYS A 602 3.18 -24.57 -25.35
CA LYS A 602 2.55 -23.83 -24.23
C LYS A 602 3.17 -22.44 -24.13
N THR A 603 2.39 -21.44 -23.69
CA THR A 603 2.96 -20.12 -23.35
C THR A 603 3.24 -20.15 -21.85
N VAL A 604 4.48 -19.83 -21.49
CA VAL A 604 4.94 -19.90 -20.07
C VAL A 604 5.64 -18.59 -19.75
N ARG A 605 5.27 -18.01 -18.61
CA ARG A 605 5.97 -16.87 -17.99
C ARG A 605 6.80 -17.38 -16.80
N VAL A 606 8.08 -17.03 -16.72
CA VAL A 606 8.91 -17.36 -15.53
C VAL A 606 9.06 -16.07 -14.73
N VAL A 607 8.77 -16.16 -13.43
CA VAL A 607 8.81 -15.02 -12.48
C VAL A 607 9.84 -15.26 -11.39
N SER A 608 10.71 -14.29 -11.19
CA SER A 608 11.66 -14.27 -10.04
C SER A 608 10.95 -13.57 -8.89
N PHE A 609 10.93 -14.21 -7.72
CA PHE A 609 10.39 -13.65 -6.46
C PHE A 609 11.54 -13.41 -5.47
N VAL A 610 12.62 -12.82 -5.98
CA VAL A 610 13.82 -12.45 -5.18
C VAL A 610 13.42 -11.73 -3.89
N SER A 611 12.37 -10.88 -3.87
CA SER A 611 11.79 -10.36 -2.60
C SER A 611 10.26 -10.29 -2.65
N TRP A 612 9.60 -11.07 -1.83
CA TRP A 612 8.15 -10.93 -1.58
C TRP A 612 7.84 -9.51 -1.15
N GLU A 613 8.67 -8.94 -0.26
CA GLU A 613 8.37 -7.66 0.42
C GLU A 613 8.29 -6.54 -0.62
N LEU A 614 9.29 -6.48 -1.50
CA LEU A 614 9.31 -5.41 -2.51
C LEU A 614 8.16 -5.63 -3.51
N PHE A 615 7.82 -6.86 -3.84
CA PHE A 615 6.70 -7.13 -4.77
C PHE A 615 5.42 -6.57 -4.15
N ASP A 616 5.21 -6.84 -2.88
CA ASP A 616 3.94 -6.48 -2.18
C ASP A 616 3.81 -4.96 -2.15
N GLU A 617 4.91 -4.23 -2.19
CA GLU A 617 4.90 -2.72 -2.18
C GLU A 617 4.48 -2.14 -3.54
N GLN A 618 4.49 -2.91 -4.61
CA GLN A 618 4.27 -2.39 -5.99
C GLN A 618 2.78 -2.04 -6.19
N SER A 619 2.47 -1.32 -7.27
CA SER A 619 1.09 -0.92 -7.63
C SER A 619 0.26 -2.15 -8.00
N ASP A 620 -1.06 -2.05 -7.85
CA ASP A 620 -2.03 -3.05 -8.35
C ASP A 620 -1.76 -3.35 -9.84
N GLU A 621 -1.49 -2.31 -10.63
CA GLU A 621 -1.25 -2.42 -12.09
C GLU A 621 0.01 -3.28 -12.32
N TYR A 622 1.11 -2.98 -11.62
CA TYR A 622 2.35 -3.76 -11.74
C TYR A 622 2.09 -5.23 -11.37
N LYS A 623 1.43 -5.49 -10.24
CA LYS A 623 1.15 -6.87 -9.76
C LYS A 623 0.36 -7.64 -10.83
N GLU A 624 -0.67 -6.99 -11.38
CA GLU A 624 -1.53 -7.58 -12.44
C GLU A 624 -0.67 -7.88 -13.67
N SER A 625 0.35 -7.07 -13.96
CA SER A 625 1.23 -7.24 -15.15
C SER A 625 2.09 -8.50 -15.02
N VAL A 626 2.37 -8.94 -13.77
CA VAL A 626 3.23 -10.14 -13.50
C VAL A 626 2.35 -11.36 -13.21
N LEU A 627 1.36 -11.22 -12.34
CA LEU A 627 0.45 -12.32 -11.90
C LEU A 627 -0.98 -11.96 -12.27
N PRO A 628 -1.35 -12.06 -13.56
CA PRO A 628 -2.71 -11.74 -13.99
C PRO A 628 -3.77 -12.58 -13.28
N ALA A 629 -4.81 -11.93 -12.79
CA ALA A 629 -5.90 -12.56 -11.99
C ALA A 629 -6.52 -13.70 -12.80
N ALA A 630 -6.64 -13.54 -14.12
CA ALA A 630 -7.27 -14.52 -15.03
C ALA A 630 -6.45 -15.80 -15.07
N VAL A 631 -5.17 -15.75 -14.71
CA VAL A 631 -4.30 -16.95 -14.87
C VAL A 631 -4.26 -17.67 -13.54
N THR A 632 -4.83 -18.87 -13.51
CA THR A 632 -4.92 -19.74 -12.31
C THR A 632 -3.82 -20.81 -12.35
N ALA A 633 -3.27 -21.11 -13.52
CA ALA A 633 -2.24 -22.16 -13.70
C ALA A 633 -0.90 -21.56 -13.26
N ARG A 634 -0.56 -21.76 -11.99
CA ARG A 634 0.62 -21.14 -11.32
C ARG A 634 1.33 -22.20 -10.48
N ILE A 635 2.65 -22.22 -10.61
CA ILE A 635 3.56 -23.13 -9.88
C ILE A 635 4.62 -22.27 -9.22
N SER A 636 4.97 -22.59 -7.96
CA SER A 636 6.14 -21.99 -7.30
C SER A 636 7.13 -23.12 -7.00
N ILE A 637 8.43 -22.82 -7.06
CA ILE A 637 9.47 -23.79 -6.66
C ILE A 637 10.53 -23.08 -5.83
N GLU A 638 10.79 -23.63 -4.65
CA GLU A 638 11.76 -23.05 -3.69
C GLU A 638 12.13 -24.14 -2.70
N ALA A 639 13.43 -24.36 -2.46
CA ALA A 639 13.94 -25.38 -1.52
C ALA A 639 13.75 -24.89 -0.07
N GLY A 640 12.52 -24.89 0.41
CA GLY A 640 12.13 -24.49 1.77
C GLY A 640 10.64 -24.65 1.94
N SER A 641 10.12 -24.28 3.11
CA SER A 641 8.68 -24.38 3.44
C SER A 641 7.84 -23.87 2.25
N THR A 642 6.73 -24.54 1.97
CA THR A 642 5.71 -24.07 0.99
C THR A 642 4.76 -23.08 1.64
N LEU A 643 4.84 -22.88 2.97
CA LEU A 643 3.82 -22.07 3.69
C LEU A 643 3.88 -20.63 3.15
N GLY A 644 2.71 -20.08 2.79
CA GLY A 644 2.58 -18.69 2.33
C GLY A 644 2.65 -18.53 0.83
N TRP A 645 3.16 -19.52 0.09
CA TRP A 645 3.27 -19.38 -1.39
C TRP A 645 1.88 -19.33 -2.04
N GLN A 646 0.83 -19.85 -1.36
CA GLN A 646 -0.57 -19.79 -1.91
C GLN A 646 -0.97 -18.33 -2.18
N LYS A 647 -0.40 -17.36 -1.47
CA LYS A 647 -0.62 -15.91 -1.72
C LYS A 647 -0.36 -15.61 -3.20
N TYR A 648 0.66 -16.23 -3.79
CA TYR A 648 1.04 -15.98 -5.21
C TYR A 648 0.59 -17.12 -6.13
N VAL A 649 0.50 -18.37 -5.70
CA VAL A 649 0.14 -19.49 -6.62
C VAL A 649 -1.38 -19.71 -6.62
N GLY A 650 -2.07 -19.31 -5.55
CA GLY A 650 -3.54 -19.48 -5.39
C GLY A 650 -3.94 -20.90 -5.08
N ALA A 651 -5.19 -21.10 -4.66
CA ALA A 651 -5.72 -22.42 -4.26
C ALA A 651 -5.61 -23.42 -5.42
N GLN A 652 -5.74 -22.96 -6.67
CA GLN A 652 -5.68 -23.87 -7.85
C GLN A 652 -4.24 -24.08 -8.33
N GLY A 653 -3.28 -23.35 -7.78
CA GLY A 653 -1.86 -23.51 -8.16
C GLY A 653 -1.18 -24.57 -7.34
N LYS A 654 0.13 -24.70 -7.50
CA LYS A 654 0.90 -25.78 -6.84
C LYS A 654 2.20 -25.17 -6.32
N ALA A 655 2.48 -25.32 -5.02
CA ALA A 655 3.76 -24.88 -4.43
C ALA A 655 4.65 -26.11 -4.26
N ILE A 656 5.80 -26.13 -4.92
CA ILE A 656 6.81 -27.22 -4.83
C ILE A 656 7.85 -26.76 -3.84
N GLY A 657 8.01 -27.51 -2.76
CA GLY A 657 8.97 -27.13 -1.71
C GLY A 657 9.21 -28.27 -0.75
N ILE A 658 9.65 -27.91 0.45
CA ILE A 658 10.11 -28.88 1.46
C ILE A 658 9.46 -28.48 2.79
N ASP A 659 8.62 -29.35 3.33
CA ASP A 659 7.88 -29.09 4.59
C ASP A 659 8.31 -30.15 5.60
N LYS A 660 9.57 -30.53 5.57
CA LYS A 660 10.16 -31.56 6.49
C LYS A 660 11.63 -31.15 6.65
N PHE A 661 12.34 -31.77 7.57
CA PHE A 661 13.78 -31.48 7.73
C PHE A 661 14.53 -32.16 6.56
N GLY A 662 15.78 -31.75 6.42
CA GLY A 662 16.68 -32.19 5.36
C GLY A 662 17.32 -33.53 5.67
N ALA A 663 18.50 -33.75 5.13
CA ALA A 663 19.15 -35.07 5.11
C ALA A 663 20.65 -34.85 4.97
N SER A 664 21.42 -35.81 5.45
CA SER A 664 22.89 -35.81 5.31
C SER A 664 23.25 -36.64 4.10
N ALA A 665 23.50 -35.98 2.96
CA ALA A 665 23.76 -36.62 1.66
C ALA A 665 24.29 -35.58 0.69
N PRO A 666 24.92 -36.02 -0.41
CA PRO A 666 25.25 -35.12 -1.51
C PRO A 666 23.97 -34.37 -1.89
N ALA A 667 24.10 -33.05 -2.12
CA ALA A 667 22.98 -32.13 -2.42
C ALA A 667 22.14 -32.64 -3.61
N GLY A 668 22.80 -33.13 -4.67
CA GLY A 668 22.14 -33.67 -5.87
C GLY A 668 21.13 -34.75 -5.49
N THR A 669 21.51 -35.65 -4.57
CA THR A 669 20.65 -36.75 -4.10
C THR A 669 19.44 -36.18 -3.37
N ILE A 670 19.67 -35.16 -2.52
CA ILE A 670 18.55 -34.58 -1.73
C ILE A 670 17.54 -33.94 -2.67
N TYR A 671 18.00 -33.17 -3.66
CA TYR A 671 17.09 -32.51 -4.64
C TYR A 671 16.21 -33.55 -5.31
N LYS A 672 16.82 -34.63 -5.78
CA LYS A 672 16.10 -35.72 -6.47
C LYS A 672 15.06 -36.34 -5.51
N GLU A 673 15.49 -36.77 -4.32
CA GLU A 673 14.60 -37.48 -3.36
C GLU A 673 13.47 -36.57 -2.90
N TYR A 674 13.73 -35.27 -2.75
CA TYR A 674 12.74 -34.31 -2.20
C TYR A 674 11.87 -33.74 -3.34
N GLY A 675 12.13 -34.13 -4.60
CA GLY A 675 11.28 -33.74 -5.74
C GLY A 675 11.42 -32.27 -6.10
N ILE A 676 12.58 -31.68 -5.84
CA ILE A 676 12.85 -30.27 -6.25
C ILE A 676 13.49 -30.34 -7.63
N THR A 677 12.65 -30.59 -8.64
CA THR A 677 13.09 -31.05 -9.97
C THR A 677 12.28 -30.39 -11.10
N VAL A 678 12.83 -30.35 -12.31
CA VAL A 678 11.97 -29.92 -13.45
C VAL A 678 10.85 -30.94 -13.63
N GLU A 679 11.06 -32.24 -13.37
CA GLU A 679 9.95 -33.22 -13.54
C GLU A 679 8.78 -32.88 -12.62
N SER A 680 9.02 -32.39 -11.40
CA SER A 680 7.93 -31.97 -10.48
C SER A 680 7.13 -30.82 -11.09
N ILE A 681 7.80 -29.88 -11.72
CA ILE A 681 7.10 -28.73 -12.36
C ILE A 681 6.25 -29.26 -13.53
N ILE A 682 6.83 -30.10 -14.37
CA ILE A 682 6.10 -30.68 -15.54
C ILE A 682 4.87 -31.45 -15.04
N ALA A 683 5.00 -32.28 -13.99
CA ALA A 683 3.88 -33.06 -13.40
C ALA A 683 2.81 -32.09 -12.91
N ALA A 684 3.18 -31.03 -12.18
CA ALA A 684 2.21 -30.03 -11.71
C ALA A 684 1.52 -29.37 -12.91
N ALA A 685 2.24 -29.02 -13.96
CA ALA A 685 1.67 -28.36 -15.16
C ALA A 685 0.61 -29.28 -15.81
N LYS A 686 0.86 -30.59 -15.85
CA LYS A 686 -0.05 -31.61 -16.46
C LYS A 686 -1.36 -31.67 -15.68
N SER A 687 -1.31 -31.41 -14.38
CA SER A 687 -2.41 -31.63 -13.40
C SER A 687 -3.46 -30.53 -13.47
N PHE A 688 -3.19 -29.42 -14.16
CA PHE A 688 -4.14 -28.26 -14.21
C PHE A 688 -5.26 -28.57 -15.20
N ALA B 23 43.54 -51.74 31.14
CA ALA B 23 43.78 -50.56 30.22
C ALA B 23 44.92 -50.91 29.27
N ALA B 24 44.85 -50.45 28.02
CA ALA B 24 45.94 -50.59 27.04
C ALA B 24 47.13 -49.76 27.49
N THR B 25 48.32 -50.24 27.16
CA THR B 25 49.64 -49.69 27.50
C THR B 25 50.50 -49.71 26.23
N GLY B 26 51.59 -48.95 26.22
CA GLY B 26 52.65 -49.02 25.19
C GLY B 26 52.10 -49.03 23.78
N GLU B 27 52.54 -49.98 22.96
CA GLU B 27 52.23 -50.03 21.50
C GLU B 27 50.74 -50.28 21.29
N LEU B 28 50.10 -51.15 22.10
CA LEU B 28 48.64 -51.43 21.95
C LEU B 28 47.85 -50.13 22.14
N LEU B 29 48.18 -49.33 23.14
CA LEU B 29 47.53 -48.01 23.39
C LEU B 29 47.74 -47.12 22.15
N GLU B 30 48.98 -47.03 21.65
CA GLU B 30 49.30 -46.20 20.45
C GLU B 30 48.45 -46.66 19.27
N LYS B 31 48.37 -47.98 19.05
CA LYS B 31 47.64 -48.57 17.90
C LYS B 31 46.14 -48.33 18.06
N SER B 32 45.62 -48.38 19.29
CA SER B 32 44.18 -48.15 19.54
C SER B 32 43.84 -46.70 19.21
N VAL B 33 44.66 -45.77 19.72
CA VAL B 33 44.44 -44.31 19.48
C VAL B 33 44.58 -44.03 17.97
N ASN B 34 45.56 -44.63 17.29
CA ASN B 34 45.67 -44.40 15.82
C ASN B 34 44.50 -45.06 15.09
N THR B 35 43.95 -46.17 15.59
CA THR B 35 42.79 -46.81 14.93
C THR B 35 41.67 -45.76 14.85
N ILE B 36 41.46 -45.05 15.95
CA ILE B 36 40.41 -43.97 16.01
C ILE B 36 40.75 -42.89 14.98
N ARG B 37 42.00 -42.42 14.97
CA ARG B 37 42.45 -41.37 14.00
C ARG B 37 42.16 -41.79 12.57
N PHE B 38 42.56 -42.99 12.17
CA PHE B 38 42.47 -43.44 10.77
C PHE B 38 41.03 -43.83 10.39
N LEU B 39 40.20 -44.33 11.31
CA LEU B 39 38.77 -44.54 10.98
C LEU B 39 38.16 -43.19 10.57
N ALA B 40 38.46 -42.14 11.33
CA ALA B 40 37.97 -40.77 11.03
C ALA B 40 38.54 -40.30 9.69
N ILE B 41 39.86 -40.37 9.52
CA ILE B 41 40.53 -39.92 8.28
C ILE B 41 39.92 -40.65 7.07
N ASP B 42 39.82 -41.97 7.16
CA ASP B 42 39.40 -42.82 6.03
C ASP B 42 37.92 -42.61 5.73
N ALA B 43 37.06 -42.42 6.76
CA ALA B 43 35.61 -42.20 6.55
C ALA B 43 35.39 -40.85 5.84
N VAL B 44 36.09 -39.82 6.31
CA VAL B 44 36.06 -38.47 5.70
C VAL B 44 36.59 -38.55 4.26
N GLU B 45 37.69 -39.26 4.04
CA GLU B 45 38.30 -39.32 2.69
C GLU B 45 37.29 -39.97 1.72
N LYS B 46 36.63 -41.05 2.15
CA LYS B 46 35.70 -41.81 1.26
C LYS B 46 34.49 -40.92 0.91
N ALA B 47 33.97 -40.18 1.89
CA ALA B 47 32.82 -39.25 1.67
C ALA B 47 33.26 -38.02 0.87
N ASN B 48 34.57 -37.74 0.84
CA ASN B 48 35.16 -36.46 0.37
C ASN B 48 34.41 -35.31 1.06
N SER B 49 34.14 -35.48 2.35
CA SER B 49 33.28 -34.54 3.11
C SER B 49 33.44 -34.84 4.59
N GLY B 50 33.55 -33.81 5.41
CA GLY B 50 33.59 -33.95 6.88
C GLY B 50 34.90 -33.43 7.47
N HIS B 51 35.12 -33.77 8.74
CA HIS B 51 35.96 -33.04 9.70
C HIS B 51 36.94 -33.99 10.35
N PRO B 52 38.16 -34.13 9.81
CA PRO B 52 39.16 -35.03 10.39
C PRO B 52 39.97 -34.42 11.54
N GLY B 53 39.98 -33.09 11.67
CA GLY B 53 40.89 -32.40 12.59
C GLY B 53 40.62 -32.75 14.03
N LEU B 54 39.39 -32.55 14.46
CA LEU B 54 38.99 -32.76 15.87
C LEU B 54 39.24 -34.22 16.21
N PRO B 55 38.75 -35.22 15.42
CA PRO B 55 38.98 -36.62 15.75
C PRO B 55 40.45 -36.98 15.92
N MET B 56 41.33 -36.42 15.06
CA MET B 56 42.79 -36.69 15.14
C MET B 56 43.35 -36.15 16.47
N GLY B 57 42.96 -34.95 16.87
CA GLY B 57 43.43 -34.32 18.11
C GLY B 57 42.79 -34.93 19.36
N CYS B 58 41.54 -35.38 19.26
CA CYS B 58 40.76 -35.86 20.43
C CYS B 58 40.82 -37.38 20.60
N ALA B 59 41.48 -38.11 19.70
CA ALA B 59 41.53 -39.58 19.77
C ALA B 59 42.04 -40.04 21.14
N PRO B 60 43.10 -39.42 21.75
CA PRO B 60 43.56 -39.87 23.07
C PRO B 60 42.49 -39.75 24.15
N MET B 61 41.84 -38.58 24.28
CA MET B 61 40.81 -38.44 25.36
C MET B 61 39.57 -39.29 25.02
N GLY B 62 39.24 -39.46 23.73
CA GLY B 62 38.12 -40.32 23.31
C GLY B 62 38.38 -41.77 23.69
N HIS B 63 39.58 -42.26 23.41
CA HIS B 63 40.00 -43.64 23.76
C HIS B 63 39.85 -43.80 25.29
N VAL B 64 40.39 -42.89 26.08
CA VAL B 64 40.35 -43.06 27.57
C VAL B 64 38.90 -43.08 28.05
N LEU B 65 38.06 -42.20 27.52
CA LEU B 65 36.64 -42.09 27.90
C LEU B 65 35.90 -43.39 27.58
N TYR B 66 35.88 -43.85 26.33
CA TYR B 66 35.08 -45.05 25.96
C TYR B 66 35.75 -46.35 26.44
N ASP B 67 37.07 -46.44 26.38
CA ASP B 67 37.78 -47.71 26.68
C ASP B 67 38.00 -47.91 28.19
N GLU B 68 38.17 -46.84 28.98
CA GLU B 68 38.61 -46.98 30.40
C GLU B 68 37.57 -46.45 31.39
N VAL B 69 36.89 -45.34 31.09
CA VAL B 69 36.20 -44.55 32.14
C VAL B 69 34.70 -44.82 32.11
N MET B 70 34.06 -44.73 30.95
CA MET B 70 32.58 -44.73 30.89
C MET B 70 32.03 -46.12 31.19
N ARG B 71 30.93 -46.18 31.94
CA ARG B 71 30.11 -47.39 32.15
C ARG B 71 28.93 -47.37 31.18
N TYR B 72 28.82 -48.43 30.37
CA TYR B 72 27.77 -48.57 29.36
C TYR B 72 27.70 -50.04 28.96
N ASN B 73 26.58 -50.38 28.33
CA ASN B 73 26.44 -51.69 27.68
C ASN B 73 26.31 -51.40 26.19
N PRO B 74 27.33 -51.71 25.36
CA PRO B 74 27.28 -51.35 23.95
C PRO B 74 26.14 -52.07 23.21
N LYS B 75 25.59 -53.18 23.77
CA LYS B 75 24.44 -53.89 23.15
C LYS B 75 23.10 -53.40 23.72
N ASN B 76 23.13 -52.45 24.66
CA ASN B 76 21.90 -51.82 25.16
C ASN B 76 22.15 -50.32 25.36
N PRO B 77 22.02 -49.53 24.28
CA PRO B 77 22.21 -48.10 24.36
C PRO B 77 21.14 -47.40 25.21
N TYR B 78 20.09 -48.12 25.62
CA TYR B 78 18.95 -47.54 26.36
C TYR B 78 19.06 -47.79 27.88
N TRP B 79 20.08 -48.52 28.33
CA TRP B 79 20.26 -48.85 29.76
C TRP B 79 20.20 -47.58 30.60
N PHE B 80 19.24 -47.52 31.53
CA PHE B 80 18.94 -46.32 32.32
C PHE B 80 20.19 -45.73 32.98
N ASN B 81 21.04 -46.57 33.59
CA ASN B 81 22.11 -46.06 34.46
C ASN B 81 23.44 -45.93 33.73
N ARG B 82 23.44 -45.98 32.40
CA ARG B 82 24.68 -45.73 31.62
C ARG B 82 25.21 -44.34 31.95
N ASP B 83 26.53 -44.18 31.93
CA ASP B 83 27.14 -42.84 31.82
C ASP B 83 26.72 -42.28 30.47
N ARG B 84 26.57 -40.97 30.36
CA ARG B 84 26.17 -40.30 29.10
C ARG B 84 27.37 -39.54 28.54
N PHE B 85 27.58 -39.67 27.24
CA PHE B 85 28.63 -38.92 26.50
C PHE B 85 27.93 -38.06 25.46
N VAL B 86 28.37 -36.81 25.35
CA VAL B 86 27.87 -35.83 24.35
C VAL B 86 29.07 -35.22 23.65
N LEU B 87 29.04 -35.21 22.32
CA LEU B 87 29.98 -34.42 21.51
C LEU B 87 29.33 -33.10 21.15
N SER B 88 29.64 -32.05 21.91
CA SER B 88 29.10 -30.69 21.66
C SER B 88 29.67 -30.14 20.34
N ALA B 89 30.91 -30.48 20.03
CA ALA B 89 31.57 -30.07 18.77
C ALA B 89 31.20 -31.11 17.70
N GLY B 90 29.92 -31.14 17.29
CA GLY B 90 29.32 -32.24 16.53
C GLY B 90 29.97 -32.48 15.18
N HIS B 91 30.60 -31.44 14.60
CA HIS B 91 31.36 -31.60 13.34
C HIS B 91 32.37 -32.75 13.48
N GLY B 92 32.93 -32.93 14.66
CA GLY B 92 33.93 -33.99 14.95
C GLY B 92 33.30 -35.37 15.12
N CYS B 93 32.06 -35.60 14.63
CA CYS B 93 31.27 -36.82 14.88
C CYS B 93 32.03 -38.10 14.52
N MET B 94 32.98 -38.12 13.59
CA MET B 94 33.73 -39.37 13.27
C MET B 94 34.52 -39.85 14.50
N LEU B 95 34.89 -38.95 15.44
CA LEU B 95 35.43 -39.40 16.75
C LEU B 95 34.43 -40.36 17.42
N GLN B 96 33.16 -39.92 17.58
CA GLN B 96 32.15 -40.72 18.28
C GLN B 96 31.81 -41.96 17.46
N TYR B 97 31.68 -41.84 16.13
CA TYR B 97 31.33 -43.02 15.28
C TYR B 97 32.43 -44.09 15.42
N ALA B 98 33.69 -43.68 15.40
CA ALA B 98 34.84 -44.60 15.54
C ALA B 98 34.73 -45.33 16.89
N LEU B 99 34.43 -44.58 17.95
CA LEU B 99 34.39 -45.14 19.33
C LEU B 99 33.17 -46.05 19.48
N LEU B 100 31.99 -45.63 18.99
CA LEU B 100 30.79 -46.51 19.01
C LEU B 100 31.09 -47.80 18.25
N HIS B 101 31.79 -47.71 17.12
CA HIS B 101 32.14 -48.91 16.32
C HIS B 101 33.04 -49.83 17.14
N LEU B 102 34.15 -49.32 17.64
CA LEU B 102 35.14 -50.13 18.41
C LEU B 102 34.45 -50.71 19.65
N ALA B 103 33.56 -49.97 20.30
CA ALA B 103 32.90 -50.40 21.56
C ALA B 103 31.89 -51.53 21.30
N GLY B 104 31.47 -51.73 20.05
CA GLY B 104 30.58 -52.84 19.66
C GLY B 104 29.11 -52.42 19.57
N TYR B 105 28.81 -51.12 19.41
CA TYR B 105 27.42 -50.67 19.18
C TYR B 105 26.92 -51.16 17.81
N ASP B 106 25.69 -51.65 17.79
CA ASP B 106 25.07 -52.26 16.59
C ASP B 106 24.77 -51.21 15.53
N SER B 107 24.64 -49.95 15.94
CA SER B 107 24.26 -48.83 15.04
C SER B 107 25.45 -48.36 14.18
N VAL B 108 26.68 -48.77 14.51
CA VAL B 108 27.88 -48.36 13.75
C VAL B 108 28.73 -49.59 13.44
N LYS B 109 28.28 -50.33 12.42
CA LYS B 109 29.06 -51.40 11.78
C LYS B 109 30.13 -50.76 10.89
N GLU B 110 31.11 -51.58 10.48
CA GLU B 110 32.13 -51.14 9.51
C GLU B 110 31.46 -50.47 8.31
N GLU B 111 30.41 -51.07 7.77
CA GLU B 111 29.77 -50.51 6.55
C GLU B 111 29.13 -49.17 6.89
N ASP B 112 28.65 -48.93 8.12
CA ASP B 112 28.09 -47.60 8.45
C ASP B 112 29.20 -46.54 8.37
N LEU B 113 30.41 -46.83 8.82
CA LEU B 113 31.56 -45.90 8.68
C LEU B 113 31.81 -45.59 7.20
N LYS B 114 31.68 -46.60 6.34
CA LYS B 114 31.86 -46.47 4.88
C LYS B 114 30.71 -45.69 4.21
N GLN B 115 29.61 -45.43 4.92
CA GLN B 115 28.45 -44.65 4.41
C GLN B 115 28.28 -43.36 5.22
N PHE B 116 29.37 -42.90 5.81
CA PHE B 116 29.43 -41.56 6.43
C PHE B 116 28.94 -40.51 5.42
N ARG B 117 27.99 -39.70 5.85
CA ARG B 117 27.47 -38.49 5.14
C ARG B 117 26.71 -38.90 3.87
N GLN B 118 26.28 -40.18 3.77
CA GLN B 118 25.55 -40.71 2.60
C GLN B 118 24.05 -40.87 2.89
N TRP B 119 23.24 -40.78 1.84
CA TRP B 119 21.75 -40.82 1.94
C TRP B 119 21.28 -41.96 2.86
N GLY B 120 20.55 -41.61 3.91
CA GLY B 120 19.85 -42.52 4.83
C GLY B 120 20.80 -43.34 5.70
N SER B 121 22.08 -42.97 5.82
CA SER B 121 23.02 -43.73 6.67
C SER B 121 22.77 -43.45 8.16
N ARG B 122 23.31 -44.34 8.99
CA ARG B 122 23.34 -44.20 10.45
C ARG B 122 24.52 -43.33 10.88
N THR B 123 25.26 -42.76 9.91
CA THR B 123 26.47 -41.94 10.20
C THR B 123 26.33 -40.60 9.50
N PRO B 124 25.30 -39.79 9.86
CA PRO B 124 25.15 -38.47 9.29
C PRO B 124 26.31 -37.55 9.68
N GLY B 125 26.43 -36.45 8.93
CA GLY B 125 27.59 -35.54 9.04
C GLY B 125 27.62 -34.80 10.37
N HIS B 126 26.51 -34.79 11.12
CA HIS B 126 26.51 -34.33 12.53
C HIS B 126 25.71 -35.38 13.32
N PRO B 127 26.02 -35.57 14.62
CA PRO B 127 25.43 -36.66 15.39
C PRO B 127 23.94 -36.41 15.61
N GLU B 128 23.12 -37.45 15.33
CA GLU B 128 21.66 -37.42 15.42
C GLU B 128 21.17 -38.61 16.25
N ASN B 129 20.65 -38.34 17.45
CA ASN B 129 20.13 -39.40 18.36
C ASN B 129 19.09 -40.23 17.60
N PHE B 130 18.29 -39.61 16.74
CA PHE B 130 17.14 -40.27 16.07
C PHE B 130 17.64 -41.19 14.97
N GLU B 131 18.89 -41.09 14.55
CA GLU B 131 19.44 -41.97 13.47
C GLU B 131 20.34 -43.06 14.08
N THR B 132 20.88 -42.86 15.27
CA THR B 132 22.06 -43.65 15.72
C THR B 132 21.95 -43.97 17.20
N PRO B 133 21.28 -45.06 17.60
CA PRO B 133 21.23 -45.48 19.01
C PRO B 133 22.67 -45.57 19.57
N GLY B 134 22.93 -44.87 20.67
CA GLY B 134 24.27 -44.68 21.22
C GLY B 134 24.71 -43.24 21.13
N VAL B 135 24.11 -42.46 20.22
CA VAL B 135 24.19 -40.98 20.21
C VAL B 135 23.04 -40.41 21.05
N GLU B 136 23.34 -39.62 22.08
CA GLU B 136 22.35 -39.27 23.14
C GLU B 136 21.49 -38.09 22.72
N VAL B 137 22.07 -37.17 21.96
CA VAL B 137 21.39 -35.90 21.57
C VAL B 137 21.83 -35.54 20.16
N THR B 138 21.20 -34.52 19.57
CA THR B 138 21.58 -34.03 18.23
C THR B 138 22.42 -32.76 18.43
N THR B 139 23.63 -32.78 17.89
CA THR B 139 24.55 -31.64 17.93
C THR B 139 24.98 -31.28 16.50
N GLY B 140 25.88 -30.30 16.41
CA GLY B 140 26.19 -29.68 15.11
C GLY B 140 26.00 -28.17 15.22
N PRO B 141 24.85 -27.68 15.71
CA PRO B 141 24.73 -26.28 16.12
C PRO B 141 25.55 -26.10 17.41
N LEU B 142 26.60 -25.28 17.32
CA LEU B 142 27.60 -25.19 18.40
C LEU B 142 26.93 -24.70 19.68
N GLY B 143 27.36 -25.25 20.81
CA GLY B 143 26.86 -24.86 22.13
C GLY B 143 25.68 -25.67 22.60
N GLN B 144 24.89 -26.28 21.71
CA GLN B 144 23.74 -27.10 22.12
C GLN B 144 24.22 -28.23 23.05
N GLY B 145 25.29 -28.93 22.67
CA GLY B 145 25.67 -30.17 23.36
C GLY B 145 26.08 -29.94 24.81
N ILE B 146 26.89 -28.92 25.07
CA ILE B 146 27.29 -28.60 26.47
C ILE B 146 26.04 -28.26 27.27
N ALA B 147 25.09 -27.49 26.72
CA ALA B 147 23.84 -27.15 27.41
C ALA B 147 23.01 -28.44 27.63
N ASN B 148 22.99 -29.33 26.64
CA ASN B 148 22.29 -30.64 26.77
C ASN B 148 22.89 -31.42 27.95
N ALA B 149 24.22 -31.45 28.05
CA ALA B 149 24.97 -32.18 29.09
C ALA B 149 24.59 -31.62 30.48
N VAL B 150 24.35 -30.32 30.58
CA VAL B 150 23.86 -29.71 31.86
C VAL B 150 22.50 -30.31 32.20
N GLY B 151 21.62 -30.47 31.21
CA GLY B 151 20.31 -31.10 31.37
C GLY B 151 20.41 -32.57 31.74
N LEU B 152 21.29 -33.32 31.08
CA LEU B 152 21.46 -34.76 31.38
C LEU B 152 21.95 -34.89 32.82
N ALA B 153 22.83 -34.00 33.26
CA ALA B 153 23.39 -34.07 34.63
C ALA B 153 22.32 -33.59 35.63
N LEU B 154 21.50 -32.62 35.26
CA LEU B 154 20.36 -32.22 36.12
C LEU B 154 19.45 -33.43 36.32
N ALA B 155 19.13 -34.15 35.24
CA ALA B 155 18.23 -35.31 35.27
C ALA B 155 18.78 -36.36 36.25
N GLU B 156 20.07 -36.67 36.13
CA GLU B 156 20.71 -37.70 37.01
C GLU B 156 20.64 -37.22 38.47
N LYS B 157 20.98 -35.96 38.71
CA LYS B 157 21.08 -35.44 40.10
C LYS B 157 19.68 -35.45 40.71
N HIS B 158 18.66 -35.06 39.93
CA HIS B 158 17.25 -35.04 40.39
C HIS B 158 16.78 -36.46 40.76
N LEU B 159 17.00 -37.41 39.86
CA LEU B 159 16.55 -38.81 40.03
C LEU B 159 17.28 -39.43 41.23
N ALA B 160 18.58 -39.20 41.37
CA ALA B 160 19.37 -39.73 42.52
C ALA B 160 18.82 -39.17 43.85
N ALA B 161 18.62 -37.86 43.93
CA ALA B 161 18.10 -37.20 45.15
C ALA B 161 16.68 -37.71 45.43
N ARG B 162 15.89 -37.90 44.39
CA ARG B 162 14.47 -38.20 44.53
C ARG B 162 14.30 -39.68 44.89
N PHE B 163 15.13 -40.59 44.39
CA PHE B 163 14.86 -42.05 44.45
C PHE B 163 15.87 -42.83 45.26
N ASN B 164 17.09 -42.36 45.45
CA ASN B 164 18.12 -43.18 46.15
C ASN B 164 17.71 -43.34 47.62
N LYS B 165 18.02 -44.50 48.20
CA LYS B 165 17.75 -44.78 49.63
C LYS B 165 19.07 -45.13 50.30
N PRO B 166 19.15 -45.07 51.66
CA PRO B 166 20.42 -45.36 52.35
C PRO B 166 21.01 -46.71 51.95
N ASP B 167 20.15 -47.67 51.58
CA ASP B 167 20.60 -49.04 51.24
C ASP B 167 20.48 -49.31 49.74
N SER B 168 20.19 -48.30 48.90
CA SER B 168 20.04 -48.52 47.43
C SER B 168 20.39 -47.26 46.63
N GLU B 169 21.61 -47.18 46.09
CA GLU B 169 22.04 -46.09 45.18
C GLU B 169 21.64 -46.50 43.77
N ILE B 170 20.36 -46.48 43.49
CA ILE B 170 19.78 -47.00 42.23
C ILE B 170 20.11 -46.05 41.07
N VAL B 171 20.29 -44.77 41.34
CA VAL B 171 20.70 -43.78 40.29
C VAL B 171 22.12 -43.34 40.57
N ASP B 172 23.04 -43.59 39.64
CA ASP B 172 24.45 -43.18 39.78
C ASP B 172 25.15 -43.26 38.43
N HIS B 173 25.19 -42.13 37.71
CA HIS B 173 25.96 -42.07 36.45
C HIS B 173 26.48 -40.66 36.20
N TYR B 174 27.54 -40.59 35.40
CA TYR B 174 28.25 -39.34 35.05
C TYR B 174 27.78 -38.88 33.67
N THR B 175 28.00 -37.60 33.41
CA THR B 175 27.75 -36.94 32.12
C THR B 175 29.07 -36.36 31.62
N TYR B 176 29.59 -36.89 30.52
CA TYR B 176 30.88 -36.48 29.91
C TYR B 176 30.58 -35.72 28.61
N VAL B 177 31.26 -34.61 28.37
CA VAL B 177 31.01 -33.83 27.14
C VAL B 177 32.33 -33.29 26.60
N ILE B 178 32.53 -33.40 25.29
CA ILE B 178 33.66 -32.77 24.57
C ILE B 178 33.12 -31.55 23.86
N LEU B 179 33.69 -30.39 24.16
CA LEU B 179 33.35 -29.10 23.48
C LEU B 179 34.63 -28.41 23.05
N GLY B 180 34.56 -27.63 21.97
CA GLY B 180 35.72 -26.90 21.43
C GLY B 180 35.56 -25.40 21.59
N ASP B 181 36.37 -24.63 20.85
CA ASP B 181 36.45 -23.15 20.95
C ASP B 181 35.12 -22.57 20.50
N GLY B 182 34.48 -23.14 19.47
CA GLY B 182 33.19 -22.64 19.00
C GLY B 182 32.13 -22.67 20.09
N CYS B 183 31.94 -23.82 20.71
CA CYS B 183 30.97 -23.96 21.81
C CYS B 183 31.33 -22.94 22.91
N GLN B 184 32.63 -22.76 23.21
CA GLN B 184 33.07 -21.87 24.32
C GLN B 184 32.79 -20.39 24.00
N MET B 185 32.64 -20.04 22.72
CA MET B 185 32.31 -18.65 22.32
C MET B 185 30.81 -18.41 22.36
N GLU B 186 30.00 -19.47 22.21
CA GLU B 186 28.52 -19.33 22.11
C GLU B 186 27.89 -18.96 23.45
N GLY B 187 27.02 -17.95 23.43
CA GLY B 187 26.28 -17.51 24.63
C GLY B 187 25.56 -18.64 25.31
N ILE B 188 24.97 -19.57 24.54
CA ILE B 188 24.16 -20.65 25.15
C ILE B 188 25.04 -21.46 26.12
N ALA B 189 26.31 -21.67 25.82
CA ALA B 189 27.24 -22.45 26.67
C ALA B 189 27.52 -21.70 27.97
N ASN B 190 27.72 -20.38 27.91
CA ASN B 190 27.94 -19.58 29.16
C ASN B 190 26.68 -19.64 30.02
N GLU B 191 25.50 -19.50 29.43
CA GLU B 191 24.21 -19.59 30.16
C GLU B 191 24.13 -20.92 30.89
N ALA B 192 24.29 -22.03 30.16
CA ALA B 192 24.07 -23.38 30.73
C ALA B 192 25.16 -23.63 31.78
N CYS B 193 26.39 -23.22 31.52
CA CYS B 193 27.50 -23.48 32.48
C CYS B 193 27.36 -22.61 33.72
N SER B 194 26.77 -21.42 33.63
CA SER B 194 26.45 -20.61 34.83
C SER B 194 25.48 -21.44 35.71
N LEU B 195 24.43 -22.02 35.10
CA LEU B 195 23.47 -22.84 35.88
C LEU B 195 24.17 -24.08 36.42
N ALA B 196 25.02 -24.76 35.63
CA ALA B 196 25.67 -25.99 36.13
C ALA B 196 26.46 -25.68 37.40
N GLY B 197 27.18 -24.54 37.42
CA GLY B 197 27.95 -24.14 38.62
C GLY B 197 27.04 -23.80 39.76
N HIS B 198 25.96 -23.05 39.48
CA HIS B 198 24.94 -22.68 40.50
C HIS B 198 24.34 -23.95 41.12
N TRP B 199 24.06 -24.97 40.32
CA TRP B 199 23.40 -26.23 40.76
C TRP B 199 24.41 -27.23 41.34
N GLY B 200 25.70 -26.96 41.30
CA GLY B 200 26.69 -27.91 41.86
C GLY B 200 26.62 -29.27 41.20
N LEU B 201 26.56 -29.33 39.87
CA LEU B 201 26.49 -30.60 39.12
C LEU B 201 27.86 -31.27 39.08
N GLY B 202 28.24 -31.90 40.18
CA GLY B 202 29.57 -32.53 40.31
C GLY B 202 29.78 -33.72 39.42
N LYS B 203 28.75 -34.31 38.83
CA LYS B 203 28.95 -35.48 37.94
C LYS B 203 29.00 -35.05 36.47
N LEU B 204 28.93 -33.76 36.20
CA LEU B 204 29.18 -33.17 34.86
C LEU B 204 30.69 -32.94 34.72
N ILE B 205 31.29 -33.64 33.75
CA ILE B 205 32.75 -33.53 33.47
C ILE B 205 32.93 -33.18 31.98
N ALA B 206 33.36 -31.94 31.72
CA ALA B 206 33.48 -31.36 30.36
C ALA B 206 34.96 -31.35 29.96
N PHE B 207 35.26 -31.83 28.76
CA PHE B 207 36.60 -31.77 28.15
C PHE B 207 36.57 -30.68 27.08
N TYR B 208 37.33 -29.62 27.31
CA TYR B 208 37.50 -28.49 26.38
C TYR B 208 38.69 -28.84 25.48
N ASP B 209 38.41 -29.07 24.20
CA ASP B 209 39.44 -29.31 23.17
C ASP B 209 40.11 -27.98 22.88
N ASP B 210 41.20 -27.72 23.63
CA ASP B 210 41.93 -26.43 23.60
C ASP B 210 42.99 -26.52 22.49
N ASN B 211 42.59 -26.32 21.24
CA ASN B 211 43.50 -26.58 20.09
C ASN B 211 43.88 -25.27 19.41
N HIS B 212 43.45 -24.12 19.96
CA HIS B 212 43.82 -22.78 19.44
C HIS B 212 43.43 -22.61 17.96
N ILE B 213 42.48 -23.40 17.45
CA ILE B 213 42.04 -23.30 16.05
C ILE B 213 40.52 -23.25 15.98
N SER B 214 39.97 -22.36 15.18
CA SER B 214 38.58 -22.45 14.70
C SER B 214 38.61 -22.22 13.18
N ILE B 215 37.46 -22.03 12.54
CA ILE B 215 37.45 -22.00 11.05
C ILE B 215 38.31 -20.84 10.53
N ASP B 216 38.27 -19.68 11.19
CA ASP B 216 38.99 -18.48 10.70
C ASP B 216 40.50 -18.63 11.01
N GLY B 217 40.91 -19.67 11.74
CA GLY B 217 42.33 -19.91 11.99
C GLY B 217 42.65 -19.84 13.46
N ASP B 218 43.85 -19.36 13.79
CA ASP B 218 44.28 -19.23 15.20
C ASP B 218 43.18 -18.46 15.94
N THR B 219 42.84 -18.87 17.16
CA THR B 219 41.80 -18.26 18.02
C THR B 219 42.19 -16.83 18.41
N GLU B 220 43.46 -16.47 18.31
CA GLU B 220 43.97 -15.09 18.58
C GLU B 220 43.18 -14.07 17.74
N ILE B 221 42.58 -14.49 16.61
CA ILE B 221 41.86 -13.53 15.73
C ILE B 221 40.63 -12.95 16.44
N ALA B 222 39.96 -13.71 17.33
CA ALA B 222 38.68 -13.27 17.92
C ALA B 222 38.39 -13.85 19.32
N PHE B 223 39.32 -14.58 19.94
CA PHE B 223 38.99 -15.36 21.15
C PHE B 223 40.23 -15.47 22.03
N THR B 224 40.46 -14.45 22.86
CA THR B 224 41.66 -14.37 23.70
C THR B 224 41.29 -14.40 25.17
N GLU B 225 40.00 -14.55 25.50
CA GLU B 225 39.57 -14.57 26.91
C GLU B 225 40.25 -15.72 27.66
N ASP B 226 40.31 -15.59 28.99
CA ASP B 226 40.77 -16.64 29.91
C ASP B 226 39.58 -17.57 30.21
N VAL B 227 39.40 -18.60 29.39
CA VAL B 227 38.23 -19.50 29.52
C VAL B 227 38.21 -20.13 30.92
N SER B 228 39.34 -20.66 31.37
CA SER B 228 39.43 -21.39 32.67
C SER B 228 38.99 -20.49 33.83
N THR B 229 39.43 -19.21 33.83
CA THR B 229 39.06 -18.28 34.94
C THR B 229 37.57 -17.95 34.83
N ARG B 230 37.04 -17.78 33.63
CA ARG B 230 35.59 -17.58 33.47
C ARG B 230 34.86 -18.77 34.11
N PHE B 231 35.30 -20.00 33.83
CA PHE B 231 34.66 -21.21 34.41
C PHE B 231 34.76 -21.19 35.95
N GLU B 232 35.90 -20.80 36.51
CA GLU B 232 36.02 -20.66 37.99
C GLU B 232 34.95 -19.68 38.48
N ALA B 233 34.79 -18.56 37.79
CA ALA B 233 33.81 -17.50 38.16
C ALA B 233 32.40 -18.08 38.08
N LEU B 234 32.14 -19.03 37.16
CA LEU B 234 30.82 -19.70 37.00
C LEU B 234 30.59 -20.80 38.05
N GLY B 235 31.57 -21.07 38.91
CA GLY B 235 31.44 -22.03 40.03
C GLY B 235 31.93 -23.41 39.62
N TRP B 236 32.79 -23.51 38.60
CA TRP B 236 33.35 -24.79 38.13
C TRP B 236 34.70 -25.06 38.79
N HIS B 237 34.97 -26.35 38.98
CA HIS B 237 36.31 -26.92 39.18
C HIS B 237 37.03 -26.94 37.82
N THR B 238 38.29 -26.50 37.77
CA THR B 238 39.07 -26.45 36.53
C THR B 238 40.37 -27.24 36.65
N ILE B 239 40.71 -27.94 35.58
CA ILE B 239 42.01 -28.68 35.47
C ILE B 239 42.56 -28.31 34.10
N TRP B 240 43.88 -28.20 33.99
CA TRP B 240 44.54 -28.05 32.67
C TRP B 240 45.44 -29.25 32.40
N VAL B 241 45.10 -30.01 31.34
CA VAL B 241 45.97 -31.07 30.80
C VAL B 241 46.78 -30.44 29.66
N LYS B 242 48.06 -30.17 29.88
CA LYS B 242 48.86 -29.34 28.94
C LYS B 242 49.23 -30.13 27.68
N ASN B 243 49.28 -31.45 27.76
CA ASN B 243 49.60 -32.27 26.57
C ASN B 243 48.52 -33.34 26.42
N GLY B 244 47.45 -32.98 25.71
CA GLY B 244 46.36 -33.91 25.38
C GLY B 244 46.68 -34.84 24.24
N ASN B 245 47.80 -34.65 23.55
CA ASN B 245 48.17 -35.54 22.43
C ASN B 245 48.74 -36.84 22.98
N THR B 246 49.61 -36.78 23.99
CA THR B 246 50.30 -37.99 24.52
C THR B 246 50.24 -38.11 26.05
N GLY B 247 49.61 -37.21 26.78
CA GLY B 247 49.60 -37.26 28.26
C GLY B 247 48.44 -38.11 28.79
N TYR B 248 48.41 -39.40 28.46
CA TYR B 248 47.32 -40.32 28.86
C TYR B 248 47.18 -40.29 30.38
N ASP B 249 48.28 -40.40 31.13
CA ASP B 249 48.21 -40.46 32.61
C ASP B 249 47.65 -39.14 33.13
N ASP B 250 47.99 -38.00 32.51
CA ASP B 250 47.46 -36.68 32.93
C ASP B 250 45.94 -36.64 32.69
N ILE B 251 45.48 -37.17 31.56
CA ILE B 251 44.02 -37.25 31.27
C ILE B 251 43.33 -38.11 32.34
N ARG B 252 43.89 -39.27 32.61
CA ARG B 252 43.32 -40.22 33.63
C ARG B 252 43.28 -39.55 35.01
N ALA B 253 44.35 -38.89 35.42
CA ALA B 253 44.43 -38.23 36.74
C ALA B 253 43.43 -37.08 36.80
N ALA B 254 43.24 -36.35 35.70
CA ALA B 254 42.26 -35.24 35.64
C ALA B 254 40.86 -35.78 35.89
N ILE B 255 40.51 -36.89 35.26
CA ILE B 255 39.17 -37.48 35.41
C ILE B 255 39.00 -37.96 36.85
N LYS B 256 40.03 -38.57 37.42
CA LYS B 256 39.93 -39.04 38.81
C LYS B 256 39.75 -37.84 39.74
N GLU B 257 40.44 -36.74 39.50
CA GLU B 257 40.31 -35.52 40.36
C GLU B 257 38.88 -34.99 40.19
N ALA B 258 38.37 -34.96 38.97
CA ALA B 258 36.99 -34.53 38.66
C ALA B 258 35.98 -35.35 39.47
N LYS B 259 36.12 -36.68 39.51
CA LYS B 259 35.19 -37.52 40.30
C LYS B 259 35.32 -37.23 41.79
N ALA B 260 36.50 -36.84 42.26
CA ALA B 260 36.74 -36.53 43.70
C ALA B 260 36.04 -35.22 44.08
N VAL B 261 35.78 -34.31 43.12
CA VAL B 261 35.15 -33.00 43.46
C VAL B 261 33.66 -33.19 43.25
N THR B 262 32.90 -33.42 44.29
CA THR B 262 31.49 -33.84 44.14
C THR B 262 30.54 -32.63 44.07
N ASP B 263 30.97 -31.43 44.47
CA ASP B 263 30.04 -30.29 44.67
C ASP B 263 30.07 -29.32 43.48
N LYS B 264 31.00 -29.49 42.54
CA LYS B 264 31.12 -28.56 41.38
C LYS B 264 31.32 -29.36 40.09
N PRO B 265 30.75 -28.90 38.95
CA PRO B 265 31.08 -29.45 37.65
C PRO B 265 32.58 -29.18 37.36
N THR B 266 33.21 -30.03 36.55
CA THR B 266 34.64 -29.92 36.22
C THR B 266 34.83 -29.57 34.75
N LEU B 267 35.65 -28.57 34.47
CA LEU B 267 36.18 -28.28 33.13
C LEU B 267 37.61 -28.78 33.08
N ILE B 268 37.84 -29.80 32.25
CA ILE B 268 39.22 -30.29 31.97
C ILE B 268 39.62 -29.67 30.65
N LYS B 269 40.43 -28.62 30.71
CA LYS B 269 40.98 -27.97 29.51
C LYS B 269 42.10 -28.90 29.01
N VAL B 270 41.92 -29.48 27.82
CA VAL B 270 42.86 -30.48 27.25
C VAL B 270 43.49 -29.85 26.02
N THR B 271 44.76 -29.46 26.10
CA THR B 271 45.45 -28.82 24.96
C THR B 271 45.85 -29.91 23.97
N THR B 272 45.27 -29.86 22.76
CA THR B 272 45.59 -30.84 21.67
C THR B 272 46.13 -30.08 20.47
N THR B 273 46.67 -30.85 19.53
CA THR B 273 46.95 -30.36 18.16
C THR B 273 45.80 -30.81 17.29
N ILE B 274 45.08 -29.89 16.68
CA ILE B 274 44.05 -30.27 15.69
C ILE B 274 44.80 -30.98 14.55
N GLY B 275 44.24 -32.10 14.06
CA GLY B 275 44.90 -32.83 12.96
C GLY B 275 46.23 -33.45 13.39
N PHE B 276 46.41 -33.72 14.67
CA PHE B 276 47.62 -34.37 15.20
C PHE B 276 48.00 -35.53 14.28
N GLY B 277 49.24 -35.54 13.79
CA GLY B 277 49.79 -36.64 12.99
C GLY B 277 49.86 -36.30 11.52
N SER B 278 49.12 -35.29 11.05
CA SER B 278 49.23 -34.77 9.67
C SER B 278 50.46 -33.88 9.60
N PRO B 279 51.52 -34.28 8.85
CA PRO B 279 52.74 -33.46 8.79
C PRO B 279 52.49 -32.08 8.18
N ASN B 280 51.54 -31.95 7.24
CA ASN B 280 51.38 -30.71 6.44
C ASN B 280 50.13 -29.91 6.86
N LYS B 281 49.20 -30.50 7.60
CA LYS B 281 47.92 -29.80 7.92
C LYS B 281 47.65 -29.73 9.42
N ALA B 282 48.43 -30.38 10.29
CA ALA B 282 48.27 -30.27 11.75
C ALA B 282 48.29 -28.79 12.15
N ASN B 283 47.53 -28.40 13.15
CA ASN B 283 47.67 -27.06 13.76
C ASN B 283 47.26 -25.94 12.79
N SER B 284 46.33 -26.18 11.88
CA SER B 284 45.86 -25.18 10.90
C SER B 284 44.38 -25.36 10.64
N TYR B 285 43.72 -24.30 10.18
CA TYR B 285 42.29 -24.35 9.82
C TYR B 285 42.10 -25.34 8.66
N SER B 286 43.14 -25.58 7.83
CA SER B 286 43.21 -26.52 6.68
C SER B 286 42.59 -27.87 7.07
N VAL B 287 42.80 -28.33 8.30
CA VAL B 287 42.47 -29.74 8.70
C VAL B 287 41.15 -29.76 9.44
N HIS B 288 40.53 -28.61 9.70
CA HIS B 288 39.26 -28.54 10.45
C HIS B 288 38.15 -29.35 9.73
N GLY B 289 37.96 -29.12 8.42
CA GLY B 289 36.65 -29.30 7.77
C GLY B 289 36.72 -29.83 6.35
N SER B 290 37.81 -30.45 5.93
CA SER B 290 37.82 -31.11 4.61
C SER B 290 38.71 -32.35 4.66
N ALA B 291 38.48 -33.27 3.72
CA ALA B 291 39.29 -34.49 3.55
C ALA B 291 40.78 -34.10 3.42
N LEU B 292 41.65 -34.89 4.03
CA LEU B 292 43.11 -34.75 3.88
C LEU B 292 43.54 -34.74 2.40
N GLY B 293 42.90 -35.56 1.58
CA GLY B 293 43.30 -35.81 0.18
C GLY B 293 44.36 -36.88 0.12
N ALA B 294 44.55 -37.48 -1.06
CA ALA B 294 45.36 -38.71 -1.25
C ALA B 294 46.79 -38.49 -0.74
N LYS B 295 47.42 -37.38 -1.12
CA LYS B 295 48.86 -37.12 -0.82
C LYS B 295 49.01 -37.03 0.71
N GLU B 296 48.12 -36.31 1.40
CA GLU B 296 48.25 -36.06 2.85
C GLU B 296 47.76 -37.28 3.64
N VAL B 297 46.83 -38.07 3.11
CA VAL B 297 46.46 -39.36 3.77
C VAL B 297 47.73 -40.23 3.80
N GLU B 298 48.44 -40.38 2.68
CA GLU B 298 49.69 -41.20 2.61
C GLU B 298 50.75 -40.61 3.56
N ALA B 299 50.94 -39.29 3.55
CA ALA B 299 51.94 -38.63 4.42
C ALA B 299 51.61 -38.88 5.89
N THR B 300 50.33 -38.88 6.23
CA THR B 300 49.88 -39.09 7.63
C THR B 300 50.11 -40.54 8.03
N ARG B 301 49.79 -41.48 7.14
CA ARG B 301 50.05 -42.93 7.35
C ARG B 301 51.56 -43.10 7.61
N GLN B 302 52.41 -42.47 6.78
CA GLN B 302 53.88 -42.62 6.92
C GLN B 302 54.31 -41.97 8.25
N ASN B 303 53.79 -40.80 8.58
CA ASN B 303 54.24 -40.04 9.78
C ASN B 303 53.84 -40.78 11.06
N LEU B 304 52.60 -41.30 11.12
CA LEU B 304 52.10 -42.02 12.33
C LEU B 304 52.58 -43.47 12.32
N GLY B 305 53.07 -43.98 11.19
CA GLY B 305 53.52 -45.40 11.09
C GLY B 305 52.34 -46.34 11.01
N TRP B 306 51.42 -46.09 10.08
CA TRP B 306 50.15 -46.82 9.90
C TRP B 306 50.18 -47.49 8.54
N PRO B 307 50.69 -48.74 8.49
CA PRO B 307 50.82 -49.42 7.20
C PRO B 307 49.44 -49.92 6.73
N TYR B 308 48.46 -49.96 7.64
CA TYR B 308 47.17 -50.70 7.49
C TYR B 308 46.30 -50.07 6.38
N ASP B 309 45.53 -50.94 5.73
CA ASP B 309 44.53 -50.62 4.68
C ASP B 309 43.45 -49.68 5.27
N THR B 310 42.58 -49.15 4.43
CA THR B 310 41.51 -48.23 4.87
C THR B 310 40.50 -48.99 5.76
N PHE B 311 40.00 -48.31 6.78
CA PHE B 311 38.96 -48.79 7.73
C PHE B 311 39.48 -50.01 8.48
N PHE B 312 40.79 -50.09 8.70
CA PHE B 312 41.38 -51.34 9.28
C PHE B 312 41.44 -51.22 10.80
N VAL B 313 40.95 -52.25 11.49
CA VAL B 313 41.08 -52.40 12.95
C VAL B 313 42.08 -53.53 13.19
N PRO B 314 43.30 -53.23 13.67
CA PRO B 314 44.26 -54.30 13.96
C PRO B 314 43.65 -55.36 14.89
N GLU B 315 44.08 -56.62 14.70
CA GLU B 315 43.59 -57.78 15.50
C GLU B 315 43.76 -57.54 16.99
N ASP B 316 44.89 -56.96 17.40
CA ASP B 316 45.16 -56.76 18.85
C ASP B 316 44.22 -55.67 19.39
N VAL B 317 43.99 -54.62 18.62
CA VAL B 317 42.99 -53.56 18.98
C VAL B 317 41.59 -54.18 19.02
N LYS B 318 41.21 -54.97 18.01
CA LYS B 318 39.89 -55.66 17.95
C LYS B 318 39.69 -56.49 19.23
N SER B 319 40.66 -57.33 19.57
CA SER B 319 40.62 -58.21 20.76
C SER B 319 40.49 -57.37 22.04
N HIS B 320 41.30 -56.33 22.20
CA HIS B 320 41.24 -55.42 23.36
C HIS B 320 39.82 -54.87 23.55
N TRP B 321 39.25 -54.26 22.52
CA TRP B 321 37.91 -53.61 22.59
C TRP B 321 36.79 -54.64 22.78
N SER B 322 36.96 -55.89 22.33
CA SER B 322 35.89 -56.92 22.34
C SER B 322 35.37 -57.15 23.77
N ARG B 323 36.18 -56.89 24.78
CA ARG B 323 35.83 -57.13 26.20
C ARG B 323 34.64 -56.26 26.63
N HIS B 324 34.34 -55.16 25.94
CA HIS B 324 33.25 -54.22 26.37
C HIS B 324 31.89 -54.89 26.23
N THR B 325 31.75 -55.90 25.34
CA THR B 325 30.46 -56.56 25.12
C THR B 325 30.15 -57.40 26.36
N PRO B 326 30.96 -58.41 26.73
CA PRO B 326 30.71 -59.15 27.99
C PRO B 326 30.73 -58.29 29.25
N GLU B 327 31.69 -57.37 29.36
CA GLU B 327 31.80 -56.52 30.58
C GLU B 327 30.58 -55.61 30.70
N GLY B 328 30.13 -55.01 29.59
CA GLY B 328 28.95 -54.14 29.56
C GLY B 328 27.69 -54.92 29.92
N ALA B 329 27.52 -56.15 29.42
CA ALA B 329 26.36 -57.01 29.80
C ALA B 329 26.40 -57.24 31.33
N ALA B 330 27.58 -57.56 31.87
CA ALA B 330 27.76 -57.83 33.32
C ALA B 330 27.45 -56.57 34.15
N LEU B 331 27.88 -55.39 33.70
CA LEU B 331 27.61 -54.13 34.43
C LEU B 331 26.12 -53.89 34.47
N GLU B 332 25.45 -54.04 33.32
CA GLU B 332 23.99 -53.77 33.30
C GLU B 332 23.30 -54.80 34.19
N ALA B 333 23.73 -56.08 34.15
CA ALA B 333 23.11 -57.14 34.98
C ALA B 333 23.23 -56.75 36.47
N ASP B 334 24.37 -56.24 36.89
CA ASP B 334 24.57 -55.77 38.29
C ASP B 334 23.52 -54.70 38.65
N TRP B 335 23.33 -53.73 37.77
CA TRP B 335 22.31 -52.66 38.00
C TRP B 335 20.89 -53.27 38.01
N ASN B 336 20.56 -54.17 37.08
CA ASN B 336 19.24 -54.85 37.06
C ASN B 336 18.96 -55.51 38.43
N ALA B 337 19.94 -56.20 39.02
CA ALA B 337 19.79 -56.85 40.34
C ALA B 337 19.49 -55.79 41.41
N LYS B 338 20.22 -54.68 41.37
CA LYS B 338 19.96 -53.54 42.27
C LYS B 338 18.53 -53.02 42.06
N PHE B 339 18.05 -52.87 40.82
CA PHE B 339 16.68 -52.37 40.56
C PHE B 339 15.65 -53.38 41.07
N ALA B 340 15.86 -54.68 40.85
CA ALA B 340 14.92 -55.70 41.34
C ALA B 340 14.78 -55.59 42.89
N GLU B 341 15.87 -55.41 43.62
CA GLU B 341 15.89 -55.31 45.10
C GLU B 341 15.19 -54.00 45.53
N TYR B 342 15.44 -52.90 44.80
CA TYR B 342 14.76 -51.61 45.01
C TYR B 342 13.24 -51.80 44.90
N GLU B 343 12.79 -52.44 43.83
CA GLU B 343 11.36 -52.68 43.53
C GLU B 343 10.73 -53.55 44.63
N LYS B 344 11.49 -54.50 45.18
CA LYS B 344 11.03 -55.42 46.25
C LYS B 344 10.74 -54.58 47.50
N LYS B 345 11.69 -53.74 47.90
CA LYS B 345 11.66 -53.03 49.20
C LYS B 345 10.85 -51.72 49.08
N TYR B 346 10.88 -51.04 47.94
CA TYR B 346 10.27 -49.70 47.77
C TYR B 346 9.36 -49.71 46.56
N ALA B 347 8.25 -50.47 46.62
CA ALA B 347 7.41 -50.78 45.45
C ALA B 347 6.88 -49.49 44.83
N ASP B 348 6.34 -48.58 45.63
CA ASP B 348 5.69 -47.33 45.17
C ASP B 348 6.73 -46.44 44.45
N ASP B 349 7.87 -46.20 45.10
CA ASP B 349 8.97 -45.36 44.55
C ASP B 349 9.52 -46.02 43.28
N ALA B 350 9.68 -47.33 43.28
CA ALA B 350 10.12 -48.08 42.07
C ALA B 350 9.13 -47.88 40.92
N ALA B 351 7.82 -47.99 41.15
CA ALA B 351 6.80 -47.78 40.09
C ALA B 351 6.90 -46.34 39.53
N THR B 352 7.09 -45.34 40.39
CA THR B 352 7.24 -43.91 40.00
C THR B 352 8.48 -43.75 39.10
N LEU B 353 9.63 -44.25 39.55
CA LEU B 353 10.88 -44.23 38.75
C LEU B 353 10.70 -45.01 37.44
N LYS B 354 10.06 -46.18 37.48
CA LYS B 354 9.85 -47.02 36.28
C LYS B 354 9.09 -46.20 35.22
N SER B 355 8.12 -45.37 35.62
CA SER B 355 7.37 -44.46 34.69
C SER B 355 8.34 -43.54 33.95
N ILE B 356 9.31 -42.96 34.66
CA ILE B 356 10.32 -42.05 34.03
C ILE B 356 11.24 -42.89 33.13
N ILE B 357 11.62 -44.08 33.56
CA ILE B 357 12.51 -44.98 32.75
C ILE B 357 11.80 -45.42 31.45
N THR B 358 10.56 -45.88 31.53
CA THR B 358 9.92 -46.62 30.40
C THR B 358 9.18 -45.64 29.51
N GLY B 359 8.75 -44.52 30.08
CA GLY B 359 7.89 -43.56 29.38
C GLY B 359 6.42 -43.93 29.47
N GLU B 360 6.07 -45.03 30.12
CA GLU B 360 4.65 -45.44 30.29
C GLU B 360 4.07 -44.49 31.32
N LEU B 361 3.17 -43.62 30.90
CA LEU B 361 2.50 -42.62 31.76
C LEU B 361 1.47 -43.36 32.59
N PRO B 362 1.28 -43.04 33.90
CA PRO B 362 0.29 -43.75 34.70
C PRO B 362 -1.11 -43.78 34.09
N THR B 363 -1.82 -44.91 34.26
CA THR B 363 -3.22 -45.08 33.78
C THR B 363 -4.09 -43.99 34.41
N GLY B 364 -4.96 -43.38 33.60
CA GLY B 364 -5.96 -42.39 34.05
C GLY B 364 -5.38 -40.99 34.22
N TRP B 365 -4.13 -40.74 33.82
CA TRP B 365 -3.48 -39.42 34.03
C TRP B 365 -4.33 -38.31 33.39
N VAL B 366 -4.97 -38.57 32.25
CA VAL B 366 -5.75 -37.54 31.51
C VAL B 366 -6.88 -37.01 32.42
N ASP B 367 -7.46 -37.89 33.25
CA ASP B 367 -8.61 -37.52 34.13
C ASP B 367 -8.21 -36.47 35.18
N ALA B 368 -6.92 -36.23 35.40
CA ALA B 368 -6.46 -35.22 36.37
C ALA B 368 -6.68 -33.82 35.80
N LEU B 369 -6.79 -33.68 34.48
CA LEU B 369 -6.88 -32.34 33.85
C LEU B 369 -8.20 -31.69 34.23
N PRO B 370 -8.21 -30.35 34.37
CA PRO B 370 -9.40 -29.64 34.78
C PRO B 370 -10.46 -29.57 33.66
N LYS B 371 -11.70 -29.39 34.08
CA LYS B 371 -12.88 -29.25 33.20
C LYS B 371 -13.50 -27.87 33.46
N TYR B 372 -14.10 -27.28 32.43
CA TYR B 372 -14.72 -25.94 32.48
C TYR B 372 -16.02 -25.99 31.67
N THR B 373 -16.90 -25.02 31.93
CA THR B 373 -18.10 -24.76 31.11
C THR B 373 -18.18 -23.26 30.90
N PRO B 374 -19.07 -22.74 30.03
CA PRO B 374 -19.26 -21.30 29.90
C PRO B 374 -19.71 -20.60 31.19
N GLU B 375 -20.12 -21.33 32.23
CA GLU B 375 -20.46 -20.75 33.56
C GLU B 375 -19.22 -20.60 34.44
N SER B 376 -18.09 -21.22 34.08
CA SER B 376 -16.80 -21.02 34.79
C SER B 376 -16.40 -19.56 34.65
N PRO B 377 -15.80 -18.92 35.67
CA PRO B 377 -15.39 -17.53 35.50
C PRO B 377 -14.23 -17.43 34.48
N GLY B 378 -14.23 -16.35 33.69
CA GLY B 378 -13.19 -16.05 32.71
C GLY B 378 -11.81 -16.02 33.34
N ASP B 379 -10.79 -16.53 32.65
CA ASP B 379 -9.40 -16.44 33.13
C ASP B 379 -8.44 -16.45 31.95
N ALA B 380 -7.24 -15.99 32.20
CA ALA B 380 -6.14 -15.90 31.20
C ALA B 380 -5.66 -17.32 30.97
N THR B 381 -5.29 -17.67 29.74
CA THR B 381 -4.81 -19.05 29.50
C THR B 381 -3.45 -19.24 30.21
N ARG B 382 -2.74 -18.18 30.58
CA ARG B 382 -1.52 -18.35 31.42
C ARG B 382 -1.92 -18.95 32.79
N ASN B 383 -3.02 -18.51 33.39
CA ASN B 383 -3.49 -19.06 34.69
C ASN B 383 -4.04 -20.47 34.49
N LEU B 384 -4.78 -20.71 33.42
CA LEU B 384 -5.37 -22.03 33.12
C LEU B 384 -4.24 -23.02 32.89
N SER B 385 -3.16 -22.55 32.29
CA SER B 385 -1.92 -23.34 32.08
C SER B 385 -1.37 -23.77 33.43
N GLN B 386 -1.28 -22.86 34.40
CA GLN B 386 -0.78 -23.25 35.75
C GLN B 386 -1.67 -24.34 36.37
N GLN B 387 -2.98 -24.27 36.17
CA GLN B 387 -3.92 -25.28 36.71
C GLN B 387 -3.59 -26.64 36.11
N CYS B 388 -3.37 -26.69 34.81
CA CYS B 388 -3.04 -27.95 34.07
C CYS B 388 -1.69 -28.50 34.55
N LEU B 389 -0.66 -27.66 34.61
CA LEU B 389 0.68 -28.09 35.09
C LEU B 389 0.56 -28.70 36.50
N ASN B 390 -0.19 -28.06 37.39
CA ASN B 390 -0.29 -28.51 38.81
C ASN B 390 -1.04 -29.84 38.85
N ALA B 391 -2.09 -29.97 38.04
CA ALA B 391 -2.90 -31.22 37.99
C ALA B 391 -2.01 -32.34 37.46
N LEU B 392 -1.23 -32.06 36.41
CA LEU B 392 -0.39 -33.09 35.76
C LEU B 392 0.76 -33.51 36.68
N ALA B 393 1.27 -32.60 37.50
CA ALA B 393 2.43 -32.90 38.38
C ALA B 393 2.09 -34.11 39.28
N ASN B 394 0.83 -34.26 39.69
CA ASN B 394 0.41 -35.35 40.61
C ASN B 394 0.38 -36.69 39.87
N VAL B 395 0.24 -36.70 38.53
CA VAL B 395 0.00 -37.98 37.80
C VAL B 395 1.07 -38.25 36.73
N VAL B 396 1.99 -37.31 36.49
CA VAL B 396 3.08 -37.46 35.48
C VAL B 396 4.40 -37.30 36.23
N PRO B 397 4.98 -38.42 36.69
CA PRO B 397 6.16 -38.40 37.52
C PRO B 397 7.36 -37.63 36.90
N GLY B 398 7.48 -37.65 35.57
CA GLY B 398 8.60 -37.00 34.86
C GLY B 398 8.33 -35.55 34.50
N LEU B 399 7.22 -34.95 34.91
CA LEU B 399 6.97 -33.50 34.66
C LEU B 399 7.90 -32.68 35.56
N ILE B 400 8.75 -31.87 34.95
CA ILE B 400 9.80 -31.07 35.63
C ILE B 400 10.13 -29.86 34.76
N GLY B 401 10.41 -28.72 35.38
CA GLY B 401 10.74 -27.55 34.54
C GLY B 401 10.34 -26.25 35.17
N GLY B 402 10.28 -25.21 34.35
CA GLY B 402 9.98 -23.87 34.86
C GLY B 402 10.34 -22.77 33.91
N SER B 403 10.38 -21.57 34.47
CA SER B 403 10.44 -20.29 33.74
C SER B 403 11.84 -19.68 33.81
N ALA B 404 12.24 -19.02 32.73
CA ALA B 404 13.40 -18.12 32.67
C ALA B 404 13.08 -16.80 33.38
N ASP B 405 13.08 -16.83 34.72
CA ASP B 405 12.95 -15.64 35.61
C ASP B 405 11.56 -15.02 35.47
N LEU B 406 10.53 -15.77 35.06
CA LEU B 406 9.17 -15.20 34.91
C LEU B 406 8.13 -16.13 35.55
N ALA B 407 8.47 -16.79 36.66
CA ALA B 407 7.58 -17.78 37.30
C ALA B 407 6.21 -17.13 37.59
N SER B 408 6.21 -15.89 38.09
CA SER B 408 5.01 -15.20 38.62
C SER B 408 4.29 -14.49 37.48
N SER B 409 4.79 -14.58 36.24
CA SER B 409 4.15 -13.97 35.05
C SER B 409 3.73 -15.08 34.05
N ASN B 410 4.58 -16.07 33.81
CA ASN B 410 4.28 -17.24 32.95
C ASN B 410 3.39 -18.24 33.73
N MET B 411 3.38 -18.19 35.04
CA MET B 411 2.52 -19.03 35.96
C MET B 411 2.94 -20.50 35.87
N THR B 412 4.21 -20.78 36.13
CA THR B 412 4.83 -22.12 35.94
C THR B 412 5.01 -22.90 37.25
N LEU B 413 4.79 -22.31 38.43
CA LEU B 413 5.18 -23.01 39.69
C LEU B 413 4.23 -24.19 39.96
N LEU B 414 4.84 -25.34 40.22
CA LEU B 414 4.20 -26.55 40.79
C LEU B 414 4.13 -26.34 42.31
N LYS B 415 2.97 -25.98 42.81
CA LYS B 415 2.80 -25.42 44.17
C LYS B 415 3.07 -26.50 45.23
N MET B 416 3.06 -27.77 44.87
CA MET B 416 3.32 -28.85 45.86
C MET B 416 4.84 -29.09 46.00
N PHE B 417 5.68 -28.42 45.20
CA PHE B 417 7.12 -28.66 45.22
C PHE B 417 7.87 -27.35 45.47
N GLY B 418 9.10 -27.52 45.96
CA GLY B 418 10.10 -26.47 46.07
C GLY B 418 10.90 -26.37 44.78
N ASP B 419 12.08 -25.76 44.91
CA ASP B 419 12.98 -25.47 43.78
C ASP B 419 14.09 -26.51 43.73
N PHE B 420 14.37 -27.00 42.53
CA PHE B 420 15.64 -27.67 42.20
C PHE B 420 16.79 -26.75 42.58
N GLN B 421 17.66 -27.24 43.47
CA GLN B 421 18.92 -26.58 43.82
C GLN B 421 19.94 -27.66 44.19
N LYS B 422 21.18 -27.26 44.35
CA LYS B 422 22.32 -28.16 44.71
C LYS B 422 21.91 -29.09 45.86
N ASP B 423 21.27 -28.55 46.90
CA ASP B 423 20.96 -29.30 48.15
C ASP B 423 19.53 -29.87 48.14
N THR B 424 18.71 -29.52 47.14
CA THR B 424 17.29 -29.96 47.03
C THR B 424 17.02 -30.45 45.61
N ALA B 425 17.87 -31.30 45.06
CA ALA B 425 17.76 -31.70 43.63
C ALA B 425 16.51 -32.57 43.45
N GLU B 426 15.87 -33.07 44.51
CA GLU B 426 14.65 -33.90 44.38
C GLU B 426 13.46 -33.03 43.93
N GLU B 427 13.55 -31.70 44.09
CA GLU B 427 12.45 -30.76 43.79
C GLU B 427 12.29 -30.58 42.27
N ARG B 428 11.10 -30.15 41.83
CA ARG B 428 10.70 -30.28 40.41
C ARG B 428 10.45 -28.93 39.75
N ASN B 429 10.53 -27.83 40.49
CA ASN B 429 10.54 -26.47 39.88
C ASN B 429 11.99 -26.12 39.55
N VAL B 430 12.25 -25.91 38.28
CA VAL B 430 13.59 -25.50 37.80
C VAL B 430 13.54 -24.01 37.49
N ARG B 431 14.40 -23.24 38.12
CA ARG B 431 14.44 -21.76 38.04
C ARG B 431 15.61 -21.38 37.15
N PHE B 432 15.36 -21.00 35.89
CA PHE B 432 16.45 -20.95 34.87
C PHE B 432 17.16 -19.59 34.87
N GLY B 433 16.64 -18.61 35.57
CA GLY B 433 17.06 -17.20 35.40
C GLY B 433 16.86 -16.74 33.98
N VAL B 434 17.52 -15.65 33.58
CA VAL B 434 17.29 -14.97 32.28
C VAL B 434 18.20 -15.60 31.22
N ARG B 435 17.86 -16.84 30.86
CA ARG B 435 18.70 -17.77 30.09
C ARG B 435 17.81 -18.63 29.18
N GLU B 436 17.12 -18.01 28.23
CA GLU B 436 16.11 -18.74 27.42
C GLU B 436 16.81 -19.82 26.61
N HIS B 437 17.89 -19.51 25.92
CA HIS B 437 18.54 -20.46 25.00
C HIS B 437 19.09 -21.65 25.79
N GLY B 438 19.84 -21.36 26.86
CA GLY B 438 20.36 -22.43 27.71
C GLY B 438 19.23 -23.26 28.26
N MET B 439 18.15 -22.61 28.71
CA MET B 439 16.95 -23.31 29.25
C MET B 439 16.42 -24.34 28.24
N GLY B 440 16.24 -23.97 26.97
CA GLY B 440 15.72 -24.88 25.93
C GLY B 440 16.61 -26.08 25.75
N ALA B 441 17.92 -25.86 25.64
CA ALA B 441 18.87 -26.98 25.40
C ALA B 441 18.99 -27.83 26.66
N ILE B 442 18.88 -27.23 27.85
CA ILE B 442 18.84 -28.04 29.12
C ILE B 442 17.63 -28.96 29.06
N CYS B 443 16.47 -28.44 28.66
CA CYS B 443 15.24 -29.24 28.56
C CYS B 443 15.38 -30.33 27.51
N ASN B 444 16.08 -30.10 26.39
CA ASN B 444 16.35 -31.17 25.40
C ASN B 444 17.12 -32.30 26.09
N GLY B 445 18.12 -31.97 26.89
CA GLY B 445 18.90 -32.95 27.66
C GLY B 445 18.03 -33.72 28.63
N ILE B 446 17.14 -33.05 29.36
CA ILE B 446 16.20 -33.77 30.29
C ILE B 446 15.33 -34.72 29.46
N ALA B 447 14.69 -34.24 28.38
CA ALA B 447 13.78 -35.04 27.57
C ALA B 447 14.50 -36.28 27.06
N LEU B 448 15.77 -36.14 26.66
CA LEU B 448 16.48 -37.25 25.98
C LEU B 448 17.27 -38.08 26.99
N HIS B 449 17.19 -37.73 28.28
CA HIS B 449 17.76 -38.57 29.36
C HIS B 449 17.00 -39.89 29.41
N SER B 450 15.69 -39.81 29.60
CA SER B 450 14.78 -40.96 29.75
C SER B 450 13.43 -40.61 29.12
N PRO B 451 12.77 -41.55 28.42
CA PRO B 451 11.57 -41.22 27.66
C PRO B 451 10.32 -40.86 28.50
N GLY B 452 10.34 -41.08 29.81
CA GLY B 452 9.26 -40.67 30.72
C GLY B 452 9.44 -39.27 31.30
N PHE B 453 10.54 -38.59 31.00
CA PHE B 453 10.66 -37.15 31.31
C PHE B 453 9.72 -36.37 30.40
N VAL B 454 9.08 -35.39 31.02
CA VAL B 454 8.17 -34.42 30.36
C VAL B 454 8.65 -33.05 30.80
N PRO B 455 9.74 -32.52 30.23
CA PRO B 455 10.26 -31.22 30.64
C PRO B 455 9.41 -30.11 30.04
N TYR B 456 9.18 -29.07 30.83
CA TYR B 456 8.48 -27.85 30.35
C TYR B 456 9.35 -26.65 30.69
N CYS B 457 9.32 -25.65 29.81
CA CYS B 457 10.03 -24.39 30.09
C CYS B 457 9.27 -23.23 29.49
N ALA B 458 9.56 -22.03 29.97
CA ALA B 458 8.67 -20.90 29.76
C ALA B 458 9.45 -19.59 29.66
N THR B 459 8.92 -18.71 28.81
CA THR B 459 9.25 -17.27 28.77
C THR B 459 8.08 -16.58 28.08
N PHE B 460 8.17 -15.27 27.92
CA PHE B 460 7.25 -14.58 27.01
C PHE B 460 7.49 -15.14 25.62
N PHE B 461 6.41 -15.37 24.88
CA PHE B 461 6.45 -15.97 23.52
C PHE B 461 7.41 -15.21 22.60
N VAL B 462 7.48 -13.88 22.70
CA VAL B 462 8.37 -13.09 21.81
C VAL B 462 9.83 -13.55 21.95
N PHE B 463 10.24 -14.05 23.13
CA PHE B 463 11.64 -14.41 23.41
C PHE B 463 11.93 -15.85 23.03
N THR B 464 10.98 -16.53 22.37
CA THR B 464 11.34 -17.75 21.62
C THR B 464 12.49 -17.44 20.66
N ASP B 465 12.58 -16.21 20.14
CA ASP B 465 13.66 -15.85 19.21
C ASP B 465 15.03 -16.09 19.84
N TYR B 466 15.19 -15.85 21.16
CA TYR B 466 16.47 -16.02 21.87
C TYR B 466 16.89 -17.49 21.90
N MET B 467 15.90 -18.39 21.93
CA MET B 467 16.10 -19.81 22.24
C MET B 467 15.71 -20.68 21.03
N ARG B 468 15.49 -20.06 19.87
CA ARG B 468 15.00 -20.73 18.65
C ARG B 468 16.00 -21.80 18.19
N GLY B 469 17.29 -21.63 18.37
CA GLY B 469 18.26 -22.69 17.96
C GLY B 469 17.97 -24.00 18.68
N ALA B 470 17.73 -23.95 19.98
CA ALA B 470 17.41 -25.14 20.79
C ALA B 470 16.01 -25.65 20.43
N MET B 471 15.04 -24.76 20.20
CA MET B 471 13.65 -25.20 19.89
C MET B 471 13.64 -26.00 18.59
N ARG B 472 14.36 -25.53 17.57
CA ARG B 472 14.46 -26.24 16.27
C ARG B 472 15.06 -27.63 16.53
N ILE B 473 16.04 -27.71 17.41
CA ILE B 473 16.68 -29.03 17.68
C ILE B 473 15.72 -29.91 18.48
N SER B 474 14.85 -29.36 19.35
CA SER B 474 13.75 -30.17 19.94
C SER B 474 12.99 -30.89 18.81
N ALA B 475 12.60 -30.14 17.79
CA ALA B 475 11.80 -30.64 16.66
C ALA B 475 12.61 -31.70 15.89
N LEU B 476 13.85 -31.41 15.54
CA LEU B 476 14.69 -32.34 14.74
C LEU B 476 14.99 -33.60 15.56
N SER B 477 15.32 -33.46 16.86
CA SER B 477 15.83 -34.59 17.69
C SER B 477 14.66 -35.35 18.33
N GLU B 478 13.41 -34.95 18.06
CA GLU B 478 12.20 -35.63 18.57
C GLU B 478 12.21 -35.57 20.09
N ALA B 479 12.53 -34.41 20.66
CA ALA B 479 12.52 -34.18 22.11
C ALA B 479 11.19 -33.53 22.47
N GLY B 480 10.41 -34.21 23.32
CA GLY B 480 9.03 -33.80 23.61
C GLY B 480 9.01 -32.71 24.68
N VAL B 481 9.67 -31.57 24.41
CA VAL B 481 9.70 -30.45 25.38
C VAL B 481 8.38 -29.70 25.24
N ILE B 482 7.80 -29.32 26.37
CA ILE B 482 6.59 -28.46 26.38
C ILE B 482 7.03 -27.01 26.60
N TYR B 483 6.80 -26.19 25.60
CA TYR B 483 7.17 -24.77 25.58
C TYR B 483 5.95 -23.95 25.96
N VAL B 484 5.99 -23.41 27.17
CA VAL B 484 4.87 -22.67 27.80
C VAL B 484 5.14 -21.16 27.57
N MET B 485 4.48 -20.59 26.58
CA MET B 485 4.92 -19.27 26.05
C MET B 485 3.76 -18.26 26.21
N THR B 486 3.82 -17.47 27.29
CA THR B 486 2.73 -16.56 27.67
C THR B 486 2.92 -15.19 27.01
N HIS B 487 1.95 -14.30 27.18
CA HIS B 487 2.03 -12.90 26.68
C HIS B 487 2.15 -12.99 25.16
N ASP B 488 1.22 -13.70 24.55
CA ASP B 488 1.34 -14.23 23.15
C ASP B 488 1.01 -13.18 22.08
N SER B 489 0.64 -11.94 22.44
CA SER B 489 0.17 -10.96 21.42
C SER B 489 0.18 -9.51 21.94
N ILE B 490 -0.31 -8.61 21.09
CA ILE B 490 -0.61 -7.20 21.48
C ILE B 490 -1.49 -7.19 22.73
N GLY B 491 -2.20 -8.29 23.03
CA GLY B 491 -2.98 -8.44 24.28
C GLY B 491 -2.20 -8.11 25.53
N LEU B 492 -0.86 -8.18 25.50
CA LEU B 492 -0.04 -7.84 26.69
C LEU B 492 -0.01 -6.33 26.94
N GLY B 493 -0.26 -5.49 25.92
CA GLY B 493 -0.40 -4.02 26.11
C GLY B 493 0.92 -3.28 26.26
N GLU B 494 1.11 -2.59 27.38
CA GLU B 494 2.02 -1.43 27.54
C GLU B 494 3.50 -1.76 27.32
N ASP B 495 3.97 -2.99 27.56
CA ASP B 495 5.40 -3.31 27.32
C ASP B 495 5.75 -3.00 25.85
N GLY B 496 4.80 -3.03 24.94
CA GLY B 496 5.01 -2.44 23.62
C GLY B 496 5.67 -3.40 22.62
N PRO B 497 6.07 -2.87 21.45
CA PRO B 497 6.42 -3.69 20.29
C PRO B 497 7.66 -4.59 20.48
N THR B 498 8.58 -4.20 21.35
CA THR B 498 9.75 -5.07 21.71
C THR B 498 9.28 -6.41 22.29
N HIS B 499 8.10 -6.45 22.90
CA HIS B 499 7.59 -7.61 23.69
C HIS B 499 6.44 -8.33 22.99
N GLN B 500 5.87 -7.75 21.92
CA GLN B 500 4.62 -8.27 21.33
C GLN B 500 4.95 -9.17 20.14
N PRO B 501 4.63 -10.48 20.23
CA PRO B 501 4.78 -11.34 19.07
C PRO B 501 3.89 -10.88 17.90
N ILE B 502 4.38 -11.09 16.69
CA ILE B 502 3.65 -10.81 15.42
C ILE B 502 3.87 -12.02 14.50
N GLU B 503 5.12 -12.25 14.10
CA GLU B 503 5.52 -13.30 13.14
C GLU B 503 5.66 -14.67 13.82
N HIS B 504 5.57 -14.74 15.15
CA HIS B 504 6.04 -15.93 15.91
C HIS B 504 5.19 -17.16 15.58
N LEU B 505 3.86 -17.05 15.61
CA LEU B 505 2.98 -18.24 15.37
C LEU B 505 3.36 -18.84 14.01
N VAL B 506 3.36 -18.04 12.94
CA VAL B 506 3.60 -18.60 11.58
C VAL B 506 5.05 -19.11 11.48
N SER B 507 5.99 -18.47 12.17
CA SER B 507 7.42 -18.88 12.15
C SER B 507 7.54 -20.32 12.68
N PHE B 508 6.67 -20.76 13.59
CA PHE B 508 6.66 -22.16 14.11
C PHE B 508 5.70 -23.06 13.31
N ARG B 509 4.61 -22.52 12.78
CA ARG B 509 3.74 -23.32 11.87
C ARG B 509 4.58 -23.82 10.69
N ALA B 510 5.57 -23.05 10.24
CA ALA B 510 6.45 -23.43 9.09
C ALA B 510 7.49 -24.48 9.53
N MET B 511 7.79 -24.55 10.81
CA MET B 511 8.91 -25.39 11.31
C MET B 511 8.44 -26.84 11.35
N PRO B 512 9.19 -27.81 10.75
CA PRO B 512 8.80 -29.21 10.84
C PRO B 512 8.80 -29.75 12.29
N ASN B 513 7.92 -30.72 12.54
CA ASN B 513 7.81 -31.52 13.78
C ASN B 513 7.74 -30.62 15.03
N ILE B 514 6.81 -29.67 15.04
CA ILE B 514 6.54 -28.93 16.31
C ILE B 514 5.09 -28.47 16.24
N LEU B 515 4.36 -28.63 17.34
CA LEU B 515 2.95 -28.16 17.39
C LEU B 515 2.95 -26.70 17.84
N MET B 516 2.15 -25.90 17.18
CA MET B 516 1.96 -24.48 17.56
C MET B 516 0.52 -24.35 18.04
N LEU B 517 0.30 -24.67 19.31
CA LEU B 517 -1.05 -24.68 19.93
C LEU B 517 -1.40 -23.29 20.45
N ARG B 518 -2.63 -22.83 20.19
CA ARG B 518 -3.04 -21.49 20.66
C ARG B 518 -4.43 -21.59 21.28
N PRO B 519 -4.52 -22.14 22.52
CA PRO B 519 -5.82 -22.41 23.13
C PRO B 519 -6.60 -21.14 23.48
N ALA B 520 -7.92 -21.19 23.26
CA ALA B 520 -8.83 -20.04 23.50
C ALA B 520 -9.19 -19.91 24.99
N ASP B 521 -9.27 -21.00 25.72
CA ASP B 521 -9.98 -21.02 27.03
C ASP B 521 -9.55 -22.24 27.86
N GLY B 522 -10.30 -22.54 28.92
CA GLY B 522 -9.93 -23.64 29.84
C GLY B 522 -9.93 -24.99 29.17
N ASN B 523 -11.01 -25.34 28.46
CA ASN B 523 -11.09 -26.67 27.82
C ASN B 523 -9.98 -26.78 26.76
N GLU B 524 -9.70 -25.72 26.02
CA GLU B 524 -8.65 -25.83 24.95
C GLU B 524 -7.27 -25.93 25.61
N THR B 525 -7.05 -25.26 26.72
CA THR B 525 -5.73 -25.31 27.43
C THR B 525 -5.53 -26.74 27.95
N ALA B 526 -6.57 -27.33 28.55
CA ALA B 526 -6.52 -28.75 29.01
C ALA B 526 -6.23 -29.66 27.81
N GLY B 527 -6.89 -29.44 26.68
CA GLY B 527 -6.68 -30.21 25.44
C GLY B 527 -5.25 -30.07 24.94
N ALA B 528 -4.72 -28.86 24.95
CA ALA B 528 -3.33 -28.59 24.49
C ALA B 528 -2.35 -29.35 25.38
N TYR B 529 -2.58 -29.37 26.70
CA TYR B 529 -1.72 -30.15 27.63
C TYR B 529 -1.85 -31.64 27.42
N LYS B 530 -3.07 -32.17 27.20
CA LYS B 530 -3.21 -33.61 26.89
C LYS B 530 -2.34 -33.96 25.66
N VAL B 531 -2.50 -33.19 24.59
CA VAL B 531 -1.72 -33.40 23.33
C VAL B 531 -0.22 -33.32 23.66
N ALA B 532 0.20 -32.30 24.43
CA ALA B 532 1.63 -32.05 24.67
C ALA B 532 2.24 -33.24 25.43
N VAL B 533 1.54 -33.73 26.45
CA VAL B 533 2.06 -34.87 27.27
C VAL B 533 2.10 -36.15 26.42
N LEU B 534 1.08 -36.41 25.60
CA LEU B 534 1.04 -37.62 24.74
C LEU B 534 2.22 -37.61 23.74
N ASN B 535 2.62 -36.42 23.31
CA ASN B 535 3.60 -36.23 22.19
C ASN B 535 5.01 -36.27 22.75
N ARG B 536 5.52 -37.47 23.01
CA ARG B 536 6.85 -37.67 23.59
C ARG B 536 7.94 -37.58 22.51
N LYS B 537 7.58 -37.47 21.23
CA LYS B 537 8.56 -37.43 20.12
C LYS B 537 8.40 -36.16 19.29
N ARG B 538 7.63 -35.18 19.77
CA ARG B 538 7.38 -33.92 19.05
C ARG B 538 7.14 -32.83 20.08
N PRO B 539 7.96 -31.75 20.09
CA PRO B 539 7.75 -30.65 21.02
C PRO B 539 6.42 -29.95 20.73
N SER B 540 5.86 -29.33 21.74
CA SER B 540 4.59 -28.58 21.67
C SER B 540 4.86 -27.19 22.21
N ILE B 541 4.44 -26.17 21.45
CA ILE B 541 4.43 -24.78 21.95
C ILE B 541 2.99 -24.45 22.29
N LEU B 542 2.76 -23.88 23.47
CA LEU B 542 1.44 -23.32 23.87
C LEU B 542 1.59 -21.81 23.95
N ALA B 543 0.93 -21.10 23.05
CA ALA B 543 0.84 -19.63 23.05
C ALA B 543 -0.34 -19.28 23.99
N LEU B 544 -0.02 -18.63 25.11
CA LEU B 544 -0.95 -18.36 26.23
C LEU B 544 -1.08 -16.84 26.48
N SER B 545 -2.27 -16.42 26.89
CA SER B 545 -2.67 -15.00 26.99
C SER B 545 -2.18 -14.44 28.34
N ARG B 546 -1.79 -13.16 28.30
CA ARG B 546 -1.69 -12.34 29.53
C ARG B 546 -3.11 -12.13 30.08
N GLN B 547 -4.04 -11.77 29.20
CA GLN B 547 -5.35 -11.18 29.58
C GLN B 547 -6.41 -12.26 29.79
N LYS B 548 -7.43 -11.96 30.61
CA LYS B 548 -8.53 -12.92 30.90
C LYS B 548 -9.40 -13.09 29.66
N LEU B 549 -9.85 -14.32 29.43
CA LEU B 549 -10.70 -14.69 28.29
C LEU B 549 -11.88 -15.51 28.82
N PRO B 550 -13.04 -15.43 28.15
CA PRO B 550 -14.19 -16.22 28.58
C PRO B 550 -14.01 -17.69 28.21
N HIS B 551 -14.72 -18.56 28.91
CA HIS B 551 -14.89 -19.97 28.51
C HIS B 551 -16.00 -20.01 27.47
N LEU B 552 -15.75 -20.60 26.31
CA LEU B 552 -16.67 -20.47 25.16
C LEU B 552 -17.47 -21.75 25.05
N PRO B 553 -18.79 -21.65 24.72
CA PRO B 553 -19.57 -22.83 24.35
C PRO B 553 -18.87 -23.59 23.22
N GLY B 554 -18.74 -24.91 23.36
CA GLY B 554 -18.33 -25.78 22.24
C GLY B 554 -16.85 -26.12 22.22
N THR B 555 -16.02 -25.50 23.06
CA THR B 555 -14.59 -25.90 23.15
C THR B 555 -14.53 -27.27 23.82
N SER B 556 -13.56 -28.09 23.45
CA SER B 556 -13.39 -29.46 23.98
C SER B 556 -11.97 -29.96 23.75
N ILE B 557 -11.55 -30.89 24.59
CA ILE B 557 -10.25 -31.63 24.46
C ILE B 557 -10.28 -32.38 23.12
N GLU B 558 -11.40 -33.03 22.83
CA GLU B 558 -11.61 -33.83 21.60
C GLU B 558 -11.40 -32.93 20.37
N GLY B 559 -11.90 -31.70 20.43
CA GLY B 559 -11.70 -30.68 19.39
C GLY B 559 -10.22 -30.35 19.23
N VAL B 560 -9.52 -30.04 20.32
CA VAL B 560 -8.08 -29.65 20.26
C VAL B 560 -7.30 -30.77 19.56
N GLU B 561 -7.61 -32.03 19.87
CA GLU B 561 -6.90 -33.19 19.29
C GLU B 561 -7.03 -33.17 17.76
N LYS B 562 -8.05 -32.51 17.21
CA LYS B 562 -8.24 -32.44 15.74
C LYS B 562 -7.67 -31.14 15.15
N GLY B 563 -7.24 -30.18 15.99
CA GLY B 563 -6.53 -28.98 15.53
C GLY B 563 -7.41 -27.89 14.99
N GLY B 564 -8.36 -28.24 14.13
CA GLY B 564 -9.39 -27.33 13.61
C GLY B 564 -10.74 -27.98 13.80
N TYR B 565 -11.67 -27.32 14.50
CA TYR B 565 -12.96 -27.95 14.82
C TYR B 565 -14.01 -26.88 15.05
N THR B 566 -15.25 -27.25 14.77
CA THR B 566 -16.41 -26.35 14.87
C THR B 566 -16.80 -26.22 16.35
N ILE B 567 -16.97 -25.00 16.83
CA ILE B 567 -17.46 -24.73 18.20
C ILE B 567 -18.91 -24.26 18.17
N SER B 568 -19.37 -23.64 17.08
CA SER B 568 -20.81 -23.28 16.95
C SER B 568 -21.24 -23.30 15.48
N ASP B 569 -22.53 -23.59 15.23
CA ASP B 569 -23.02 -23.75 13.84
C ASP B 569 -24.56 -23.76 13.85
N ASN B 570 -25.18 -22.81 13.18
CA ASN B 570 -26.65 -22.79 12.97
C ASN B 570 -26.98 -23.08 11.50
N SER B 571 -26.09 -23.74 10.75
CA SER B 571 -26.24 -23.93 9.29
C SER B 571 -27.02 -25.24 9.02
N THR B 572 -27.41 -25.45 7.77
CA THR B 572 -27.97 -26.74 7.30
C THR B 572 -27.21 -27.19 6.05
N GLY B 573 -27.17 -28.49 5.81
CA GLY B 573 -26.60 -29.07 4.58
C GLY B 573 -25.09 -28.87 4.48
N ASN B 574 -24.39 -28.60 5.59
CA ASN B 574 -22.93 -28.28 5.56
C ASN B 574 -22.71 -27.14 4.58
N LYS B 575 -23.63 -26.16 4.59
CA LYS B 575 -23.53 -24.97 3.72
C LYS B 575 -23.81 -23.72 4.53
N PRO B 576 -22.99 -23.41 5.57
CA PRO B 576 -23.08 -22.13 6.25
C PRO B 576 -22.90 -20.99 5.24
N ASP B 577 -23.65 -19.90 5.39
CA ASP B 577 -23.47 -18.67 4.61
C ASP B 577 -22.03 -18.15 4.87
N LEU B 578 -21.50 -18.37 6.08
CA LEU B 578 -20.19 -17.80 6.49
C LEU B 578 -19.46 -18.77 7.43
N ILE B 579 -18.16 -18.92 7.22
CA ILE B 579 -17.26 -19.56 8.23
C ILE B 579 -16.31 -18.50 8.79
N VAL B 580 -16.31 -18.36 10.12
CA VAL B 580 -15.33 -17.50 10.83
C VAL B 580 -14.44 -18.42 11.66
N MET B 581 -13.13 -18.32 11.45
CA MET B 581 -12.15 -19.11 12.20
C MET B 581 -11.27 -18.18 13.04
N GLY B 582 -10.90 -18.66 14.22
CA GLY B 582 -10.05 -17.90 15.14
C GLY B 582 -9.20 -18.81 15.99
N THR B 583 -8.24 -18.22 16.69
CA THR B 583 -7.39 -18.95 17.66
C THR B 583 -7.27 -18.11 18.91
N GLY B 584 -6.91 -18.75 20.03
CA GLY B 584 -6.61 -18.07 21.28
C GLY B 584 -7.62 -16.99 21.62
N SER B 585 -7.10 -15.84 22.03
CA SER B 585 -7.87 -14.64 22.46
C SER B 585 -8.77 -14.10 21.35
N GLU B 586 -8.59 -14.51 20.08
CA GLU B 586 -9.43 -13.94 18.99
C GLU B 586 -10.65 -14.85 18.75
N LEU B 587 -10.70 -16.05 19.31
CA LEU B 587 -11.86 -16.96 19.09
C LEU B 587 -13.13 -16.32 19.67
N GLU B 588 -13.05 -15.66 20.83
CA GLU B 588 -14.24 -14.99 21.43
C GLU B 588 -14.73 -13.86 20.50
N ILE B 589 -13.83 -13.23 19.76
CA ILE B 589 -14.21 -12.13 18.82
C ILE B 589 -15.00 -12.74 17.66
N ALA B 590 -14.50 -13.84 17.09
CA ALA B 590 -15.19 -14.62 16.05
C ALA B 590 -16.58 -15.05 16.57
N ALA B 591 -16.67 -15.52 17.84
CA ALA B 591 -17.93 -16.05 18.44
C ALA B 591 -18.93 -14.90 18.55
N LYS B 592 -18.48 -13.72 18.99
CA LYS B 592 -19.35 -12.56 19.20
C LYS B 592 -19.84 -12.04 17.86
N ALA B 593 -18.97 -11.99 16.85
CA ALA B 593 -19.33 -11.55 15.49
C ALA B 593 -20.39 -12.52 14.94
N ALA B 594 -20.18 -13.83 15.08
CA ALA B 594 -21.14 -14.86 14.63
C ALA B 594 -22.52 -14.65 15.27
N ASP B 595 -22.58 -14.39 16.58
CA ASP B 595 -23.84 -14.08 17.31
C ASP B 595 -24.56 -12.92 16.62
N GLU B 596 -23.85 -11.82 16.31
CA GLU B 596 -24.46 -10.62 15.71
C GLU B 596 -24.93 -10.95 14.30
N LEU B 597 -24.15 -11.70 13.53
CA LEU B 597 -24.51 -12.04 12.13
C LEU B 597 -25.70 -12.99 12.10
N ARG B 598 -25.76 -13.94 13.02
CA ARG B 598 -26.90 -14.91 13.08
C ARG B 598 -28.20 -14.17 13.37
N LYS B 599 -28.17 -13.09 14.16
CA LYS B 599 -29.38 -12.30 14.53
C LYS B 599 -29.91 -11.55 13.30
N GLU B 600 -29.07 -11.32 12.29
CA GLU B 600 -29.45 -10.70 11.00
C GLU B 600 -29.94 -11.77 10.01
N GLY B 601 -30.01 -13.04 10.42
CA GLY B 601 -30.56 -14.15 9.61
C GLY B 601 -29.49 -14.95 8.88
N LYS B 602 -28.21 -14.66 9.08
CA LYS B 602 -27.12 -15.41 8.41
C LYS B 602 -26.88 -16.73 9.15
N THR B 603 -26.50 -17.76 8.43
CA THR B 603 -26.02 -19.02 9.05
C THR B 603 -24.49 -18.91 9.11
N VAL B 604 -23.94 -19.13 10.30
CA VAL B 604 -22.50 -18.92 10.56
C VAL B 604 -21.99 -20.16 11.30
N ARG B 605 -20.81 -20.63 10.85
CA ARG B 605 -20.04 -21.66 11.56
C ARG B 605 -18.80 -21.00 12.13
N VAL B 606 -18.52 -21.21 13.42
CA VAL B 606 -17.29 -20.69 14.08
C VAL B 606 -16.38 -21.89 14.28
N VAL B 607 -15.14 -21.73 13.83
CA VAL B 607 -14.11 -22.80 13.83
C VAL B 607 -12.91 -22.34 14.67
N SER B 608 -12.49 -23.17 15.60
CA SER B 608 -11.26 -23.00 16.37
C SER B 608 -10.13 -23.66 15.58
N PHE B 609 -9.05 -22.92 15.36
CA PHE B 609 -7.82 -23.45 14.69
C PHE B 609 -6.65 -23.52 15.69
N VAL B 610 -6.96 -24.04 16.89
CA VAL B 610 -5.99 -24.22 18.00
C VAL B 610 -4.69 -24.86 17.51
N SER B 611 -4.71 -25.78 16.53
CA SER B 611 -3.46 -26.24 15.85
C SER B 611 -3.69 -26.46 14.36
N TRP B 612 -2.97 -25.70 13.54
CA TRP B 612 -2.92 -25.95 12.08
C TRP B 612 -2.37 -27.36 11.84
N GLU B 613 -1.33 -27.75 12.59
CA GLU B 613 -0.60 -29.02 12.32
C GLU B 613 -1.57 -30.20 12.50
N LEU B 614 -2.31 -30.22 13.60
CA LEU B 614 -3.22 -31.35 13.86
C LEU B 614 -4.37 -31.31 12.84
N PHE B 615 -4.88 -30.14 12.45
CA PHE B 615 -5.95 -30.06 11.45
C PHE B 615 -5.47 -30.71 10.16
N ASP B 616 -4.25 -30.38 9.75
CA ASP B 616 -3.70 -30.84 8.46
C ASP B 616 -3.59 -32.36 8.47
N GLU B 617 -3.40 -32.97 9.65
CA GLU B 617 -3.26 -34.45 9.79
C GLU B 617 -4.60 -35.18 9.60
N GLN B 618 -5.73 -34.48 9.63
CA GLN B 618 -7.08 -35.10 9.62
C GLN B 618 -7.42 -35.66 8.23
N SER B 619 -8.46 -36.51 8.16
CA SER B 619 -8.97 -37.07 6.89
C SER B 619 -9.54 -35.96 6.00
N ASP B 620 -9.54 -36.19 4.69
CA ASP B 620 -10.26 -35.34 3.70
C ASP B 620 -11.72 -35.16 4.12
N GLU B 621 -12.36 -36.24 4.57
CA GLU B 621 -13.80 -36.22 4.98
C GLU B 621 -13.96 -35.27 6.18
N TYR B 622 -13.09 -35.38 7.18
CA TYR B 622 -13.15 -34.49 8.36
C TYR B 622 -12.98 -33.03 7.92
N LYS B 623 -11.98 -32.73 7.08
CA LYS B 623 -11.69 -31.35 6.61
C LYS B 623 -12.91 -30.80 5.90
N GLU B 624 -13.53 -31.60 5.02
CA GLU B 624 -14.75 -31.20 4.28
C GLU B 624 -15.88 -30.91 5.28
N SER B 625 -15.96 -31.64 6.38
CA SER B 625 -17.04 -31.46 7.40
C SER B 625 -16.92 -30.10 8.10
N VAL B 626 -15.70 -29.52 8.15
CA VAL B 626 -15.41 -28.24 8.88
C VAL B 626 -15.34 -27.08 7.89
N LEU B 627 -14.59 -27.26 6.80
CA LEU B 627 -14.37 -26.25 5.74
C LEU B 627 -14.88 -26.81 4.43
N PRO B 628 -16.22 -26.84 4.22
CA PRO B 628 -16.79 -27.35 2.97
C PRO B 628 -16.27 -26.56 1.75
N ALA B 629 -15.83 -27.29 0.72
CA ALA B 629 -15.33 -26.71 -0.56
C ALA B 629 -16.36 -25.73 -1.14
N ALA B 630 -17.66 -25.99 -0.98
CA ALA B 630 -18.73 -25.15 -1.59
C ALA B 630 -18.80 -23.80 -0.87
N VAL B 631 -18.25 -23.69 0.34
CA VAL B 631 -18.38 -22.43 1.11
C VAL B 631 -17.11 -21.62 0.88
N THR B 632 -17.27 -20.47 0.22
CA THR B 632 -16.17 -19.56 -0.18
C THR B 632 -16.12 -18.37 0.78
N ALA B 633 -17.21 -18.07 1.50
CA ALA B 633 -17.29 -16.89 2.39
C ALA B 633 -16.63 -17.31 3.71
N ARG B 634 -15.32 -17.01 3.83
CA ARG B 634 -14.48 -17.43 4.98
C ARG B 634 -13.66 -16.26 5.50
N ILE B 635 -13.62 -16.14 6.83
CA ILE B 635 -12.88 -15.07 7.55
C ILE B 635 -12.03 -15.74 8.62
N SER B 636 -10.78 -15.31 8.76
CA SER B 636 -9.93 -15.74 9.89
C SER B 636 -9.62 -14.50 10.71
N ILE B 637 -9.46 -14.67 12.03
CA ILE B 637 -9.01 -13.56 12.90
C ILE B 637 -8.00 -14.10 13.92
N GLU B 638 -6.84 -13.47 13.98
CA GLU B 638 -5.74 -13.87 14.86
C GLU B 638 -4.81 -12.66 15.00
N ALA B 639 -4.46 -12.29 16.24
CA ALA B 639 -3.58 -11.14 16.53
C ALA B 639 -2.11 -11.51 16.25
N GLY B 640 -1.76 -11.60 14.97
CA GLY B 640 -0.43 -11.97 14.47
C GLY B 640 -0.43 -11.93 12.95
N SER B 641 0.71 -12.23 12.33
CA SER B 641 0.86 -12.31 10.86
C SER B 641 -0.36 -13.00 10.24
N THR B 642 -0.83 -12.48 9.10
CA THR B 642 -1.87 -13.15 8.28
C THR B 642 -1.26 -14.22 7.37
N LEU B 643 0.07 -14.35 7.33
CA LEU B 643 0.72 -15.24 6.35
C LEU B 643 0.29 -16.69 6.60
N GLY B 644 -0.09 -17.40 5.52
CA GLY B 644 -0.52 -18.80 5.53
C GLY B 644 -2.01 -19.01 5.81
N TRP B 645 -2.74 -18.01 6.30
CA TRP B 645 -4.19 -18.15 6.58
C TRP B 645 -4.97 -18.37 5.27
N GLN B 646 -4.43 -17.90 4.14
CA GLN B 646 -5.10 -18.05 2.82
C GLN B 646 -5.36 -19.55 2.53
N LYS B 647 -4.51 -20.43 3.04
CA LYS B 647 -4.73 -21.89 2.89
C LYS B 647 -6.11 -22.29 3.42
N TYR B 648 -6.60 -21.66 4.48
CA TYR B 648 -7.89 -22.03 5.13
C TYR B 648 -9.01 -21.07 4.74
N VAL B 649 -8.72 -19.79 4.47
CA VAL B 649 -9.81 -18.85 4.09
C VAL B 649 -10.04 -18.86 2.57
N GLY B 650 -9.08 -19.34 1.80
CA GLY B 650 -9.20 -19.57 0.34
C GLY B 650 -9.21 -18.29 -0.48
N ALA B 651 -9.44 -18.48 -1.78
CA ALA B 651 -9.38 -17.47 -2.85
C ALA B 651 -10.28 -16.29 -2.50
N GLN B 652 -11.50 -16.55 -2.02
CA GLN B 652 -12.50 -15.47 -1.81
C GLN B 652 -12.40 -14.92 -0.37
N GLY B 653 -11.61 -15.51 0.51
CA GLY B 653 -11.75 -15.24 1.96
C GLY B 653 -10.92 -14.07 2.43
N LYS B 654 -11.04 -13.71 3.70
CA LYS B 654 -10.35 -12.53 4.28
C LYS B 654 -9.67 -12.98 5.57
N ALA B 655 -8.38 -12.69 5.70
CA ALA B 655 -7.58 -12.92 6.92
C ALA B 655 -7.44 -11.59 7.63
N ILE B 656 -7.96 -11.50 8.86
CA ILE B 656 -7.84 -10.31 9.74
C ILE B 656 -6.69 -10.58 10.69
N GLY B 657 -5.66 -9.74 10.64
CA GLY B 657 -4.47 -9.97 11.47
C GLY B 657 -3.61 -8.74 11.52
N ILE B 658 -2.33 -8.94 11.83
CA ILE B 658 -1.35 -7.85 12.08
C ILE B 658 -0.07 -8.20 11.31
N ASP B 659 0.30 -7.36 10.33
CA ASP B 659 1.50 -7.60 9.49
C ASP B 659 2.45 -6.43 9.69
N LYS B 660 2.48 -5.85 10.88
CA LYS B 660 3.42 -4.78 11.27
C LYS B 660 3.75 -4.99 12.75
N PHE B 661 4.66 -4.20 13.29
CA PHE B 661 4.98 -4.28 14.73
C PHE B 661 3.84 -3.65 15.55
N GLY B 662 3.88 -3.91 16.85
CA GLY B 662 2.86 -3.49 17.81
C GLY B 662 3.04 -2.07 18.30
N ALA B 663 2.58 -1.81 19.52
CA ALA B 663 2.42 -0.44 20.05
C ALA B 663 2.52 -0.50 21.57
N SER B 664 2.89 0.60 22.19
CA SER B 664 2.99 0.68 23.67
C SER B 664 1.75 1.42 24.14
N ALA B 665 0.73 0.68 24.55
CA ALA B 665 -0.58 1.19 24.97
C ALA B 665 -1.34 0.11 25.72
N PRO B 666 -2.38 0.50 26.50
CA PRO B 666 -3.33 -0.46 27.02
C PRO B 666 -3.81 -1.36 25.85
N ALA B 667 -3.90 -2.66 26.13
CA ALA B 667 -4.17 -3.69 25.10
C ALA B 667 -5.50 -3.40 24.36
N GLY B 668 -6.52 -2.96 25.09
CA GLY B 668 -7.85 -2.60 24.51
C GLY B 668 -7.70 -1.59 23.40
N THR B 669 -6.87 -0.57 23.58
CA THR B 669 -6.61 0.49 22.58
C THR B 669 -5.93 -0.12 21.36
N ILE B 670 -4.96 -1.03 21.56
CA ILE B 670 -4.22 -1.62 20.42
C ILE B 670 -5.20 -2.45 19.57
N TYR B 671 -6.04 -3.26 20.20
CA TYR B 671 -7.02 -4.10 19.47
C TYR B 671 -7.89 -3.20 18.59
N LYS B 672 -8.39 -2.11 19.14
CA LYS B 672 -9.27 -1.19 18.41
C LYS B 672 -8.48 -0.58 17.25
N GLU B 673 -7.31 0.00 17.50
CA GLU B 673 -6.52 0.71 16.45
C GLU B 673 -6.08 -0.28 15.35
N TYR B 674 -5.79 -1.52 15.68
CA TYR B 674 -5.28 -2.54 14.72
C TYR B 674 -6.44 -3.24 14.04
N GLY B 675 -7.69 -2.91 14.38
CA GLY B 675 -8.88 -3.49 13.75
C GLY B 675 -9.07 -4.97 14.08
N ILE B 676 -8.60 -5.42 15.23
CA ILE B 676 -8.83 -6.83 15.69
C ILE B 676 -10.13 -6.82 16.50
N THR B 677 -11.25 -6.73 15.79
CA THR B 677 -12.57 -6.36 16.37
C THR B 677 -13.71 -7.16 15.75
N VAL B 678 -14.86 -7.25 16.44
CA VAL B 678 -16.07 -7.83 15.78
C VAL B 678 -16.45 -6.92 14.61
N GLU B 679 -16.27 -5.59 14.69
CA GLU B 679 -16.68 -4.73 13.54
C GLU B 679 -15.87 -5.10 12.29
N SER B 680 -14.59 -5.48 12.43
CA SER B 680 -13.77 -5.90 11.26
C SER B 680 -14.36 -7.16 10.64
N ILE B 681 -14.77 -8.12 11.47
CA ILE B 681 -15.39 -9.37 10.93
C ILE B 681 -16.70 -9.01 10.18
N ILE B 682 -17.55 -8.19 10.80
CA ILE B 682 -18.84 -7.80 10.17
C ILE B 682 -18.57 -7.11 8.83
N ALA B 683 -17.62 -6.17 8.75
CA ALA B 683 -17.24 -5.44 7.52
C ALA B 683 -16.75 -6.46 6.48
N ALA B 684 -15.89 -7.42 6.85
CA ALA B 684 -15.41 -8.45 5.91
C ALA B 684 -16.59 -9.28 5.41
N ALA B 685 -17.54 -9.64 6.27
CA ALA B 685 -18.72 -10.44 5.90
C ALA B 685 -19.56 -9.69 4.84
N LYS B 686 -19.69 -8.37 4.96
CA LYS B 686 -20.46 -7.49 4.04
C LYS B 686 -19.84 -7.51 2.64
N SER B 687 -18.52 -7.67 2.56
CA SER B 687 -17.67 -7.44 1.38
C SER B 687 -17.71 -8.63 0.42
N PHE B 688 -18.31 -9.76 0.81
CA PHE B 688 -18.34 -10.99 -0.02
C PHE B 688 -19.36 -10.84 -1.15
N ALA C 23 -5.92 14.84 -29.42
CA ALA C 23 -5.78 15.90 -30.46
C ALA C 23 -4.70 15.50 -31.46
N ALA C 24 -4.87 15.86 -32.73
CA ALA C 24 -3.84 15.67 -33.79
C ALA C 24 -2.66 16.60 -33.48
N THR C 25 -1.48 16.14 -33.85
CA THR C 25 -0.16 16.83 -33.72
C THR C 25 0.58 16.68 -35.03
N GLY C 26 1.62 17.50 -35.23
CA GLY C 26 2.61 17.35 -36.31
C GLY C 26 1.95 17.15 -37.65
N GLU C 27 2.39 16.15 -38.41
CA GLU C 27 1.98 15.93 -39.82
C GLU C 27 0.47 15.59 -39.86
N LEU C 28 -0.05 14.79 -38.93
CA LEU C 28 -1.48 14.42 -38.93
C LEU C 28 -2.34 15.69 -38.81
N LEU C 29 -1.97 16.62 -37.94
CA LEU C 29 -2.69 17.91 -37.77
C LEU C 29 -2.61 18.67 -39.10
N GLU C 30 -1.42 18.81 -39.70
CA GLU C 30 -1.25 19.52 -41.00
C GLU C 30 -2.17 18.89 -42.05
N LYS C 31 -2.17 17.56 -42.13
CA LYS C 31 -2.94 16.81 -43.17
C LYS C 31 -4.44 17.00 -42.92
N SER C 32 -4.87 17.05 -41.66
CA SER C 32 -6.30 17.24 -41.31
C SER C 32 -6.74 18.63 -41.75
N VAL C 33 -5.97 19.65 -41.40
CA VAL C 33 -6.25 21.07 -41.77
C VAL C 33 -6.23 21.18 -43.30
N ASN C 34 -5.28 20.57 -43.99
CA ASN C 34 -5.26 20.65 -45.46
C ASN C 34 -6.42 19.84 -46.06
N THR C 35 -6.87 18.77 -45.41
CA THR C 35 -8.03 18.01 -45.93
C THR C 35 -9.21 19.00 -46.03
N ILE C 36 -9.40 19.79 -44.98
CA ILE C 36 -10.48 20.83 -44.95
C ILE C 36 -10.25 21.82 -46.11
N ARG C 37 -9.02 22.34 -46.27
CA ARG C 37 -8.71 23.32 -47.34
C ARG C 37 -9.08 22.74 -48.71
N PHE C 38 -8.64 21.53 -49.02
CA PHE C 38 -8.80 20.92 -50.36
C PHE C 38 -10.23 20.44 -50.60
N LEU C 39 -10.95 20.00 -49.59
CA LEU C 39 -12.39 19.67 -49.80
C LEU C 39 -13.08 20.94 -50.29
N ALA C 40 -12.78 22.08 -49.65
CA ALA C 40 -13.36 23.39 -50.03
C ALA C 40 -12.91 23.74 -51.46
N ILE C 41 -11.61 23.71 -51.72
CA ILE C 41 -11.06 24.07 -53.05
C ILE C 41 -11.70 23.22 -54.13
N ASP C 42 -11.74 21.91 -53.93
CA ASP C 42 -12.16 20.93 -54.96
C ASP C 42 -13.67 21.03 -55.13
N ALA C 43 -14.45 21.27 -54.07
CA ALA C 43 -15.94 21.39 -54.18
C ALA C 43 -16.27 22.65 -55.01
N VAL C 44 -15.62 23.75 -54.66
CA VAL C 44 -15.77 25.04 -55.38
C VAL C 44 -15.32 24.86 -56.85
N GLU C 45 -14.19 24.19 -57.08
CA GLU C 45 -13.68 24.05 -58.46
C GLU C 45 -14.68 23.24 -59.30
N LYS C 46 -15.25 22.17 -58.76
CA LYS C 46 -16.19 21.29 -59.51
C LYS C 46 -17.48 22.07 -59.83
N ALA C 47 -17.97 22.89 -58.89
CA ALA C 47 -19.17 23.74 -59.11
C ALA C 47 -18.85 24.92 -60.06
N ASN C 48 -17.56 25.22 -60.23
CA ASN C 48 -17.08 26.49 -60.85
C ASN C 48 -17.81 27.66 -60.20
N SER C 49 -18.03 27.60 -58.89
CA SER C 49 -18.85 28.60 -58.18
C SER C 49 -18.60 28.46 -56.68
N GLY C 50 -18.50 29.57 -55.98
CA GLY C 50 -18.37 29.59 -54.53
C GLY C 50 -17.10 30.21 -54.02
N HIS C 51 -16.82 29.97 -52.74
CA HIS C 51 -15.95 30.82 -51.89
C HIS C 51 -14.85 29.98 -51.26
N PRO C 52 -13.66 29.86 -51.89
CA PRO C 52 -12.57 29.08 -51.28
C PRO C 52 -11.73 29.84 -50.24
N GLY C 53 -11.80 31.18 -50.27
CA GLY C 53 -10.88 32.02 -49.48
C GLY C 53 -11.05 31.82 -47.99
N LEU C 54 -12.27 31.99 -47.50
CA LEU C 54 -12.54 31.89 -46.06
C LEU C 54 -12.20 30.47 -45.58
N PRO C 55 -12.68 29.38 -46.24
CA PRO C 55 -12.33 28.04 -45.79
C PRO C 55 -10.83 27.81 -45.70
N MET C 56 -10.05 28.33 -46.66
CA MET C 56 -8.57 28.13 -46.67
C MET C 56 -7.95 28.84 -45.46
N GLY C 57 -8.40 30.05 -45.13
CA GLY C 57 -7.89 30.83 -43.98
C GLY C 57 -8.40 30.31 -42.65
N CYS C 58 -9.63 29.77 -42.61
CA CYS C 58 -10.28 29.37 -41.35
C CYS C 58 -10.11 27.87 -41.04
N ALA C 59 -9.48 27.11 -41.91
CA ALA C 59 -9.36 25.64 -41.70
C ALA C 59 -8.72 25.35 -40.33
N PRO C 60 -7.66 26.06 -39.87
CA PRO C 60 -7.09 25.78 -38.54
C PRO C 60 -8.11 25.95 -37.42
N MET C 61 -8.82 27.09 -37.35
CA MET C 61 -9.77 27.33 -36.24
C MET C 61 -10.98 26.38 -36.38
N GLY C 62 -11.38 26.07 -37.62
CA GLY C 62 -12.47 25.11 -37.86
C GLY C 62 -12.10 23.72 -37.39
N HIS C 63 -10.90 23.26 -37.72
CA HIS C 63 -10.37 21.96 -37.24
C HIS C 63 -10.41 21.94 -35.70
N VAL C 64 -9.87 22.95 -35.04
CA VAL C 64 -9.81 22.96 -33.55
C VAL C 64 -11.23 22.89 -32.96
N LEU C 65 -12.13 23.69 -33.50
CA LEU C 65 -13.53 23.76 -33.02
C LEU C 65 -14.23 22.40 -33.17
N TYR C 66 -14.30 21.84 -34.36
CA TYR C 66 -15.05 20.57 -34.56
C TYR C 66 -14.28 19.34 -34.03
N ASP C 67 -12.97 19.32 -34.15
CA ASP C 67 -12.17 18.12 -33.76
C ASP C 67 -11.88 18.08 -32.26
N GLU C 68 -11.69 19.23 -31.60
CA GLU C 68 -11.20 19.24 -30.18
C GLU C 68 -12.20 19.84 -29.19
N VAL C 69 -12.96 20.86 -29.56
CA VAL C 69 -13.65 21.71 -28.57
C VAL C 69 -15.14 21.37 -28.48
N MET C 70 -15.86 21.28 -29.59
CA MET C 70 -17.33 21.20 -29.58
C MET C 70 -17.76 19.80 -29.10
N ARG C 71 -18.80 19.77 -28.29
CA ARG C 71 -19.56 18.55 -27.90
C ARG C 71 -20.77 18.43 -28.81
N TYR C 72 -20.86 17.30 -29.48
CA TYR C 72 -21.96 16.98 -30.42
C TYR C 72 -21.96 15.48 -30.63
N ASN C 73 -23.10 15.01 -31.13
CA ASN C 73 -23.20 13.64 -31.68
C ASN C 73 -23.40 13.76 -33.17
N PRO C 74 -22.42 13.42 -34.02
CA PRO C 74 -22.56 13.57 -35.47
C PRO C 74 -23.69 12.72 -36.04
N LYS C 75 -24.12 11.66 -35.34
CA LYS C 75 -25.23 10.79 -35.79
C LYS C 75 -26.55 11.26 -35.14
N ASN C 76 -26.55 12.34 -34.37
CA ASN C 76 -27.80 12.94 -33.84
C ASN C 76 -27.63 14.46 -33.80
N PRO C 77 -27.89 15.14 -34.93
CA PRO C 77 -27.82 16.59 -34.99
C PRO C 77 -28.87 17.30 -34.11
N TYR C 78 -29.83 16.55 -33.58
CA TYR C 78 -30.95 17.13 -32.79
C TYR C 78 -30.66 17.07 -31.27
N TRP C 79 -29.57 16.45 -30.83
CA TRP C 79 -29.29 16.28 -29.38
C TRP C 79 -29.41 17.62 -28.66
N PHE C 80 -30.32 17.72 -27.68
CA PHE C 80 -30.66 19.00 -27.01
C PHE C 80 -29.43 19.73 -26.49
N ASN C 81 -28.50 18.99 -25.86
CA ASN C 81 -27.42 19.66 -25.10
C ASN C 81 -26.15 19.79 -25.94
N ARG C 82 -26.22 19.61 -27.26
CA ARG C 82 -25.06 19.85 -28.13
C ARG C 82 -24.59 21.30 -27.97
N ASP C 83 -23.29 21.54 -28.11
CA ASP C 83 -22.77 22.89 -28.42
C ASP C 83 -23.33 23.27 -29.77
N ARG C 84 -23.60 24.56 -29.99
CA ARG C 84 -24.05 25.05 -31.30
C ARG C 84 -22.92 25.79 -32.00
N PHE C 85 -22.78 25.57 -33.30
CA PHE C 85 -21.86 26.33 -34.17
C PHE C 85 -22.68 27.05 -35.24
N VAL C 86 -22.32 28.30 -35.50
CA VAL C 86 -22.94 29.15 -36.56
C VAL C 86 -21.80 29.74 -37.39
N LEU C 87 -21.91 29.61 -38.71
CA LEU C 87 -21.05 30.37 -39.64
C LEU C 87 -21.81 31.61 -40.09
N SER C 88 -21.53 32.74 -39.45
CA SER C 88 -22.17 34.04 -39.78
C SER C 88 -21.69 34.47 -41.18
N ALA C 89 -20.44 34.19 -41.51
CA ALA C 89 -19.87 34.48 -42.85
C ALA C 89 -20.26 33.35 -43.79
N GLY C 90 -21.55 33.21 -44.11
CA GLY C 90 -22.13 31.99 -44.72
C GLY C 90 -21.54 31.66 -46.07
N HIS C 91 -21.04 32.67 -46.81
CA HIS C 91 -20.36 32.41 -48.10
C HIS C 91 -19.28 31.35 -47.93
N GLY C 92 -18.61 31.32 -46.78
CA GLY C 92 -17.56 30.32 -46.45
C GLY C 92 -18.09 28.94 -46.10
N CYS C 93 -19.34 28.60 -46.49
CA CYS C 93 -20.03 27.36 -46.11
C CYS C 93 -19.22 26.09 -46.39
N MET C 94 -18.33 26.03 -47.40
CA MET C 94 -17.54 24.78 -47.61
C MET C 94 -16.67 24.48 -46.38
N LEU C 95 -16.31 25.49 -45.57
CA LEU C 95 -15.66 25.20 -44.26
C LEU C 95 -16.57 24.27 -43.43
N GLN C 96 -17.83 24.65 -43.26
CA GLN C 96 -18.76 23.87 -42.41
C GLN C 96 -19.07 22.54 -43.08
N TYR C 97 -19.31 22.51 -44.40
CA TYR C 97 -19.63 21.24 -45.09
C TYR C 97 -18.46 20.24 -44.96
N ALA C 98 -17.22 20.72 -45.07
CA ALA C 98 -16.01 19.90 -44.91
C ALA C 98 -16.00 19.31 -43.51
N LEU C 99 -16.29 20.12 -42.51
CA LEU C 99 -16.19 19.70 -41.09
C LEU C 99 -17.33 18.75 -40.75
N LEU C 100 -18.56 19.05 -41.20
CA LEU C 100 -19.70 18.11 -40.99
C LEU C 100 -19.37 16.77 -41.66
N HIS C 101 -18.77 16.79 -42.85
CA HIS C 101 -18.40 15.55 -43.55
C HIS C 101 -17.38 14.76 -42.71
N LEU C 102 -16.28 15.38 -42.34
CA LEU C 102 -15.19 14.72 -41.59
C LEU C 102 -15.76 14.24 -40.24
N ALA C 103 -16.65 14.99 -39.59
CA ALA C 103 -17.19 14.65 -38.26
C ALA C 103 -18.12 13.42 -38.35
N GLY C 104 -18.60 13.07 -39.54
CA GLY C 104 -19.45 11.87 -39.78
C GLY C 104 -20.94 12.19 -39.78
N TYR C 105 -21.35 13.41 -40.07
CA TYR C 105 -22.79 13.76 -40.24
C TYR C 105 -23.33 13.07 -41.50
N ASP C 106 -24.51 12.47 -41.38
CA ASP C 106 -25.12 11.69 -42.49
C ASP C 106 -25.60 12.64 -43.61
N SER C 107 -25.79 13.91 -43.29
CA SER C 107 -26.29 14.96 -44.23
C SER C 107 -25.22 15.43 -45.21
N VAL C 108 -23.94 15.13 -44.97
CA VAL C 108 -22.83 15.57 -45.86
C VAL C 108 -21.92 14.37 -46.14
N LYS C 109 -22.38 13.53 -47.07
CA LYS C 109 -21.58 12.44 -47.67
C LYS C 109 -20.62 13.05 -48.70
N GLU C 110 -19.61 12.26 -49.10
CA GLU C 110 -18.72 12.63 -50.21
C GLU C 110 -19.55 13.11 -51.40
N GLU C 111 -20.60 12.38 -51.78
CA GLU C 111 -21.38 12.79 -52.99
C GLU C 111 -22.05 14.15 -52.75
N ASP C 112 -22.47 14.48 -51.52
CA ASP C 112 -23.06 15.82 -51.25
C ASP C 112 -22.01 16.92 -51.54
N LEU C 113 -20.76 16.72 -51.12
CA LEU C 113 -19.65 17.66 -51.43
C LEU C 113 -19.52 17.85 -52.95
N LYS C 114 -19.67 16.78 -53.72
CA LYS C 114 -19.58 16.78 -55.19
C LYS C 114 -20.80 17.46 -55.83
N GLN C 115 -21.86 17.74 -55.05
CA GLN C 115 -23.08 18.43 -55.56
C GLN C 115 -23.24 19.78 -54.84
N PHE C 116 -22.13 20.34 -54.36
CA PHE C 116 -22.07 21.74 -53.90
C PHE C 116 -22.67 22.68 -54.97
N ARG C 117 -23.64 23.49 -54.54
CA ARG C 117 -24.26 24.59 -55.34
C ARG C 117 -25.02 24.00 -56.53
N GLN C 118 -25.40 22.72 -56.45
CA GLN C 118 -26.22 22.06 -57.51
C GLN C 118 -27.67 21.89 -57.05
N TRP C 119 -28.55 21.83 -58.04
CA TRP C 119 -30.02 21.76 -57.87
C TRP C 119 -30.39 20.80 -56.72
N GLY C 120 -31.05 21.35 -55.71
CA GLY C 120 -31.71 20.62 -54.61
C GLY C 120 -30.74 19.92 -53.67
N SER C 121 -29.44 20.22 -53.69
CA SER C 121 -28.45 19.46 -52.88
C SER C 121 -28.55 19.86 -51.40
N ARG C 122 -27.93 19.05 -50.55
CA ARG C 122 -27.72 19.33 -49.11
C ARG C 122 -26.51 20.26 -48.90
N THR C 123 -25.89 20.74 -49.97
CA THR C 123 -24.71 21.63 -49.91
C THR C 123 -24.98 22.87 -50.75
N PRO C 124 -26.02 23.67 -50.40
CA PRO C 124 -26.30 24.92 -51.10
C PRO C 124 -25.17 25.93 -50.89
N GLY C 125 -25.19 26.97 -51.70
CA GLY C 125 -24.14 27.99 -51.77
C GLY C 125 -24.02 28.80 -50.49
N HIS C 126 -25.05 28.80 -49.65
CA HIS C 126 -25.01 29.38 -48.28
C HIS C 126 -25.67 28.38 -47.36
N PRO C 127 -25.30 28.33 -46.06
CA PRO C 127 -25.79 27.28 -45.18
C PRO C 127 -27.28 27.48 -44.88
N GLU C 128 -28.05 26.41 -45.03
CA GLU C 128 -29.53 26.37 -44.89
C GLU C 128 -29.89 25.23 -43.93
N ASN C 129 -30.34 25.57 -42.71
CA ASN C 129 -30.80 24.58 -41.72
C ASN C 129 -31.90 23.71 -42.33
N PHE C 130 -32.74 24.27 -43.20
CA PHE C 130 -33.90 23.53 -43.78
C PHE C 130 -33.43 22.53 -44.83
N GLU C 131 -32.18 22.60 -45.30
CA GLU C 131 -31.68 21.62 -46.29
C GLU C 131 -30.74 20.59 -45.61
N THR C 132 -30.09 20.96 -44.52
CA THR C 132 -28.87 20.27 -44.06
C THR C 132 -28.88 20.09 -42.54
N PRO C 133 -29.40 18.96 -42.02
CA PRO C 133 -29.28 18.63 -40.59
C PRO C 133 -27.82 18.71 -40.15
N GLY C 134 -27.53 19.44 -39.08
CA GLY C 134 -26.17 19.78 -38.64
C GLY C 134 -25.86 21.25 -38.90
N VAL C 135 -26.62 21.92 -39.78
CA VAL C 135 -26.59 23.40 -39.94
C VAL C 135 -27.72 23.99 -39.07
N GLU C 136 -27.40 24.88 -38.16
CA GLU C 136 -28.32 25.30 -37.07
C GLU C 136 -29.30 26.37 -37.55
N VAL C 137 -28.84 27.24 -38.44
CA VAL C 137 -29.61 28.43 -38.89
C VAL C 137 -29.24 28.67 -40.35
N THR C 138 -29.96 29.56 -41.01
CA THR C 138 -29.68 29.99 -42.39
C THR C 138 -28.92 31.29 -42.37
N THR C 139 -27.73 31.29 -43.00
CA THR C 139 -26.88 32.48 -43.10
C THR C 139 -26.55 32.72 -44.55
N GLY C 140 -25.72 33.72 -44.81
CA GLY C 140 -25.55 34.24 -46.18
C GLY C 140 -25.79 35.73 -46.19
N PRO C 141 -26.95 36.22 -45.71
CA PRO C 141 -27.12 37.63 -45.40
C PRO C 141 -26.23 37.99 -44.21
N LEU C 142 -25.21 38.84 -44.46
CA LEU C 142 -24.17 39.12 -43.46
C LEU C 142 -24.78 39.68 -42.19
N GLY C 143 -24.25 39.25 -41.05
CA GLY C 143 -24.68 39.76 -39.73
C GLY C 143 -25.79 38.93 -39.12
N GLN C 144 -26.59 38.19 -39.91
CA GLN C 144 -27.68 37.36 -39.34
C GLN C 144 -27.08 36.36 -38.34
N GLY C 145 -26.01 35.67 -38.73
CA GLY C 145 -25.53 34.52 -37.93
C GLY C 145 -25.03 34.93 -36.55
N ILE C 146 -24.27 36.02 -36.44
CA ILE C 146 -23.80 36.50 -35.12
C ILE C 146 -25.01 36.86 -34.26
N ALA C 147 -26.04 37.52 -34.82
CA ALA C 147 -27.27 37.84 -34.07
C ALA C 147 -28.00 36.54 -33.70
N ASN C 148 -28.03 35.57 -34.61
CA ASN C 148 -28.63 34.25 -34.28
C ASN C 148 -27.92 33.63 -33.08
N ALA C 149 -26.58 33.70 -33.06
CA ALA C 149 -25.74 33.08 -32.01
C ALA C 149 -26.06 33.76 -30.67
N VAL C 150 -26.37 35.06 -30.67
CA VAL C 150 -26.82 35.76 -29.42
C VAL C 150 -28.12 35.13 -28.93
N GLY C 151 -29.06 34.82 -29.85
CA GLY C 151 -30.32 34.15 -29.51
C GLY C 151 -30.09 32.71 -29.03
N LEU C 152 -29.20 31.96 -29.66
CA LEU C 152 -28.93 30.57 -29.24
C LEU C 152 -28.34 30.60 -27.83
N ALA C 153 -27.47 31.56 -27.54
CA ALA C 153 -26.82 31.68 -26.22
C ALA C 153 -27.84 32.17 -25.20
N LEU C 154 -28.75 33.07 -25.59
CA LEU C 154 -29.83 33.49 -24.68
C LEU C 154 -30.65 32.26 -24.31
N ALA C 155 -31.04 31.44 -25.29
CA ALA C 155 -31.88 30.24 -25.07
C ALA C 155 -31.21 29.34 -24.04
N GLU C 156 -29.90 29.06 -24.21
CA GLU C 156 -29.19 28.14 -23.29
C GLU C 156 -29.18 28.77 -21.89
N LYS C 157 -28.87 30.07 -21.80
CA LYS C 157 -28.73 30.72 -20.48
C LYS C 157 -30.08 30.72 -19.78
N HIS C 158 -31.16 30.97 -20.52
CA HIS C 158 -32.55 30.98 -19.99
C HIS C 158 -32.91 29.58 -19.45
N LEU C 159 -32.70 28.56 -20.26
CA LEU C 159 -33.07 27.17 -19.90
C LEU C 159 -32.21 26.70 -18.71
N ALA C 160 -30.92 27.02 -18.67
CA ALA C 160 -30.02 26.66 -17.55
C ALA C 160 -30.52 27.31 -16.24
N ALA C 161 -30.78 28.62 -16.27
CA ALA C 161 -31.29 29.37 -15.10
C ALA C 161 -32.65 28.83 -14.70
N ARG C 162 -33.49 28.48 -15.65
CA ARG C 162 -34.88 28.11 -15.37
C ARG C 162 -34.93 26.68 -14.81
N PHE C 163 -34.10 25.77 -15.30
CA PHE C 163 -34.28 24.32 -15.05
C PHE C 163 -33.15 23.68 -14.23
N ASN C 164 -31.93 24.23 -14.21
CA ASN C 164 -30.81 23.55 -13.53
C ASN C 164 -31.06 23.51 -12.02
N LYS C 165 -30.57 22.45 -11.38
CA LYS C 165 -30.71 22.24 -9.92
C LYS C 165 -29.33 22.09 -9.31
N PRO C 166 -29.19 22.27 -7.98
CA PRO C 166 -27.88 22.13 -7.34
C PRO C 166 -27.21 20.78 -7.65
N ASP C 167 -28.00 19.73 -7.86
CA ASP C 167 -27.46 18.37 -8.11
C ASP C 167 -27.70 17.97 -9.58
N SER C 168 -28.13 18.86 -10.48
CA SER C 168 -28.35 18.48 -11.90
C SER C 168 -28.16 19.69 -12.81
N GLU C 169 -26.97 19.82 -13.40
CA GLU C 169 -26.68 20.82 -14.44
C GLU C 169 -27.15 20.25 -15.78
N ILE C 170 -28.45 20.13 -15.95
CA ILE C 170 -29.04 19.41 -17.12
C ILE C 170 -28.87 20.25 -18.38
N VAL C 171 -28.81 21.59 -18.26
CA VAL C 171 -28.56 22.47 -19.44
C VAL C 171 -27.15 23.05 -19.32
N ASP C 172 -26.30 22.75 -20.30
CA ASP C 172 -24.89 23.22 -20.28
C ASP C 172 -24.29 23.04 -21.66
N HIS C 173 -24.37 24.08 -22.49
CA HIS C 173 -23.73 24.06 -23.82
C HIS C 173 -23.31 25.48 -24.25
N TYR C 174 -22.30 25.50 -25.11
CA TYR C 174 -21.68 26.74 -25.61
C TYR C 174 -22.25 27.03 -27.00
N THR C 175 -22.10 28.29 -27.41
CA THR C 175 -22.50 28.80 -28.72
C THR C 175 -21.25 29.39 -29.37
N TYR C 176 -20.78 28.77 -30.44
CA TYR C 176 -19.57 29.19 -31.20
C TYR C 176 -19.99 29.82 -32.52
N VAL C 177 -19.42 30.96 -32.88
CA VAL C 177 -19.76 31.60 -34.18
C VAL C 177 -18.51 32.14 -34.85
N ILE C 178 -18.38 31.89 -36.15
CA ILE C 178 -17.32 32.49 -36.99
C ILE C 178 -17.95 33.61 -37.81
N LEU C 179 -17.42 34.84 -37.66
CA LEU C 179 -17.87 35.99 -38.46
C LEU C 179 -16.66 36.72 -39.04
N GLY C 180 -16.85 37.34 -40.20
CA GLY C 180 -15.81 38.08 -40.94
C GLY C 180 -15.98 39.59 -40.89
N ASP C 181 -15.29 40.30 -41.76
CA ASP C 181 -15.28 41.78 -41.79
C ASP C 181 -16.67 42.27 -42.19
N GLY C 182 -17.34 41.56 -43.09
CA GLY C 182 -18.70 41.97 -43.53
C GLY C 182 -19.69 41.98 -42.39
N CYS C 183 -19.76 40.91 -41.62
CA CYS C 183 -20.65 40.82 -40.45
C CYS C 183 -20.29 41.94 -39.47
N GLN C 184 -18.99 42.23 -39.28
CA GLN C 184 -18.54 43.25 -38.29
C GLN C 184 -18.91 44.66 -38.75
N MET C 185 -19.18 44.88 -40.04
CA MET C 185 -19.59 46.23 -40.55
C MET C 185 -21.11 46.39 -40.41
N GLU C 186 -21.87 45.29 -40.40
CA GLU C 186 -23.36 45.34 -40.43
C GLU C 186 -23.92 45.80 -39.10
N GLY C 187 -24.86 46.76 -39.16
CA GLY C 187 -25.54 47.29 -37.96
C GLY C 187 -26.14 46.20 -37.12
N ILE C 188 -26.76 45.19 -37.73
CA ILE C 188 -27.43 44.12 -36.96
C ILE C 188 -26.45 43.47 -35.97
N ALA C 189 -25.18 43.31 -36.37
CA ALA C 189 -24.16 42.65 -35.53
C ALA C 189 -23.84 43.53 -34.32
N ASN C 190 -23.69 44.84 -34.53
CA ASN C 190 -23.46 45.76 -33.39
C ASN C 190 -24.64 45.72 -32.42
N GLU C 191 -25.89 45.76 -32.95
CA GLU C 191 -27.10 45.69 -32.10
C GLU C 191 -27.07 44.41 -31.22
N ALA C 192 -26.92 43.25 -31.85
CA ALA C 192 -27.02 41.95 -31.16
C ALA C 192 -25.84 41.85 -30.18
N CYS C 193 -24.64 42.31 -30.56
CA CYS C 193 -23.46 42.21 -29.67
C CYS C 193 -23.59 43.18 -28.49
N SER C 194 -24.25 44.31 -28.67
CA SER C 194 -24.55 45.22 -27.53
C SER C 194 -25.39 44.45 -26.51
N LEU C 195 -26.44 43.74 -26.97
CA LEU C 195 -27.33 42.95 -26.08
C LEU C 195 -26.53 41.81 -25.44
N ALA C 196 -25.69 41.13 -26.19
CA ALA C 196 -24.93 39.96 -25.67
C ALA C 196 -24.06 40.42 -24.48
N GLY C 197 -23.42 41.59 -24.61
CA GLY C 197 -22.61 42.16 -23.52
C GLY C 197 -23.48 42.56 -22.34
N HIS C 198 -24.58 43.23 -22.63
CA HIS C 198 -25.56 43.62 -21.59
C HIS C 198 -26.07 42.40 -20.80
N TRP C 199 -26.31 41.29 -21.48
CA TRP C 199 -26.88 40.06 -20.90
C TRP C 199 -25.78 39.17 -20.31
N GLY C 200 -24.50 39.51 -20.44
CA GLY C 200 -23.44 38.69 -19.82
C GLY C 200 -23.46 37.26 -20.36
N LEU C 201 -23.57 37.07 -21.68
CA LEU C 201 -23.60 35.75 -22.32
C LEU C 201 -22.20 35.14 -22.37
N GLY C 202 -21.74 34.61 -21.24
CA GLY C 202 -20.38 34.07 -21.11
C GLY C 202 -20.16 32.79 -21.88
N LYS C 203 -21.20 32.10 -22.35
CA LYS C 203 -20.99 30.89 -23.17
C LYS C 203 -21.07 31.18 -24.67
N LEU C 204 -21.22 32.45 -25.05
CA LEU C 204 -21.08 32.91 -26.44
C LEU C 204 -19.60 33.19 -26.74
N ILE C 205 -19.03 32.45 -27.66
CA ILE C 205 -17.60 32.60 -28.07
C ILE C 205 -17.56 32.80 -29.59
N ALA C 206 -17.21 34.02 -29.99
CA ALA C 206 -17.21 34.47 -31.41
C ALA C 206 -15.77 34.52 -31.90
N PHE C 207 -15.51 33.92 -33.05
CA PHE C 207 -14.23 33.98 -33.77
C PHE C 207 -14.38 34.98 -34.93
N TYR C 208 -13.68 36.09 -34.85
CA TYR C 208 -13.62 37.09 -35.94
C TYR C 208 -12.45 36.73 -36.86
N ASP C 209 -12.79 36.33 -38.08
CA ASP C 209 -11.84 36.08 -39.17
C ASP C 209 -11.26 37.42 -39.65
N ASP C 210 -10.16 37.81 -39.03
CA ASP C 210 -9.50 39.12 -39.23
C ASP C 210 -8.51 39.00 -40.39
N ASN C 211 -8.99 39.01 -41.62
CA ASN C 211 -8.16 38.69 -42.81
C ASN C 211 -7.91 39.94 -43.65
N HIS C 212 -8.34 41.12 -43.18
CA HIS C 212 -8.11 42.42 -43.85
C HIS C 212 -8.60 42.42 -45.30
N ILE C 213 -9.52 41.54 -45.66
CA ILE C 213 -10.05 41.44 -47.04
C ILE C 213 -11.57 41.39 -47.00
N SER C 214 -12.21 42.18 -47.85
CA SER C 214 -13.63 41.95 -48.20
C SER C 214 -13.71 42.05 -49.71
N ILE C 215 -14.89 42.14 -50.27
CA ILE C 215 -15.00 42.03 -51.76
C ILE C 215 -14.29 43.21 -52.44
N ASP C 216 -14.36 44.41 -51.86
CA ASP C 216 -13.73 45.61 -52.51
C ASP C 216 -12.22 45.59 -52.26
N GLY C 217 -11.69 44.58 -51.57
CA GLY C 217 -10.23 44.41 -51.38
C GLY C 217 -9.81 44.68 -49.95
N ASP C 218 -8.62 45.23 -49.77
CA ASP C 218 -8.09 45.54 -48.41
C ASP C 218 -9.17 46.36 -47.69
N THR C 219 -9.42 46.05 -46.42
CA THR C 219 -10.47 46.68 -45.57
C THR C 219 -10.12 48.15 -45.31
N GLU C 220 -8.87 48.57 -45.52
CA GLU C 220 -8.45 49.98 -45.37
C GLU C 220 -9.33 50.89 -46.24
N ILE C 221 -9.95 50.36 -47.30
CA ILE C 221 -10.77 51.20 -48.22
C ILE C 221 -11.98 51.79 -47.48
N ALA C 222 -12.54 51.09 -46.49
CA ALA C 222 -13.83 51.48 -45.87
C ALA C 222 -14.00 51.00 -44.43
N PHE C 223 -12.98 50.40 -43.78
CA PHE C 223 -13.21 49.71 -42.50
C PHE C 223 -11.91 49.74 -41.69
N THR C 224 -11.68 50.84 -40.97
CA THR C 224 -10.41 51.06 -40.23
C THR C 224 -10.73 51.22 -38.73
N GLU C 225 -11.98 51.02 -38.32
CA GLU C 225 -12.33 51.14 -36.89
C GLU C 225 -11.56 50.10 -36.07
N ASP C 226 -11.45 50.34 -34.76
CA ASP C 226 -10.81 49.39 -33.81
C ASP C 226 -11.90 48.43 -33.32
N VAL C 227 -12.12 47.32 -34.03
CA VAL C 227 -13.23 46.39 -33.72
C VAL C 227 -13.12 45.87 -32.29
N SER C 228 -11.93 45.44 -31.87
CA SER C 228 -11.74 44.85 -30.53
C SER C 228 -12.13 45.86 -29.44
N THR C 229 -11.76 47.13 -29.59
CA THR C 229 -12.10 48.13 -28.54
C THR C 229 -13.62 48.40 -28.59
N ARG C 230 -14.22 48.44 -29.78
CA ARG C 230 -15.70 48.54 -29.84
C ARG C 230 -16.32 47.40 -29.02
N PHE C 231 -15.84 46.17 -29.21
CA PHE C 231 -16.38 44.99 -28.47
C PHE C 231 -16.18 45.15 -26.96
N GLU C 232 -15.02 45.69 -26.53
CA GLU C 232 -14.82 45.96 -25.08
C GLU C 232 -15.91 46.92 -24.60
N ALA C 233 -16.17 47.97 -25.36
CA ALA C 233 -17.18 48.98 -25.00
C ALA C 233 -18.58 48.33 -24.95
N LEU C 234 -18.82 47.30 -25.76
CA LEU C 234 -20.11 46.55 -25.77
C LEU C 234 -20.21 45.54 -24.60
N GLY C 235 -19.18 45.41 -23.78
CA GLY C 235 -19.17 44.53 -22.59
C GLY C 235 -18.60 43.16 -22.89
N TRP C 236 -17.80 43.02 -23.95
CA TRP C 236 -17.19 41.73 -24.33
C TRP C 236 -15.78 41.60 -23.76
N HIS C 237 -15.40 40.36 -23.46
CA HIS C 237 -14.01 39.93 -23.26
C HIS C 237 -13.38 39.75 -24.64
N THR C 238 -12.17 40.24 -24.84
CA THR C 238 -11.49 40.21 -26.15
C THR C 238 -10.15 39.48 -26.03
N ILE C 239 -9.83 38.69 -27.05
CA ILE C 239 -8.51 38.01 -27.20
C ILE C 239 -8.09 38.26 -28.64
N TRP C 240 -6.79 38.42 -28.85
CA TRP C 240 -6.23 38.50 -30.21
C TRP C 240 -5.27 37.34 -30.44
N VAL C 241 -5.60 36.48 -31.38
CA VAL C 241 -4.70 35.43 -31.92
C VAL C 241 -4.06 36.00 -33.17
N LYS C 242 -2.78 36.38 -33.07
CA LYS C 242 -2.11 37.16 -34.14
C LYS C 242 -1.79 36.28 -35.34
N ASN C 243 -1.64 34.97 -35.15
CA ASN C 243 -1.33 34.08 -36.30
C ASN C 243 -2.32 32.92 -36.26
N GLY C 244 -3.49 33.14 -36.88
CA GLY C 244 -4.50 32.09 -37.01
C GLY C 244 -4.21 31.11 -38.12
N ASN C 245 -3.17 31.31 -38.92
CA ASN C 245 -2.83 30.35 -39.98
C ASN C 245 -2.14 29.11 -39.38
N THR C 246 -1.20 29.32 -38.45
CA THR C 246 -0.35 28.21 -37.90
C THR C 246 -0.30 28.24 -36.38
N GLY C 247 -1.01 29.14 -35.69
CA GLY C 247 -0.92 29.25 -34.24
C GLY C 247 -1.96 28.37 -33.55
N TYR C 248 -1.90 27.07 -33.77
CA TYR C 248 -2.91 26.13 -33.21
C TYR C 248 -2.95 26.27 -31.69
N ASP C 249 -1.81 26.27 -31.01
CA ASP C 249 -1.77 26.34 -29.54
C ASP C 249 -2.34 27.69 -29.07
N ASP C 250 -2.07 28.79 -29.81
CA ASP C 250 -2.68 30.11 -29.45
C ASP C 250 -4.21 30.04 -29.60
N ILE C 251 -4.71 29.38 -30.64
CA ILE C 251 -6.20 29.22 -30.83
C ILE C 251 -6.75 28.43 -29.65
N ARG C 252 -6.10 27.32 -29.29
CA ARG C 252 -6.55 26.46 -28.17
C ARG C 252 -6.55 27.23 -26.85
N ALA C 253 -5.50 28.00 -26.58
CA ALA C 253 -5.37 28.80 -25.35
C ALA C 253 -6.47 29.87 -25.32
N ALA C 254 -6.77 30.49 -26.47
CA ALA C 254 -7.81 31.53 -26.57
C ALA C 254 -9.16 30.93 -26.15
N ILE C 255 -9.46 29.76 -26.68
CA ILE C 255 -10.78 29.13 -26.36
C ILE C 255 -10.83 28.78 -24.88
N LYS C 256 -9.74 28.26 -24.34
CA LYS C 256 -9.72 27.92 -22.89
C LYS C 256 -9.93 29.19 -22.08
N GLU C 257 -9.24 30.30 -22.43
CA GLU C 257 -9.38 31.57 -21.69
C GLU C 257 -10.85 32.03 -21.78
N ALA C 258 -11.41 31.99 -22.97
CA ALA C 258 -12.83 32.38 -23.24
C ALA C 258 -13.78 31.62 -22.33
N LYS C 259 -13.64 30.29 -22.25
CA LYS C 259 -14.55 29.49 -21.39
C LYS C 259 -14.35 29.85 -19.92
N ALA C 260 -13.15 30.28 -19.52
CA ALA C 260 -12.87 30.60 -18.11
C ALA C 260 -13.51 31.93 -17.72
N VAL C 261 -13.83 32.81 -18.69
CA VAL C 261 -14.55 34.07 -18.41
C VAL C 261 -16.04 33.77 -18.49
N THR C 262 -16.72 33.68 -17.36
CA THR C 262 -18.13 33.21 -17.36
C THR C 262 -19.11 34.39 -17.49
N ASP C 263 -18.71 35.63 -17.24
CA ASP C 263 -19.69 36.74 -17.04
C ASP C 263 -19.82 37.62 -18.30
N LYS C 264 -19.00 37.39 -19.32
CA LYS C 264 -18.98 38.22 -20.56
C LYS C 264 -18.82 37.31 -21.76
N PRO C 265 -19.48 37.63 -22.88
CA PRO C 265 -19.18 36.97 -24.15
C PRO C 265 -17.74 37.27 -24.57
N THR C 266 -17.13 36.39 -25.33
CA THR C 266 -15.72 36.55 -25.77
C THR C 266 -15.67 36.74 -27.29
N LEU C 267 -14.95 37.77 -27.72
CA LEU C 267 -14.50 37.92 -29.12
C LEU C 267 -13.04 37.48 -29.23
N ILE C 268 -12.81 36.41 -29.97
CA ILE C 268 -11.44 35.95 -30.34
C ILE C 268 -11.18 36.48 -31.73
N LYS C 269 -10.39 37.54 -31.82
CA LYS C 269 -9.96 38.10 -33.11
C LYS C 269 -8.83 37.19 -33.61
N VAL C 270 -9.07 36.49 -34.73
CA VAL C 270 -8.12 35.51 -35.27
C VAL C 270 -7.63 36.04 -36.61
N THR C 271 -6.38 36.52 -36.66
CA THR C 271 -5.79 37.08 -37.89
C THR C 271 -5.38 35.94 -38.81
N THR C 272 -6.00 35.84 -40.00
CA THR C 272 -5.68 34.79 -40.99
C THR C 272 -5.29 35.46 -42.31
N THR C 273 -4.77 34.66 -43.23
CA THR C 273 -4.61 34.99 -44.64
C THR C 273 -5.79 34.37 -45.37
N ILE C 274 -6.59 35.18 -46.03
CA ILE C 274 -7.64 34.63 -46.93
C ILE C 274 -6.95 33.82 -48.03
N GLY C 275 -7.46 32.63 -48.31
CA GLY C 275 -6.87 31.80 -49.38
C GLY C 275 -5.47 31.30 -49.00
N PHE C 276 -5.18 31.21 -47.72
CA PHE C 276 -3.90 30.67 -47.21
C PHE C 276 -3.55 29.41 -47.99
N GLY C 277 -2.35 29.40 -48.58
CA GLY C 277 -1.83 28.24 -49.32
C GLY C 277 -1.85 28.43 -50.81
N SER C 278 -2.68 29.32 -51.34
CA SER C 278 -2.67 29.71 -52.77
C SER C 278 -1.49 30.65 -53.04
N PRO C 279 -0.47 30.21 -53.80
CA PRO C 279 0.71 31.06 -54.04
C PRO C 279 0.37 32.36 -54.79
N ASN C 280 -0.66 32.34 -55.66
CA ASN C 280 -0.93 33.50 -56.55
C ASN C 280 -2.19 34.27 -56.14
N LYS C 281 -3.08 33.71 -55.31
CA LYS C 281 -4.36 34.38 -55.00
C LYS C 281 -4.56 34.62 -53.50
N ALA C 282 -3.70 34.09 -52.61
CA ALA C 282 -3.78 34.37 -51.16
C ALA C 282 -3.77 35.88 -50.95
N ASN C 283 -4.49 36.36 -49.94
CA ASN C 283 -4.35 37.75 -49.46
C ASN C 283 -4.90 38.75 -50.50
N SER C 284 -5.88 38.38 -51.31
CA SER C 284 -6.49 39.29 -52.31
C SER C 284 -7.99 38.98 -52.43
N TYR C 285 -8.76 39.95 -52.95
CA TYR C 285 -10.21 39.78 -53.17
C TYR C 285 -10.46 38.64 -54.16
N SER C 286 -9.49 38.35 -55.06
CA SER C 286 -9.64 37.34 -56.14
C SER C 286 -9.99 35.97 -55.55
N VAL C 287 -9.56 35.67 -54.32
CA VAL C 287 -9.76 34.32 -53.73
C VAL C 287 -11.01 34.30 -52.83
N HIS C 288 -11.67 35.43 -52.63
CA HIS C 288 -12.90 35.51 -51.79
C HIS C 288 -13.99 34.60 -52.39
N GLY C 289 -14.27 34.73 -53.68
CA GLY C 289 -15.62 34.43 -54.23
C GLY C 289 -15.59 33.79 -55.60
N SER C 290 -14.46 33.23 -56.03
CA SER C 290 -14.48 32.43 -57.27
C SER C 290 -13.52 31.24 -57.16
N ALA C 291 -13.73 30.26 -58.00
CA ALA C 291 -12.89 29.05 -58.08
C ALA C 291 -11.45 29.49 -58.37
N LEU C 292 -10.50 28.76 -57.81
CA LEU C 292 -9.06 28.98 -58.08
C LEU C 292 -8.78 28.84 -59.59
N GLY C 293 -9.44 27.91 -60.27
CA GLY C 293 -9.12 27.53 -61.66
C GLY C 293 -8.02 26.49 -61.69
N ALA C 294 -7.91 25.75 -62.80
CA ALA C 294 -7.08 24.51 -62.88
C ALA C 294 -5.62 24.82 -62.55
N LYS C 295 -5.06 25.87 -63.13
CA LYS C 295 -3.63 26.22 -62.95
C LYS C 295 -3.37 26.49 -61.46
N GLU C 296 -4.24 27.26 -60.80
CA GLU C 296 -4.00 27.67 -59.39
C GLU C 296 -4.36 26.51 -58.44
N VAL C 297 -5.30 25.65 -58.79
CA VAL C 297 -5.53 24.42 -57.98
C VAL C 297 -4.22 23.61 -57.97
N GLU C 298 -3.60 23.36 -59.13
CA GLU C 298 -2.31 22.60 -59.22
C GLU C 298 -1.23 23.33 -58.41
N ALA C 299 -1.09 24.65 -58.57
CA ALA C 299 -0.07 25.45 -57.85
C ALA C 299 -0.29 25.36 -56.33
N THR C 300 -1.55 25.31 -55.88
CA THR C 300 -1.88 25.23 -54.45
C THR C 300 -1.52 23.84 -53.93
N ARG C 301 -1.86 22.79 -54.69
CA ARG C 301 -1.50 21.38 -54.36
C ARG C 301 0.04 21.31 -54.23
N GLN C 302 0.77 21.93 -55.17
CA GLN C 302 2.27 21.88 -55.15
C GLN C 302 2.75 22.65 -53.92
N ASN C 303 2.18 23.83 -53.65
CA ASN C 303 2.66 24.72 -52.55
C ASN C 303 2.41 24.04 -51.19
N LEU C 304 1.21 23.47 -51.00
CA LEU C 304 0.81 22.89 -49.69
C LEU C 304 1.34 21.46 -49.59
N GLY C 305 1.79 20.85 -50.70
CA GLY C 305 2.34 19.49 -50.71
C GLY C 305 1.23 18.46 -50.60
N TRP C 306 0.22 18.57 -51.46
CA TRP C 306 -1.04 17.78 -51.45
C TRP C 306 -1.09 16.96 -52.72
N PRO C 307 -0.56 15.72 -52.67
CA PRO C 307 -0.48 14.89 -53.88
C PRO C 307 -1.86 14.29 -54.17
N TYR C 308 -2.78 14.33 -53.20
CA TYR C 308 -4.04 13.55 -53.18
C TYR C 308 -5.01 14.00 -54.29
N ASP C 309 -5.77 13.03 -54.81
CA ASP C 309 -6.83 13.24 -55.82
C ASP C 309 -7.90 14.17 -55.25
N THR C 310 -8.83 14.59 -56.08
CA THR C 310 -9.91 15.50 -55.67
C THR C 310 -10.84 14.79 -54.67
N PHE C 311 -11.32 15.54 -53.68
CA PHE C 311 -12.29 15.09 -52.65
C PHE C 311 -11.67 13.96 -51.79
N PHE C 312 -10.35 13.91 -51.69
CA PHE C 312 -9.70 12.76 -51.00
C PHE C 312 -9.49 13.07 -49.51
N VAL C 313 -9.85 12.12 -48.67
CA VAL C 313 -9.57 12.19 -47.21
C VAL C 313 -8.51 11.13 -46.93
N PRO C 314 -7.26 11.52 -46.62
CA PRO C 314 -6.22 10.52 -46.32
C PRO C 314 -6.70 9.57 -45.20
N GLU C 315 -6.24 8.32 -45.28
CA GLU C 315 -6.66 7.24 -44.35
C GLU C 315 -6.33 7.65 -42.91
N ASP C 316 -5.21 8.31 -42.65
CA ASP C 316 -4.84 8.68 -41.26
C ASP C 316 -5.81 9.73 -40.73
N VAL C 317 -6.16 10.71 -41.57
CA VAL C 317 -7.16 11.75 -41.23
C VAL C 317 -8.53 11.08 -41.03
N LYS C 318 -8.92 10.17 -41.93
CA LYS C 318 -10.20 9.43 -41.83
C LYS C 318 -10.28 8.73 -40.47
N SER C 319 -9.25 7.97 -40.12
CA SER C 319 -9.15 7.19 -38.86
C SER C 319 -9.26 8.14 -37.66
N HIS C 320 -8.51 9.24 -37.66
CA HIS C 320 -8.52 10.25 -36.58
C HIS C 320 -9.95 10.75 -36.34
N TRP C 321 -10.62 11.23 -37.40
CA TRP C 321 -11.98 11.81 -37.31
C TRP C 321 -13.04 10.76 -36.95
N SER C 322 -12.83 9.49 -37.28
CA SER C 322 -13.83 8.42 -37.07
C SER C 322 -14.21 8.31 -35.59
N ARG C 323 -13.35 8.74 -34.68
CA ARG C 323 -13.59 8.63 -33.22
C ARG C 323 -14.80 9.50 -32.80
N HIS C 324 -15.21 10.49 -33.59
CA HIS C 324 -16.35 11.37 -33.22
C HIS C 324 -17.68 10.60 -33.21
N THR C 325 -17.77 9.50 -33.96
CA THR C 325 -19.01 8.69 -33.98
C THR C 325 -19.19 8.06 -32.61
N PRO C 326 -18.29 7.14 -32.15
CA PRO C 326 -18.46 6.58 -30.80
C PRO C 326 -18.37 7.61 -29.66
N GLU C 327 -17.48 8.60 -29.73
CA GLU C 327 -17.34 9.56 -28.63
C GLU C 327 -18.58 10.45 -28.56
N GLY C 328 -19.11 10.86 -29.71
CA GLY C 328 -20.34 11.68 -29.74
C GLY C 328 -21.55 10.91 -29.20
N ALA C 329 -21.67 9.63 -29.54
CA ALA C 329 -22.75 8.76 -29.00
C ALA C 329 -22.60 8.70 -27.48
N ALA C 330 -21.39 8.51 -26.97
CA ALA C 330 -21.13 8.42 -25.52
C ALA C 330 -21.46 9.75 -24.82
N LEU C 331 -21.16 10.90 -25.43
CA LEU C 331 -21.52 12.22 -24.83
C LEU C 331 -23.04 12.30 -24.68
N GLU C 332 -23.74 11.93 -25.75
CA GLU C 332 -25.22 12.03 -25.70
C GLU C 332 -25.75 11.03 -24.66
N ALA C 333 -25.20 9.81 -24.63
CA ALA C 333 -25.70 8.76 -23.70
C ALA C 333 -25.52 9.25 -22.25
N ASP C 334 -24.39 9.88 -21.94
CA ASP C 334 -24.11 10.47 -20.60
C ASP C 334 -25.20 11.46 -20.26
N TRP C 335 -25.50 12.37 -21.20
CA TRP C 335 -26.56 13.39 -20.99
C TRP C 335 -27.93 12.73 -20.83
N ASN C 336 -28.26 11.73 -21.64
CA ASN C 336 -29.57 11.02 -21.53
C ASN C 336 -29.75 10.44 -20.12
N ALA C 337 -28.69 9.83 -19.55
CA ALA C 337 -28.72 9.26 -18.18
C ALA C 337 -28.99 10.39 -17.18
N LYS C 338 -28.31 11.52 -17.34
CA LYS C 338 -28.55 12.71 -16.51
C LYS C 338 -30.00 13.18 -16.66
N PHE C 339 -30.56 13.22 -17.86
CA PHE C 339 -31.97 13.65 -18.06
C PHE C 339 -32.92 12.63 -17.39
N ALA C 340 -32.66 11.33 -17.53
CA ALA C 340 -33.53 10.32 -16.86
C ALA C 340 -33.55 10.55 -15.33
N GLU C 341 -32.40 10.82 -14.70
CA GLU C 341 -32.27 11.12 -13.25
C GLU C 341 -32.99 12.44 -12.90
N TYR C 342 -32.85 13.46 -13.75
CA TYR C 342 -33.57 14.76 -13.60
C TYR C 342 -35.08 14.49 -13.57
N GLU C 343 -35.58 13.72 -14.55
CA GLU C 343 -37.01 13.40 -14.71
C GLU C 343 -37.51 12.61 -13.48
N LYS C 344 -36.66 11.76 -12.91
CA LYS C 344 -36.98 10.94 -11.71
C LYS C 344 -37.18 11.89 -10.52
N LYS C 345 -36.27 12.83 -10.29
CA LYS C 345 -36.29 13.68 -9.08
C LYS C 345 -37.19 14.91 -9.28
N TYR C 346 -37.26 15.46 -10.49
CA TYR C 346 -37.94 16.76 -10.76
C TYR C 346 -38.94 16.59 -11.87
N ALA C 347 -40.01 15.81 -11.64
CA ALA C 347 -40.97 15.36 -12.68
C ALA C 347 -41.62 16.58 -13.37
N ASP C 348 -42.09 17.55 -12.60
CA ASP C 348 -42.85 18.72 -13.10
C ASP C 348 -41.91 19.57 -14.01
N ASP C 349 -40.71 19.87 -13.51
CA ASP C 349 -39.70 20.70 -14.22
C ASP C 349 -39.26 19.96 -15.48
N ALA C 350 -39.06 18.64 -15.39
CA ALA C 350 -38.69 17.80 -16.55
C ALA C 350 -39.80 17.85 -17.62
N ALA C 351 -41.08 17.74 -17.25
CA ALA C 351 -42.18 17.80 -18.23
C ALA C 351 -42.22 19.18 -18.94
N THR C 352 -41.97 20.27 -18.20
CA THR C 352 -41.97 21.65 -18.74
C THR C 352 -40.81 21.78 -19.74
N LEU C 353 -39.61 21.39 -19.34
CA LEU C 353 -38.42 21.43 -20.23
C LEU C 353 -38.63 20.50 -21.44
N LYS C 354 -39.21 19.33 -21.25
CA LYS C 354 -39.47 18.36 -22.35
C LYS C 354 -40.34 19.04 -23.39
N SER C 355 -41.33 19.85 -23.02
CA SER C 355 -42.18 20.62 -23.95
C SER C 355 -41.32 21.51 -24.88
N ILE C 356 -40.32 22.20 -24.30
CA ILE C 356 -39.42 23.09 -25.07
C ILE C 356 -38.50 22.24 -25.94
N ILE C 357 -38.03 21.10 -25.42
CA ILE C 357 -37.16 20.17 -26.21
C ILE C 357 -37.92 19.59 -27.40
N THR C 358 -39.12 19.05 -27.17
CA THR C 358 -39.79 18.15 -28.16
C THR C 358 -40.67 18.98 -29.09
N GLY C 359 -41.15 20.11 -28.61
CA GLY C 359 -42.12 20.94 -29.35
C GLY C 359 -43.54 20.55 -29.03
N GLU C 360 -43.76 19.52 -28.24
CA GLU C 360 -45.13 19.04 -27.90
C GLU C 360 -45.69 19.99 -26.85
N LEU C 361 -46.67 20.80 -27.24
CA LEU C 361 -47.22 21.86 -26.39
C LEU C 361 -48.22 21.19 -25.45
N PRO C 362 -48.35 21.61 -24.18
CA PRO C 362 -49.29 20.98 -23.26
C PRO C 362 -50.71 20.80 -23.81
N THR C 363 -51.35 19.67 -23.48
CA THR C 363 -52.72 19.36 -23.96
C THR C 363 -53.67 20.50 -23.59
N GLY C 364 -54.49 20.93 -24.55
CA GLY C 364 -55.56 21.93 -24.34
C GLY C 364 -55.07 23.37 -24.27
N TRP C 365 -53.79 23.65 -24.59
CA TRP C 365 -53.21 25.03 -24.58
C TRP C 365 -54.10 25.98 -25.38
N VAL C 366 -54.67 25.55 -26.52
CA VAL C 366 -55.48 26.41 -27.43
C VAL C 366 -56.62 27.03 -26.63
N ASP C 367 -57.19 26.23 -25.74
CA ASP C 367 -58.44 26.61 -25.05
C ASP C 367 -58.18 27.74 -24.05
N ALA C 368 -56.93 28.07 -23.75
CA ALA C 368 -56.59 29.18 -22.84
C ALA C 368 -57.00 30.51 -23.48
N LEU C 369 -57.04 30.58 -24.81
CA LEU C 369 -57.25 31.88 -25.51
C LEU C 369 -58.63 32.44 -25.19
N PRO C 370 -58.74 33.79 -25.09
CA PRO C 370 -60.00 34.42 -24.72
C PRO C 370 -61.01 34.44 -25.87
N LYS C 371 -62.28 34.60 -25.52
CA LYS C 371 -63.36 34.83 -26.50
C LYS C 371 -64.13 36.09 -26.09
N TYR C 372 -64.88 36.65 -27.02
CA TYR C 372 -65.56 37.95 -26.88
C TYR C 372 -66.90 37.87 -27.59
N THR C 373 -67.80 38.80 -27.30
CA THR C 373 -69.08 38.98 -28.04
C THR C 373 -69.21 40.46 -28.32
N PRO C 374 -70.16 40.90 -29.18
CA PRO C 374 -70.39 42.32 -29.39
C PRO C 374 -70.74 43.11 -28.11
N GLU C 375 -71.09 42.45 -27.01
CA GLU C 375 -71.35 43.13 -25.71
C GLU C 375 -70.06 43.34 -24.91
N SER C 376 -68.95 42.70 -25.28
CA SER C 376 -67.64 42.89 -24.62
C SER C 376 -67.23 44.33 -24.82
N PRO C 377 -66.53 45.00 -23.88
CA PRO C 377 -66.11 46.37 -24.11
C PRO C 377 -65.11 46.46 -25.27
N GLY C 378 -65.24 47.49 -26.09
CA GLY C 378 -64.35 47.72 -27.25
C GLY C 378 -62.90 47.89 -26.79
N ASP C 379 -61.95 47.39 -27.56
CA ASP C 379 -60.52 47.59 -27.20
C ASP C 379 -59.68 47.56 -28.47
N ALA C 380 -58.49 48.13 -28.37
CA ALA C 380 -57.48 48.13 -29.43
C ALA C 380 -56.97 46.70 -29.57
N THR C 381 -56.67 46.24 -30.77
CA THR C 381 -56.09 44.88 -30.91
C THR C 381 -54.68 44.82 -30.27
N ARG C 382 -54.00 45.93 -30.04
CA ARG C 382 -52.74 45.89 -29.27
C ARG C 382 -53.03 45.39 -27.85
N ASN C 383 -54.11 45.87 -27.22
CA ASN C 383 -54.44 45.43 -25.83
C ASN C 383 -54.95 43.97 -25.86
N LEU C 384 -55.74 43.62 -26.87
CA LEU C 384 -56.30 42.25 -26.99
C LEU C 384 -55.13 41.27 -27.23
N SER C 385 -54.11 41.72 -27.96
CA SER C 385 -52.85 40.96 -28.15
C SER C 385 -52.19 40.69 -26.80
N GLN C 386 -52.08 41.68 -25.93
CA GLN C 386 -51.48 41.44 -24.59
C GLN C 386 -52.29 40.37 -23.83
N GLN C 387 -53.62 40.38 -23.93
CA GLN C 387 -54.48 39.40 -23.24
C GLN C 387 -54.13 38.00 -23.75
N CYS C 388 -53.96 37.84 -25.07
CA CYS C 388 -53.64 36.54 -25.68
C CYS C 388 -52.25 36.06 -25.25
N LEU C 389 -51.25 36.95 -25.29
CA LEU C 389 -49.88 36.62 -24.83
C LEU C 389 -49.91 36.13 -23.38
N ASN C 390 -50.66 36.82 -22.52
CA ASN C 390 -50.69 36.49 -21.08
C ASN C 390 -51.39 35.14 -20.89
N ALA C 391 -52.46 34.90 -21.63
CA ALA C 391 -53.19 33.61 -21.56
C ALA C 391 -52.27 32.48 -22.00
N LEU C 392 -51.55 32.69 -23.10
CA LEU C 392 -50.65 31.66 -23.68
C LEU C 392 -49.47 31.38 -22.73
N ALA C 393 -48.96 32.40 -22.06
CA ALA C 393 -47.77 32.28 -21.21
C ALA C 393 -48.01 31.21 -20.13
N ASN C 394 -49.25 31.07 -19.63
CA ASN C 394 -49.56 30.08 -18.58
C ASN C 394 -49.49 28.65 -19.13
N VAL C 395 -49.66 28.45 -20.44
CA VAL C 395 -49.88 27.10 -21.01
C VAL C 395 -48.81 26.75 -22.05
N VAL C 396 -47.96 27.71 -22.47
CA VAL C 396 -46.92 27.46 -23.51
C VAL C 396 -45.58 27.78 -22.84
N PRO C 397 -44.89 26.74 -22.34
CA PRO C 397 -43.65 26.93 -21.63
C PRO C 397 -42.57 27.69 -22.43
N GLY C 398 -42.53 27.52 -23.75
CA GLY C 398 -41.48 28.10 -24.62
C GLY C 398 -41.83 29.50 -25.11
N LEU C 399 -42.97 30.09 -24.70
CA LEU C 399 -43.28 31.49 -25.08
C LEU C 399 -42.33 32.43 -24.33
N ILE C 400 -41.57 33.19 -25.09
CA ILE C 400 -40.51 34.09 -24.59
C ILE C 400 -40.34 35.22 -25.60
N GLY C 401 -40.07 36.43 -25.13
CA GLY C 401 -39.84 37.52 -26.09
C GLY C 401 -40.30 38.85 -25.57
N GLY C 402 -40.46 39.80 -26.47
CA GLY C 402 -40.83 41.17 -26.06
C GLY C 402 -40.56 42.19 -27.14
N SER C 403 -40.54 43.44 -26.72
CA SER C 403 -40.56 44.64 -27.59
C SER C 403 -39.19 45.32 -27.70
N ALA C 404 -38.95 45.95 -28.84
CA ALA C 404 -37.82 46.87 -29.05
C ALA C 404 -38.17 48.25 -28.44
N ASP C 405 -38.06 48.34 -27.11
CA ASP C 405 -38.21 49.60 -26.33
C ASP C 405 -39.65 50.12 -26.42
N LEU C 406 -40.66 49.29 -26.67
CA LEU C 406 -42.05 49.76 -26.77
C LEU C 406 -42.98 48.83 -25.98
N ALA C 407 -42.52 48.34 -24.83
CA ALA C 407 -43.31 47.37 -24.05
C ALA C 407 -44.67 47.98 -23.71
N SER C 408 -44.72 49.26 -23.31
CA SER C 408 -45.95 49.92 -22.79
C SER C 408 -46.78 50.47 -23.94
N SER C 409 -46.33 50.30 -25.19
CA SER C 409 -47.05 50.78 -26.40
C SER C 409 -47.45 49.59 -27.29
N ASN C 410 -46.58 48.62 -27.50
CA ASN C 410 -46.90 47.37 -28.23
C ASN C 410 -47.72 46.43 -27.33
N MET C 411 -47.62 46.58 -25.99
CA MET C 411 -48.39 45.81 -24.98
C MET C 411 -47.91 44.35 -24.97
N THR C 412 -46.62 44.15 -24.75
CA THR C 412 -45.92 42.84 -24.85
C THR C 412 -45.60 42.21 -23.49
N LEU C 413 -45.80 42.89 -22.36
CA LEU C 413 -45.33 42.33 -21.06
C LEU C 413 -46.21 41.14 -20.65
N LEU C 414 -45.53 40.05 -20.28
CA LEU C 414 -46.10 38.90 -19.59
C LEU C 414 -46.07 39.25 -18.09
N LYS C 415 -47.23 39.62 -17.55
CA LYS C 415 -47.34 40.28 -16.24
C LYS C 415 -46.93 39.33 -15.11
N MET C 416 -46.96 38.02 -15.35
CA MET C 416 -46.63 37.02 -14.32
C MET C 416 -45.11 36.83 -14.24
N PHE C 417 -44.32 37.44 -15.11
CA PHE C 417 -42.86 37.22 -15.19
C PHE C 417 -42.13 38.55 -15.09
N GLY C 418 -40.87 38.49 -14.69
CA GLY C 418 -39.93 39.62 -14.73
C GLY C 418 -39.20 39.66 -16.05
N ASP C 419 -38.06 40.33 -16.04
CA ASP C 419 -37.23 40.55 -17.25
C ASP C 419 -36.05 39.58 -17.27
N PHE C 420 -35.80 39.00 -18.44
CA PHE C 420 -34.52 38.38 -18.77
C PHE C 420 -33.38 39.40 -18.54
N GLN C 421 -32.40 39.04 -17.71
CA GLN C 421 -31.14 39.80 -17.51
C GLN C 421 -30.04 38.82 -17.10
N LYS C 422 -28.79 39.28 -17.07
CA LYS C 422 -27.63 38.42 -16.74
C LYS C 422 -27.87 37.64 -15.44
N ASP C 423 -28.50 38.24 -14.44
CA ASP C 423 -28.71 37.64 -13.09
C ASP C 423 -30.10 37.01 -12.98
N THR C 424 -31.00 37.22 -13.95
CA THR C 424 -32.39 36.72 -13.91
C THR C 424 -32.73 36.06 -15.24
N ALA C 425 -31.85 35.21 -15.76
CA ALA C 425 -32.01 34.66 -17.11
C ALA C 425 -33.22 33.71 -17.16
N GLU C 426 -33.76 33.28 -16.01
CA GLU C 426 -34.94 32.39 -15.98
C GLU C 426 -36.21 33.14 -16.41
N GLU C 427 -36.20 34.47 -16.42
CA GLU C 427 -37.40 35.29 -16.70
C GLU C 427 -37.68 35.31 -18.21
N ARG C 428 -38.91 35.67 -18.59
CA ARG C 428 -39.44 35.37 -19.95
C ARG C 428 -39.73 36.63 -20.74
N ASN C 429 -39.66 37.82 -20.11
CA ASN C 429 -39.81 39.10 -20.85
C ASN C 429 -38.41 39.51 -21.31
N VAL C 430 -38.24 39.62 -22.63
CA VAL C 430 -36.93 40.00 -23.22
C VAL C 430 -37.07 41.44 -23.69
N ARG C 431 -36.22 42.31 -23.17
CA ARG C 431 -36.28 43.78 -23.41
C ARG C 431 -35.17 44.09 -24.43
N PHE C 432 -35.51 44.37 -25.69
CA PHE C 432 -34.50 44.39 -26.77
C PHE C 432 -33.85 45.78 -26.93
N GLY C 433 -34.39 46.81 -26.32
CA GLY C 433 -34.02 48.20 -26.64
C GLY C 433 -34.33 48.52 -28.09
N VAL C 434 -33.76 49.59 -28.63
CA VAL C 434 -34.14 50.12 -29.96
C VAL C 434 -33.27 49.42 -31.03
N ARG C 435 -33.56 48.13 -31.23
CA ARG C 435 -32.71 47.17 -31.98
C ARG C 435 -33.58 46.18 -32.74
N GLU C 436 -34.40 46.67 -33.66
CA GLU C 436 -35.41 45.83 -34.34
C GLU C 436 -34.69 44.71 -35.09
N HIS C 437 -33.67 45.02 -35.89
CA HIS C 437 -33.04 43.99 -36.77
C HIS C 437 -32.37 42.91 -35.90
N GLY C 438 -31.58 43.32 -34.92
CA GLY C 438 -30.97 42.40 -33.97
C GLY C 438 -32.01 41.56 -33.27
N MET C 439 -33.11 42.18 -32.85
CA MET C 439 -34.23 41.48 -32.18
C MET C 439 -34.79 40.35 -33.05
N GLY C 440 -35.03 40.60 -34.34
CA GLY C 440 -35.59 39.56 -35.24
C GLY C 440 -34.64 38.38 -35.34
N ALA C 441 -33.35 38.64 -35.57
CA ALA C 441 -32.36 37.57 -35.77
C ALA C 441 -32.12 36.85 -34.43
N ILE C 442 -32.16 37.56 -33.31
CA ILE C 442 -32.10 36.92 -31.98
C ILE C 442 -33.25 35.93 -31.86
N CYS C 443 -34.46 36.34 -32.24
CA CYS C 443 -35.65 35.46 -32.16
C CYS C 443 -35.52 34.28 -33.11
N ASN C 444 -34.90 34.42 -34.28
CA ASN C 444 -34.65 33.28 -35.19
C ASN C 444 -33.77 32.26 -34.44
N GLY C 445 -32.72 32.72 -33.75
CA GLY C 445 -31.84 31.87 -32.96
C GLY C 445 -32.62 31.15 -31.84
N ILE C 446 -33.48 31.86 -31.11
CA ILE C 446 -34.33 31.18 -30.07
C ILE C 446 -35.21 30.12 -30.74
N ALA C 447 -35.92 30.46 -31.81
CA ALA C 447 -36.85 29.52 -32.49
C ALA C 447 -36.09 28.27 -32.90
N LEU C 448 -34.87 28.43 -33.42
CA LEU C 448 -34.14 27.29 -34.02
C LEU C 448 -33.25 26.60 -32.98
N HIS C 449 -33.24 27.07 -31.73
CA HIS C 449 -32.54 26.36 -30.63
C HIS C 449 -33.23 25.02 -30.38
N SER C 450 -34.52 25.06 -30.11
CA SER C 450 -35.36 23.88 -29.75
C SER C 450 -36.77 24.13 -30.28
N PRO C 451 -37.44 23.08 -30.80
CA PRO C 451 -38.70 23.25 -31.53
C PRO C 451 -39.90 23.63 -30.65
N GLY C 452 -39.78 23.58 -29.32
CA GLY C 452 -40.83 24.04 -28.41
C GLY C 452 -40.71 25.48 -28.00
N PHE C 453 -39.67 26.18 -28.46
CA PHE C 453 -39.62 27.64 -28.30
C PHE C 453 -40.65 28.29 -29.21
N VAL C 454 -41.32 29.29 -28.66
CA VAL C 454 -42.29 30.14 -29.39
C VAL C 454 -41.87 31.59 -29.10
N PRO C 455 -40.85 32.10 -29.81
CA PRO C 455 -40.39 33.46 -29.57
C PRO C 455 -41.36 34.44 -30.22
N TYR C 456 -41.60 35.55 -29.53
CA TYR C 456 -42.36 36.69 -30.09
C TYR C 456 -41.53 37.96 -29.94
N CYS C 457 -41.69 38.88 -30.87
CA CYS C 457 -40.99 40.18 -30.76
C CYS C 457 -41.86 41.26 -31.40
N ALA C 458 -41.58 42.49 -31.07
CA ALA C 458 -42.55 43.58 -31.34
C ALA C 458 -41.85 44.91 -31.62
N THR C 459 -42.48 45.67 -32.51
CA THR C 459 -42.21 47.11 -32.72
C THR C 459 -43.46 47.67 -33.41
N PHE C 460 -43.42 48.95 -33.71
CA PHE C 460 -44.44 49.52 -34.59
C PHE C 460 -44.27 48.85 -35.95
N PHE C 461 -45.40 48.53 -36.58
CA PHE C 461 -45.43 47.80 -37.88
C PHE C 461 -44.55 48.49 -38.93
N VAL C 462 -44.55 49.82 -38.96
CA VAL C 462 -43.75 50.56 -39.97
C VAL C 462 -42.25 50.17 -39.87
N PHE C 463 -41.77 49.82 -38.66
CA PHE C 463 -40.33 49.54 -38.44
C PHE C 463 -40.01 48.07 -38.68
N THR C 464 -40.95 47.29 -39.22
CA THR C 464 -40.58 46.02 -39.87
C THR C 464 -39.51 46.29 -40.93
N ASP C 465 -39.54 47.46 -41.58
CA ASP C 465 -38.54 47.80 -42.61
C ASP C 465 -37.12 47.68 -42.04
N TYR C 466 -36.89 48.07 -40.79
CA TYR C 466 -35.56 48.01 -40.13
C TYR C 466 -35.07 46.57 -39.99
N MET C 467 -36.02 45.62 -39.82
CA MET C 467 -35.71 44.25 -39.38
C MET C 467 -36.11 43.24 -40.47
N ARG C 468 -36.43 43.73 -41.67
CA ARG C 468 -36.96 42.92 -42.79
C ARG C 468 -35.97 41.84 -43.20
N GLY C 469 -34.66 42.09 -43.13
CA GLY C 469 -33.66 41.05 -43.45
C GLY C 469 -33.85 39.81 -42.61
N ALA C 470 -34.03 39.98 -41.30
CA ALA C 470 -34.21 38.85 -40.37
C ALA C 470 -35.60 38.24 -40.58
N MET C 471 -36.63 39.04 -40.82
CA MET C 471 -38.00 38.51 -40.99
C MET C 471 -38.05 37.59 -42.23
N ARG C 472 -37.42 37.99 -43.34
CA ARG C 472 -37.36 37.17 -44.57
C ARG C 472 -36.67 35.84 -44.23
N ILE C 473 -35.60 35.90 -43.44
CA ILE C 473 -34.91 34.65 -43.05
C ILE C 473 -35.78 33.81 -42.12
N SER C 474 -36.62 34.40 -41.26
CA SER C 474 -37.64 33.59 -40.53
C SER C 474 -38.43 32.74 -41.51
N ALA C 475 -38.91 33.35 -42.60
CA ALA C 475 -39.75 32.69 -43.62
C ALA C 475 -38.92 31.59 -44.32
N LEU C 476 -37.73 31.92 -44.81
CA LEU C 476 -36.92 30.96 -45.57
C LEU C 476 -36.44 29.83 -44.66
N SER C 477 -36.04 30.10 -43.39
CA SER C 477 -35.44 29.10 -42.47
C SER C 477 -36.52 28.34 -41.70
N GLU C 478 -37.79 28.66 -41.92
CA GLU C 478 -38.96 27.99 -41.30
C GLU C 478 -38.87 28.17 -39.78
N ALA C 479 -38.55 29.38 -39.33
CA ALA C 479 -38.49 29.74 -37.90
C ALA C 479 -39.83 30.36 -37.53
N GLY C 480 -40.56 29.73 -36.60
CA GLY C 480 -41.93 30.12 -36.25
C GLY C 480 -41.94 31.30 -35.28
N VAL C 481 -41.36 32.42 -35.69
CA VAL C 481 -41.33 33.66 -34.85
C VAL C 481 -42.68 34.35 -34.98
N ILE C 482 -43.20 34.84 -33.86
CA ILE C 482 -44.46 35.62 -33.86
C ILE C 482 -44.08 37.10 -33.80
N TYR C 483 -44.40 37.80 -34.88
CA TYR C 483 -44.11 39.24 -35.03
C TYR C 483 -45.34 40.05 -34.66
N VAL C 484 -45.27 40.71 -33.51
CA VAL C 484 -46.38 41.48 -32.90
C VAL C 484 -46.21 42.94 -33.28
N MET C 485 -46.96 43.39 -34.26
CA MET C 485 -46.64 44.66 -34.96
C MET C 485 -47.81 45.65 -34.81
N THR C 486 -47.70 46.55 -33.84
CA THR C 486 -48.83 47.47 -33.45
C THR C 486 -48.73 48.76 -34.26
N HIS C 487 -49.71 49.63 -34.11
CA HIS C 487 -49.74 50.96 -34.78
C HIS C 487 -49.71 50.73 -36.28
N ASP C 488 -50.66 49.94 -36.76
CA ASP C 488 -50.60 49.29 -38.09
C ASP C 488 -51.03 50.21 -39.24
N SER C 489 -51.49 51.42 -38.98
CA SER C 489 -52.06 52.31 -40.04
C SER C 489 -52.13 53.76 -39.62
N ILE C 490 -52.64 54.58 -40.51
CA ILE C 490 -53.04 55.99 -40.25
C ILE C 490 -53.86 56.07 -38.97
N GLY C 491 -54.50 54.99 -38.54
CA GLY C 491 -55.22 54.95 -37.25
C GLY C 491 -54.39 55.42 -36.07
N LEU C 492 -53.07 55.39 -36.18
CA LEU C 492 -52.19 55.89 -35.09
C LEU C 492 -52.25 57.42 -34.98
N GLY C 493 -52.60 58.14 -36.04
CA GLY C 493 -52.79 59.60 -35.97
C GLY C 493 -51.49 60.42 -35.98
N GLU C 494 -51.28 61.21 -34.92
CA GLU C 494 -50.41 62.40 -34.91
C GLU C 494 -48.93 62.09 -35.19
N ASP C 495 -48.40 60.90 -34.88
CA ASP C 495 -46.95 60.64 -35.16
C ASP C 495 -46.69 60.79 -36.66
N GLY C 496 -47.69 60.63 -37.53
CA GLY C 496 -47.57 61.13 -38.90
C GLY C 496 -46.93 60.13 -39.85
N PRO C 497 -46.62 60.57 -41.09
CA PRO C 497 -46.34 59.65 -42.19
C PRO C 497 -45.07 58.79 -42.00
N THR C 498 -44.10 59.30 -41.23
CA THR C 498 -42.86 58.54 -40.91
C THR C 498 -43.20 57.26 -40.16
N HIS C 499 -44.35 57.21 -39.47
CA HIS C 499 -44.74 56.14 -38.53
C HIS C 499 -45.88 55.29 -39.10
N GLN C 500 -46.53 55.73 -40.18
CA GLN C 500 -47.79 55.12 -40.64
C GLN C 500 -47.52 54.16 -41.78
N PRO C 501 -47.72 52.84 -41.57
CA PRO C 501 -47.59 51.87 -42.65
C PRO C 501 -48.53 52.21 -43.81
N ILE C 502 -48.12 51.88 -45.04
CA ILE C 502 -48.99 51.98 -46.25
C ILE C 502 -48.80 50.70 -47.08
N GLU C 503 -47.56 50.48 -47.50
CA GLU C 503 -47.16 49.36 -48.39
C GLU C 503 -46.91 48.07 -47.60
N HIS C 504 -46.92 48.12 -46.26
CA HIS C 504 -46.32 47.04 -45.42
C HIS C 504 -47.12 45.73 -45.58
N LEU C 505 -48.45 45.79 -45.48
CA LEU C 505 -49.30 44.57 -45.59
C LEU C 505 -48.98 43.83 -46.89
N VAL C 506 -49.07 44.51 -48.02
CA VAL C 506 -48.87 43.83 -49.34
C VAL C 506 -47.42 43.37 -49.48
N SER C 507 -46.46 44.13 -48.91
CA SER C 507 -45.02 43.78 -48.96
C SER C 507 -44.80 42.42 -48.29
N PHE C 508 -45.60 42.04 -47.30
CA PHE C 508 -45.51 40.71 -46.64
C PHE C 508 -46.44 39.66 -47.28
N ARG C 509 -47.59 40.08 -47.79
CA ARG C 509 -48.47 39.18 -48.60
C ARG C 509 -47.66 38.58 -49.75
N ALA C 510 -46.71 39.33 -50.33
CA ALA C 510 -45.89 38.89 -51.48
C ALA C 510 -44.78 37.93 -51.02
N MET C 511 -44.38 38.01 -49.76
CA MET C 511 -43.19 37.27 -49.27
C MET C 511 -43.60 35.81 -49.07
N PRO C 512 -42.82 34.83 -49.56
CA PRO C 512 -43.16 33.43 -49.33
C PRO C 512 -43.05 33.04 -47.85
N ASN C 513 -43.90 32.09 -47.46
CA ASN C 513 -43.90 31.41 -46.14
C ASN C 513 -43.94 32.40 -45.00
N ILE C 514 -44.89 33.31 -44.99
CA ILE C 514 -45.11 34.18 -43.80
C ILE C 514 -46.58 34.61 -43.83
N LEU C 515 -47.24 34.53 -42.69
CA LEU C 515 -48.67 34.92 -42.58
C LEU C 515 -48.76 36.42 -42.27
N MET C 516 -49.64 37.11 -42.98
CA MET C 516 -49.85 38.56 -42.75
C MET C 516 -51.25 38.72 -42.17
N LEU C 517 -51.35 38.52 -40.85
CA LEU C 517 -52.64 38.49 -40.13
C LEU C 517 -53.05 39.90 -39.70
N ARG C 518 -54.31 40.29 -39.93
CA ARG C 518 -54.75 41.66 -39.54
C ARG C 518 -56.11 41.56 -38.86
N PRO C 519 -56.10 41.14 -37.56
CA PRO C 519 -57.33 40.89 -36.83
C PRO C 519 -58.15 42.17 -36.55
N ALA C 520 -59.47 42.05 -36.68
CA ALA C 520 -60.42 43.16 -36.51
C ALA C 520 -60.69 43.46 -35.03
N ASP C 521 -60.65 42.42 -34.18
CA ASP C 521 -61.26 42.49 -32.82
C ASP C 521 -60.70 41.39 -31.93
N GLY C 522 -61.36 41.16 -30.80
CA GLY C 522 -60.95 40.16 -29.81
C GLY C 522 -60.92 38.75 -30.39
N ASN C 523 -62.02 38.31 -31.00
CA ASN C 523 -62.06 36.90 -31.48
C ASN C 523 -61.02 36.72 -32.60
N GLU C 524 -60.83 37.72 -33.45
CA GLU C 524 -59.85 37.56 -34.55
C GLU C 524 -58.43 37.57 -33.98
N THR C 525 -58.18 38.35 -32.93
CA THR C 525 -56.83 38.41 -32.32
C THR C 525 -56.51 37.05 -31.71
N ALA C 526 -57.48 36.47 -30.98
CA ALA C 526 -57.33 35.11 -30.43
C ALA C 526 -57.05 34.12 -31.57
N GLY C 527 -57.82 34.21 -32.66
CA GLY C 527 -57.63 33.31 -33.81
C GLY C 527 -56.24 33.48 -34.42
N ALA C 528 -55.76 34.71 -34.54
CA ALA C 528 -54.42 34.97 -35.12
C ALA C 528 -53.36 34.33 -34.21
N TYR C 529 -53.51 34.42 -32.89
CA TYR C 529 -52.56 33.76 -31.96
C TYR C 529 -52.63 32.23 -32.04
N LYS C 530 -53.83 31.64 -32.17
CA LYS C 530 -53.96 30.19 -32.35
C LYS C 530 -53.16 29.75 -33.57
N VAL C 531 -53.38 30.42 -34.69
CA VAL C 531 -52.66 30.14 -35.96
C VAL C 531 -51.16 30.31 -35.75
N ALA C 532 -50.74 31.41 -35.13
CA ALA C 532 -49.31 31.72 -34.97
C ALA C 532 -48.60 30.64 -34.15
N VAL C 533 -49.20 30.24 -33.04
CA VAL C 533 -48.59 29.21 -32.16
C VAL C 533 -48.58 27.83 -32.87
N LEU C 534 -49.66 27.47 -33.57
CA LEU C 534 -49.70 26.16 -34.30
C LEU C 534 -48.62 26.12 -35.38
N ASN C 535 -48.28 27.26 -35.96
CA ASN C 535 -47.36 27.37 -37.13
C ASN C 535 -45.91 27.44 -36.65
N ARG C 536 -45.34 26.30 -36.28
CA ARG C 536 -43.94 26.24 -35.78
C ARG C 536 -42.92 26.29 -36.96
N LYS C 537 -43.36 26.26 -38.23
CA LYS C 537 -42.44 26.22 -39.39
C LYS C 537 -42.70 27.38 -40.37
N ARG C 538 -43.48 28.36 -39.91
CA ARG C 538 -43.87 29.54 -40.70
C ARG C 538 -44.08 30.69 -39.74
N PRO C 539 -43.32 31.80 -39.89
CA PRO C 539 -43.50 32.96 -39.04
C PRO C 539 -44.88 33.60 -39.33
N SER C 540 -45.41 34.29 -38.33
CA SER C 540 -46.70 35.00 -38.43
C SER C 540 -46.51 36.46 -38.03
N ILE C 541 -47.04 37.37 -38.83
CA ILE C 541 -47.09 38.80 -38.47
C ILE C 541 -48.52 39.13 -38.06
N LEU C 542 -48.70 39.78 -36.90
CA LEU C 542 -50.01 40.32 -36.47
C LEU C 542 -49.96 41.83 -36.56
N ALA C 543 -50.67 42.41 -37.52
CA ALA C 543 -50.89 43.87 -37.63
C ALA C 543 -51.99 44.26 -36.66
N LEU C 544 -51.64 45.05 -35.65
CA LEU C 544 -52.48 45.40 -34.48
C LEU C 544 -52.66 46.91 -34.38
N SER C 545 -53.83 47.34 -33.90
CA SER C 545 -54.28 48.74 -33.89
C SER C 545 -53.74 49.43 -32.64
N ARG C 546 -53.37 50.70 -32.78
CA ARG C 546 -53.23 51.64 -31.66
C ARG C 546 -54.62 51.84 -31.04
N GLN C 547 -55.61 52.12 -31.88
CA GLN C 547 -56.92 52.72 -31.48
C GLN C 547 -57.94 51.62 -31.12
N LYS C 548 -58.91 51.96 -30.26
CA LYS C 548 -59.96 51.02 -29.79
C LYS C 548 -60.89 50.69 -30.95
N LEU C 549 -61.33 49.44 -30.99
CA LEU C 549 -62.22 48.91 -32.03
C LEU C 549 -63.34 48.15 -31.33
N PRO C 550 -64.54 48.10 -31.94
CA PRO C 550 -65.63 47.31 -31.37
C PRO C 550 -65.38 45.81 -31.60
N HIS C 551 -66.01 44.97 -30.79
CA HIS C 551 -66.11 43.53 -31.07
C HIS C 551 -67.26 43.32 -32.04
N LEU C 552 -67.03 42.65 -33.15
CA LEU C 552 -68.00 42.62 -34.26
C LEU C 552 -68.79 41.33 -34.20
N PRO C 553 -70.10 41.38 -34.54
CA PRO C 553 -70.89 40.18 -34.71
C PRO C 553 -70.22 39.27 -35.75
N GLY C 554 -70.09 37.98 -35.47
CA GLY C 554 -69.70 36.99 -36.50
C GLY C 554 -68.20 36.70 -36.58
N THR C 555 -67.35 37.39 -35.81
CA THR C 555 -65.90 37.06 -35.86
C THR C 555 -65.69 35.76 -35.08
N SER C 556 -64.69 34.97 -35.44
CA SER C 556 -64.40 33.69 -34.74
C SER C 556 -62.97 33.24 -35.04
N ILE C 557 -62.45 32.41 -34.15
CA ILE C 557 -61.17 31.68 -34.30
C ILE C 557 -61.24 30.82 -35.55
N GLU C 558 -62.35 30.10 -35.73
CA GLU C 558 -62.55 29.16 -36.86
C GLU C 558 -62.49 29.95 -38.18
N GLY C 559 -63.04 31.17 -38.18
CA GLY C 559 -62.97 32.06 -39.35
C GLY C 559 -61.52 32.45 -39.65
N VAL C 560 -60.78 32.91 -38.63
CA VAL C 560 -59.37 33.31 -38.84
C VAL C 560 -58.59 32.15 -39.46
N GLU C 561 -58.82 30.92 -39.01
CA GLU C 561 -58.12 29.73 -39.53
C GLU C 561 -58.34 29.58 -41.04
N LYS C 562 -59.41 30.14 -41.60
CA LYS C 562 -59.70 30.06 -43.05
C LYS C 562 -59.25 31.33 -43.80
N GLY C 563 -58.80 32.38 -43.06
CA GLY C 563 -58.16 33.56 -43.67
C GLY C 563 -59.17 34.55 -44.25
N GLY C 564 -60.16 34.05 -45.00
CA GLY C 564 -61.26 34.85 -45.55
C GLY C 564 -62.56 34.18 -45.19
N TYR C 565 -63.48 34.89 -44.54
CA TYR C 565 -64.72 34.25 -44.05
C TYR C 565 -65.79 35.29 -43.85
N THR C 566 -67.04 34.84 -43.97
CA THR C 566 -68.21 35.74 -43.85
C THR C 566 -68.48 36.02 -42.39
N ILE C 567 -68.65 37.30 -42.02
CA ILE C 567 -69.03 37.66 -40.63
C ILE C 567 -70.51 38.06 -40.59
N SER C 568 -71.11 38.53 -41.68
CA SER C 568 -72.56 38.86 -41.69
C SER C 568 -73.10 38.71 -43.11
N ASP C 569 -74.38 38.35 -43.23
CA ASP C 569 -74.99 38.03 -44.53
C ASP C 569 -76.50 38.06 -44.37
N ASN C 570 -77.20 38.88 -45.14
CA ASN C 570 -78.68 38.80 -45.20
C ASN C 570 -79.11 38.35 -46.61
N SER C 571 -78.22 37.71 -47.36
CA SER C 571 -78.49 37.28 -48.75
C SER C 571 -79.11 35.88 -48.72
N THR C 572 -79.65 35.48 -49.87
CA THR C 572 -80.14 34.11 -50.11
C THR C 572 -79.50 33.62 -51.39
N GLY C 573 -79.51 32.29 -51.59
CA GLY C 573 -79.06 31.66 -52.84
C GLY C 573 -77.58 31.87 -53.11
N ASN C 574 -76.79 32.23 -52.10
CA ASN C 574 -75.36 32.59 -52.29
C ASN C 574 -75.25 33.66 -53.37
N LYS C 575 -76.19 34.61 -53.41
CA LYS C 575 -76.15 35.70 -54.43
C LYS C 575 -76.46 37.03 -53.75
N PRO C 576 -75.59 37.49 -52.83
CA PRO C 576 -75.71 38.84 -52.29
C PRO C 576 -75.68 39.87 -53.42
N ASP C 577 -76.45 40.95 -53.30
CA ASP C 577 -76.36 42.13 -54.19
C ASP C 577 -74.94 42.71 -54.10
N LEU C 578 -74.30 42.63 -52.93
CA LEU C 578 -72.99 43.28 -52.70
C LEU C 578 -72.14 42.46 -51.73
N ILE C 579 -70.85 42.33 -52.03
CA ILE C 579 -69.87 41.80 -51.05
C ILE C 579 -68.91 42.94 -50.66
N VAL C 580 -68.81 43.20 -49.36
CA VAL C 580 -67.86 44.18 -48.79
C VAL C 580 -66.86 43.37 -47.97
N MET C 581 -65.58 43.51 -48.32
CA MET C 581 -64.52 42.82 -47.60
C MET C 581 -63.59 43.84 -46.91
N GLY C 582 -63.06 43.45 -45.76
CA GLY C 582 -62.23 44.35 -44.96
C GLY C 582 -61.30 43.59 -44.07
N THR C 583 -60.34 44.29 -43.48
CA THR C 583 -59.41 43.70 -42.47
C THR C 583 -59.26 44.68 -41.34
N GLY C 584 -58.80 44.18 -40.20
CA GLY C 584 -58.42 45.02 -39.04
C GLY C 584 -59.48 46.06 -38.73
N SER C 585 -59.02 47.26 -38.46
CA SER C 585 -59.82 48.45 -38.09
C SER C 585 -60.80 48.84 -39.20
N GLU C 586 -60.65 48.35 -40.43
CA GLU C 586 -61.60 48.77 -41.51
C GLU C 586 -62.79 47.81 -41.58
N LEU C 587 -62.73 46.66 -40.91
CA LEU C 587 -63.87 45.70 -40.93
C LEU C 587 -65.10 46.35 -40.30
N GLU C 588 -64.96 47.15 -39.23
CA GLU C 588 -66.15 47.80 -38.61
C GLU C 588 -66.77 48.80 -39.58
N ILE C 589 -65.96 49.39 -40.46
CA ILE C 589 -66.45 50.38 -41.47
C ILE C 589 -67.29 49.63 -42.50
N ALA C 590 -66.80 48.51 -42.98
CA ALA C 590 -67.52 47.58 -43.86
C ALA C 590 -68.84 47.14 -43.20
N ALA C 591 -68.83 46.80 -41.90
CA ALA C 591 -70.01 46.30 -41.16
C ALA C 591 -71.05 47.43 -41.10
N LYS C 592 -70.62 48.66 -40.81
CA LYS C 592 -71.52 49.82 -40.64
C LYS C 592 -72.12 50.18 -41.99
N ALA C 593 -71.33 50.14 -43.07
CA ALA C 593 -71.81 50.42 -44.44
C ALA C 593 -72.88 49.37 -44.79
N ALA C 594 -72.60 48.11 -44.49
CA ALA C 594 -73.54 47.00 -44.79
C ALA C 594 -74.87 47.22 -44.05
N ASP C 595 -74.84 47.62 -42.78
CA ASP C 595 -76.05 47.93 -41.96
C ASP C 595 -76.87 48.99 -42.68
N GLU C 596 -76.24 50.07 -43.16
CA GLU C 596 -76.96 51.19 -43.83
C GLU C 596 -77.55 50.69 -45.15
N LEU C 597 -76.80 49.91 -45.92
CA LEU C 597 -77.28 49.42 -47.25
C LEU C 597 -78.41 48.41 -47.05
N ARG C 598 -78.34 47.57 -46.04
CA ARG C 598 -79.39 46.55 -45.79
C ARG C 598 -80.72 47.25 -45.44
N LYS C 599 -80.66 48.40 -44.75
CA LYS C 599 -81.87 49.17 -44.35
C LYS C 599 -82.54 49.77 -45.58
N GLU C 600 -81.82 49.94 -46.68
CA GLU C 600 -82.37 50.41 -47.98
C GLU C 600 -82.91 49.24 -48.80
N GLY C 601 -82.83 48.00 -48.29
CA GLY C 601 -83.34 46.80 -48.95
C GLY C 601 -82.30 46.02 -49.75
N LYS C 602 -81.02 46.38 -49.68
CA LYS C 602 -79.95 45.62 -50.40
C LYS C 602 -79.59 44.38 -49.59
N THR C 603 -79.17 43.30 -50.26
CA THR C 603 -78.58 42.13 -49.57
C THR C 603 -77.05 42.30 -49.64
N VAL C 604 -76.41 42.21 -48.49
CA VAL C 604 -74.95 42.51 -48.36
C VAL C 604 -74.33 41.39 -47.53
N ARG C 605 -73.19 40.90 -48.00
CA ARG C 605 -72.32 39.97 -47.27
C ARG C 605 -71.07 40.72 -46.89
N VAL C 606 -70.66 40.65 -45.63
CA VAL C 606 -69.40 41.27 -45.13
C VAL C 606 -68.42 40.13 -44.88
N VAL C 607 -67.24 40.25 -45.49
CA VAL C 607 -66.17 39.24 -45.45
C VAL C 607 -64.94 39.81 -44.77
N SER C 608 -64.43 39.08 -43.78
CA SER C 608 -63.14 39.38 -43.13
C SER C 608 -62.04 38.70 -43.94
N PHE C 609 -61.00 39.45 -44.28
CA PHE C 609 -59.80 38.92 -44.98
C PHE C 609 -58.57 39.00 -44.05
N VAL C 610 -58.77 38.61 -42.81
CA VAL C 610 -57.74 38.59 -41.74
C VAL C 610 -56.43 37.94 -42.26
N SER C 611 -56.47 36.94 -43.15
CA SER C 611 -55.25 36.46 -43.87
C SER C 611 -55.56 36.05 -45.31
N TRP C 612 -54.95 36.78 -46.26
CA TRP C 612 -54.98 36.37 -47.69
C TRP C 612 -54.38 34.97 -47.82
N GLU C 613 -53.27 34.71 -47.14
CA GLU C 613 -52.50 33.44 -47.31
C GLU C 613 -53.40 32.25 -46.95
N LEU C 614 -54.04 32.29 -45.81
CA LEU C 614 -54.89 31.17 -45.38
C LEU C 614 -56.11 31.08 -46.31
N PHE C 615 -56.68 32.20 -46.77
CA PHE C 615 -57.84 32.11 -47.70
C PHE C 615 -57.43 31.34 -48.95
N ASP C 616 -56.27 31.69 -49.48
CA ASP C 616 -55.78 31.13 -50.77
C ASP C 616 -55.58 29.62 -50.63
N GLU C 617 -55.28 29.14 -49.44
CA GLU C 617 -55.05 27.69 -49.17
C GLU C 617 -56.36 26.87 -49.20
N GLN C 618 -57.53 27.52 -49.12
CA GLN C 618 -58.84 26.82 -48.97
C GLN C 618 -59.24 26.16 -50.29
N SER C 619 -60.25 25.27 -50.22
CA SER C 619 -60.80 24.56 -51.39
C SER C 619 -61.51 25.54 -52.33
N ASP C 620 -61.61 25.20 -53.61
CA ASP C 620 -62.47 25.89 -54.59
C ASP C 620 -63.90 26.04 -54.04
N GLU C 621 -64.45 24.99 -53.44
CA GLU C 621 -65.84 25.00 -52.91
C GLU C 621 -65.96 26.04 -51.79
N TYR C 622 -64.99 26.07 -50.87
CA TYR C 622 -65.03 27.08 -49.77
C TYR C 622 -64.98 28.50 -50.36
N LYS C 623 -64.07 28.75 -51.30
CA LYS C 623 -63.88 30.08 -51.93
C LYS C 623 -65.19 30.51 -52.58
N GLU C 624 -65.83 29.60 -53.33
CA GLU C 624 -67.11 29.88 -54.00
C GLU C 624 -68.18 30.22 -52.95
N SER C 625 -68.14 29.59 -51.76
CA SER C 625 -69.16 29.83 -50.70
C SER C 625 -69.05 31.28 -50.15
N VAL C 626 -67.86 31.92 -50.26
CA VAL C 626 -67.57 33.25 -49.65
C VAL C 626 -67.63 34.33 -50.75
N LEU C 627 -66.96 34.10 -51.87
CA LEU C 627 -66.89 35.00 -53.04
C LEU C 627 -67.47 34.29 -54.25
N PRO C 628 -68.81 34.16 -54.35
CA PRO C 628 -69.45 33.52 -55.51
C PRO C 628 -69.08 34.21 -56.82
N ALA C 629 -68.70 33.41 -57.82
CA ALA C 629 -68.23 33.88 -59.15
C ALA C 629 -69.29 34.80 -59.76
N ALA C 630 -70.58 34.52 -59.52
CA ALA C 630 -71.70 35.26 -60.15
C ALA C 630 -71.77 36.68 -59.57
N VAL C 631 -71.18 36.94 -58.41
CA VAL C 631 -71.31 38.29 -57.78
C VAL C 631 -70.08 39.10 -58.19
N THR C 632 -70.31 40.16 -58.96
CA THR C 632 -69.26 41.05 -59.47
C THR C 632 -69.23 42.35 -58.64
N ALA C 633 -70.31 42.67 -57.93
CA ALA C 633 -70.41 43.88 -57.07
C ALA C 633 -69.63 43.60 -55.77
N ARG C 634 -68.35 43.97 -55.76
CA ARG C 634 -67.40 43.69 -54.65
C ARG C 634 -66.60 44.94 -54.33
N ILE C 635 -66.46 45.19 -53.04
CA ILE C 635 -65.73 46.36 -52.49
C ILE C 635 -64.76 45.81 -51.44
N SER C 636 -63.51 46.28 -51.44
CA SER C 636 -62.57 46.00 -50.34
C SER C 636 -62.26 47.34 -49.65
N ILE C 637 -62.03 47.30 -48.36
CA ILE C 637 -61.60 48.50 -47.59
C ILE C 637 -60.49 48.11 -46.62
N GLU C 638 -59.38 48.83 -46.69
CA GLU C 638 -58.19 48.55 -45.87
C GLU C 638 -57.32 49.80 -45.91
N ALA C 639 -56.88 50.28 -44.75
CA ALA C 639 -56.03 51.51 -44.65
C ALA C 639 -54.58 51.17 -45.01
N GLY C 640 -54.32 50.99 -46.30
CA GLY C 640 -53.03 50.64 -46.87
C GLY C 640 -53.16 50.46 -48.38
N SER C 641 -52.04 50.15 -49.04
CA SER C 641 -51.96 49.97 -50.51
C SER C 641 -53.18 49.17 -51.00
N THR C 642 -53.72 49.56 -52.15
CA THR C 642 -54.81 48.80 -52.82
C THR C 642 -54.22 47.68 -53.68
N LEU C 643 -52.89 47.60 -53.82
CA LEU C 643 -52.23 46.61 -54.70
C LEU C 643 -52.63 45.19 -54.29
N GLY C 644 -53.09 44.41 -55.28
CA GLY C 644 -53.40 42.98 -55.14
C GLY C 644 -54.84 42.71 -54.71
N TRP C 645 -55.61 43.75 -54.27
CA TRP C 645 -57.00 43.54 -53.86
C TRP C 645 -57.88 43.10 -55.03
N GLN C 646 -57.48 43.47 -56.26
CA GLN C 646 -58.23 43.13 -57.49
C GLN C 646 -58.40 41.60 -57.57
N LYS C 647 -57.48 40.82 -57.02
CA LYS C 647 -57.62 39.35 -57.01
C LYS C 647 -58.95 38.95 -56.35
N TYR C 648 -59.40 39.69 -55.35
CA TYR C 648 -60.62 39.34 -54.59
C TYR C 648 -61.81 40.22 -55.02
N VAL C 649 -61.58 41.48 -55.41
CA VAL C 649 -62.73 42.37 -55.77
C VAL C 649 -63.03 42.26 -57.28
N GLY C 650 -62.09 41.80 -58.10
CA GLY C 650 -62.28 41.69 -59.56
C GLY C 650 -62.17 43.01 -60.30
N ALA C 651 -62.04 42.95 -61.63
CA ALA C 651 -61.87 44.13 -62.51
C ALA C 651 -63.07 45.08 -62.33
N GLN C 652 -64.26 44.55 -62.10
CA GLN C 652 -65.48 45.38 -61.93
C GLN C 652 -65.67 45.82 -60.46
N GLY C 653 -64.87 45.33 -59.53
CA GLY C 653 -65.03 45.73 -58.12
C GLY C 653 -64.23 46.99 -57.81
N LYS C 654 -64.22 47.39 -56.55
CA LYS C 654 -63.61 48.67 -56.14
C LYS C 654 -62.77 48.40 -54.90
N ALA C 655 -61.51 48.80 -54.92
CA ALA C 655 -60.61 48.69 -53.75
C ALA C 655 -60.50 50.09 -53.14
N ILE C 656 -60.95 50.23 -51.90
CA ILE C 656 -60.82 51.50 -51.12
C ILE C 656 -59.58 51.36 -50.24
N GLY C 657 -58.59 52.23 -50.44
CA GLY C 657 -57.36 52.15 -49.69
C GLY C 657 -56.56 53.42 -49.82
N ILE C 658 -55.26 53.29 -49.60
CA ILE C 658 -54.31 54.43 -49.49
C ILE C 658 -53.09 54.06 -50.32
N ASP C 659 -52.83 54.82 -51.38
CA ASP C 659 -51.69 54.57 -52.29
C ASP C 659 -50.79 55.79 -52.26
N LYS C 660 -50.70 56.46 -51.12
CA LYS C 660 -49.81 57.62 -50.90
C LYS C 660 -49.38 57.57 -49.43
N PHE C 661 -48.49 58.46 -49.01
CA PHE C 661 -48.07 58.50 -47.60
C PHE C 661 -49.19 59.11 -46.75
N GLY C 662 -49.05 58.99 -45.44
CA GLY C 662 -50.05 59.44 -44.47
C GLY C 662 -49.89 60.91 -44.11
N ALA C 663 -50.26 61.30 -42.90
CA ALA C 663 -50.40 62.71 -42.49
C ALA C 663 -50.27 62.77 -40.98
N SER C 664 -49.87 63.94 -40.47
CA SER C 664 -49.73 64.19 -39.01
C SER C 664 -50.98 64.93 -38.56
N ALA C 665 -51.94 64.18 -38.00
CA ALA C 665 -53.24 64.69 -37.57
C ALA C 665 -53.92 63.66 -36.67
N PRO C 666 -54.96 64.08 -35.92
CA PRO C 666 -55.84 63.15 -35.26
C PRO C 666 -56.31 62.12 -36.29
N ALA C 667 -56.32 60.83 -35.89
CA ALA C 667 -56.61 59.70 -36.81
C ALA C 667 -57.98 59.88 -37.48
N GLY C 668 -59.00 60.31 -36.73
CA GLY C 668 -60.36 60.55 -37.28
C GLY C 668 -60.33 61.48 -38.48
N THR C 669 -59.54 62.56 -38.40
CA THR C 669 -59.38 63.52 -39.52
C THR C 669 -58.71 62.82 -40.72
N ILE C 670 -57.70 62.00 -40.48
CA ILE C 670 -57.00 61.32 -41.59
C ILE C 670 -57.96 60.38 -42.31
N TYR C 671 -58.72 59.58 -41.57
CA TYR C 671 -59.72 58.64 -42.15
C TYR C 671 -60.68 59.41 -43.06
N LYS C 672 -61.20 60.54 -42.57
CA LYS C 672 -62.16 61.35 -43.34
C LYS C 672 -61.47 61.90 -44.61
N GLU C 673 -60.30 62.51 -44.47
CA GLU C 673 -59.63 63.17 -45.63
C GLU C 673 -59.20 62.13 -46.66
N TYR C 674 -58.84 60.92 -46.23
CA TYR C 674 -58.35 59.87 -47.15
C TYR C 674 -59.51 59.03 -47.67
N GLY C 675 -60.74 59.33 -47.25
CA GLY C 675 -61.94 58.63 -47.79
C GLY C 675 -62.04 57.18 -47.30
N ILE C 676 -61.48 56.86 -46.13
CA ILE C 676 -61.60 55.50 -45.53
C ILE C 676 -62.86 55.53 -44.65
N THR C 677 -64.03 55.49 -45.30
CA THR C 677 -65.31 55.91 -44.66
C THR C 677 -66.47 55.01 -45.10
N VAL C 678 -67.54 54.96 -44.30
CA VAL C 678 -68.77 54.29 -44.80
C VAL C 678 -69.29 55.06 -46.02
N GLU C 679 -69.15 56.39 -46.10
CA GLU C 679 -69.65 57.13 -47.31
C GLU C 679 -68.93 56.61 -48.56
N SER C 680 -67.63 56.29 -48.50
CA SER C 680 -66.86 55.79 -49.66
C SER C 680 -67.44 54.44 -50.09
N ILE C 681 -67.77 53.58 -49.14
CA ILE C 681 -68.37 52.26 -49.50
C ILE C 681 -69.73 52.48 -50.19
N ILE C 682 -70.57 53.31 -49.58
CA ILE C 682 -71.92 53.59 -50.15
C ILE C 682 -71.78 54.17 -51.56
N ALA C 683 -70.88 55.13 -51.79
CA ALA C 683 -70.63 55.73 -53.12
C ALA C 683 -70.19 54.64 -54.11
N ALA C 684 -69.24 53.77 -53.72
CA ALA C 684 -68.78 52.67 -54.59
C ALA C 684 -69.95 51.73 -54.90
N ALA C 685 -70.82 51.43 -53.95
CA ALA C 685 -71.97 50.52 -54.14
C ALA C 685 -72.92 51.12 -55.19
N LYS C 686 -73.13 52.44 -55.17
CA LYS C 686 -74.02 53.18 -56.10
C LYS C 686 -73.50 53.07 -57.53
N SER C 687 -72.18 52.98 -57.69
CA SER C 687 -71.44 53.11 -58.98
C SER C 687 -71.50 51.81 -59.78
N PHE C 688 -71.97 50.69 -59.22
CA PHE C 688 -71.99 49.39 -59.93
C PHE C 688 -73.15 49.36 -60.94
MG MG D . 18.44 -6.78 39.19
N1' TPP E . 13.86 -12.20 28.48
C2' TPP E . 14.33 -11.19 27.72
CM2 TPP E . 15.32 -11.54 26.68
N3' TPP E . 14.00 -9.90 27.86
C4' TPP E . 13.07 -9.60 28.81
N4' TPP E . 12.66 -8.33 28.88
C5' TPP E . 12.52 -10.60 29.65
C6' TPP E . 12.96 -11.89 29.42
C7' TPP E . 11.52 -10.29 30.74
N3 TPP E . 12.16 -9.52 31.81
C2 TPP E . 12.01 -8.20 31.87
S1 TPP E . 13.03 -7.50 33.07
C5 TPP E . 13.58 -9.09 33.52
C4 TPP E . 12.99 -10.06 32.80
CM4 TPP E . 13.20 -11.54 32.94
C6 TPP E . 14.67 -9.29 34.54
C7 TPP E . 14.76 -8.16 35.48
O7 TPP E . 15.93 -8.34 36.27
PA TPP E . 17.05 -7.22 36.19
O1A TPP E . 17.98 -7.68 37.21
O2A TPP E . 17.64 -7.21 34.79
O3A TPP E . 16.29 -5.87 36.52
PB TPP E . 15.76 -5.22 37.91
O1B TPP E . 16.84 -5.28 38.93
O2B TPP E . 15.36 -3.84 37.56
O3B TPP E . 14.54 -5.99 38.37
MG MG F . 39.17 -25.36 18.09
N1' TPP G . 27.51 -21.49 14.25
C2' TPP G . 26.92 -22.51 14.92
CM2 TPP G . 25.92 -22.15 15.96
N3' TPP G . 27.13 -23.80 14.67
C4' TPP G . 28.00 -24.09 13.68
N4' TPP G . 28.18 -25.38 13.43
C5' TPP G . 28.69 -23.10 12.95
C6' TPP G . 28.40 -21.80 13.31
C7' TPP G . 29.73 -23.39 11.88
N3 TPP G . 30.93 -24.01 12.45
C2 TPP G . 31.18 -25.31 12.39
S1 TPP G . 32.47 -25.77 13.43
C5 TPP G . 32.85 -24.10 13.69
C4 TPP G . 31.94 -23.29 13.11
CM4 TPP G . 31.97 -21.80 13.07
C6 TPP G . 34.00 -23.69 14.56
C7 TPP G . 35.10 -24.68 14.65
O7 TPP G . 35.87 -24.32 15.83
PA TPP G . 36.06 -25.35 17.03
O1A TPP G . 37.22 -24.82 17.77
O2A TPP G . 34.71 -25.48 17.67
O3A TPP G . 36.41 -26.71 16.28
PB TPP G . 37.82 -27.25 15.76
O1B TPP G . 37.61 -28.73 15.65
O2B TPP G . 38.85 -26.82 16.78
O3B TPP G . 38.01 -26.55 14.40
C1 UP0 H . -17.61 37.95 -55.27
C2 UP0 H . -18.69 38.85 -55.96
C4 UP0 H . -20.02 36.83 -56.87
O8 UP0 H . -21.19 35.56 -55.12
C9 UP0 H . -21.02 34.55 -57.24
C11 UP0 H . -19.92 33.59 -56.91
C15 UP0 H . -18.68 33.78 -59.18
C16 UP0 H . -18.56 33.42 -60.46
C17 UP0 H . -19.04 32.12 -61.10
C19 UP0 H . -19.08 36.32 -59.20
C21 UP0 H . -20.73 38.11 -59.01
C24 UP0 H . -19.03 36.67 -60.65
C3 UP0 H . -20.09 38.18 -56.07
C6 UP0 H . -21.19 35.87 -56.52
O10 UP0 H . -21.81 34.23 -58.08
C12 UP0 H . -19.28 32.87 -58.09
O14 UP0 H . -18.28 32.13 -57.40
C18 UP0 H . -18.14 35.18 -58.77
C20 UP0 H . -19.88 37.07 -58.39
O22 UP0 H . -21.86 37.79 -59.24
O23 UP0 H . -20.28 39.30 -59.32
O25 UP0 H . -20.01 36.88 -61.32
O26 UP0 H . -17.78 36.78 -61.19
MG MG I . -12.66 39.46 -44.56
C4' 8EL J . -24.14 39.74 -48.25
C5' 8EL J . -23.54 40.68 -49.13
C6' 8EL J . -23.83 42.01 -48.86
N1' 8EL J . -24.67 42.40 -47.88
N3' 8EL J . -24.99 40.12 -47.26
C2' 8EL J . -25.23 41.45 -47.12
CM4 8EL J . -20.31 42.18 -49.37
CM2 8EL J . -26.17 41.87 -46.04
C7 8EL J . -17.08 39.59 -47.71
C6 8EL J . -18.17 40.55 -47.82
C2 8EL J . -20.94 38.58 -49.73
C7' 8EL J . -22.58 40.30 -50.26
C4 8EL J . -20.29 40.69 -49.23
C5 8EL J . -19.34 40.00 -48.59
N4' 8EL J . -23.96 38.41 -48.42
N3 8EL J . -21.28 39.86 -49.76
O1B 8EL J . -12.92 37.86 -45.73
O1A 8EL J . -17.09 39.08 -44.60
O2B 8EL J . -14.12 35.80 -46.62
O3B 8EL J . -13.99 37.80 -48.02
O2A 8EL J . -14.64 39.88 -44.80
O7 8EL J . -16.16 40.10 -46.72
O3A 8EL J . -15.44 37.82 -45.97
PB 8EL J . -14.06 37.29 -46.61
PA 8EL J . -15.85 39.26 -45.41
S1 8EL J . -19.64 38.30 -48.66
#